data_4C1I
#
_entry.id   4C1I
#
_cell.length_a   47.050
_cell.length_b   81.810
_cell.length_c   93.340
_cell.angle_alpha   110.16
_cell.angle_beta   95.66
_cell.angle_gamma   93.21
#
_symmetry.space_group_name_H-M   'P 1'
#
loop_
_entity.id
_entity.type
_entity.pdbx_description
1 polymer "CGMP-DEPENDENT 3', 5'-CYCLIC PHOSPHODIESTERASE"
2 non-polymer (2S,3R)-3-(6-amino-9H-purin-9-yl)nonan-2-ol
3 non-polymer 'ZINC ION'
4 non-polymer 'MAGNESIUM ION'
5 water water
#
_entity_poly.entity_id   1
_entity_poly.type   'polypeptide(L)'
_entity_poly.pdbx_seq_one_letter_code
;MGSDDEYTKLLHDGIQPVAAIDSNFASFTYTPRSLPEDDTSMAILSMLQDMNFINNYKIDCPTLARFCLMVKKGYRDPPY
HNWMHAFSVSHFCYLLYKNLELTNYLEDIEIFALFISCMCHDLDHRGTNNSFQVASKSVLAALYSSEGSVMERHHFAQAI
AILNTHGCNIFDHFSRKDYQRMLDLMRDIILATDLAHHLRIFKDLQKMAEVGYDRNNKQHHRLLLCLLMTSCDLSDQTKG
WKTTRKIAELIYKEFFSQGDLEKAMGNRPMEMMDREKAYIPELQISFMEHIAMPIYKLLQDLFPKAAELYERVASNREHW
TKVSHKFTIRGLPSNNSLDFLDEEYERHHHHHH
;
_entity_poly.pdbx_strand_id   A,B,C,D
#
loop_
_chem_comp.id
_chem_comp.type
_chem_comp.name
_chem_comp.formula
EH9 non-polymer (2S,3R)-3-(6-amino-9H-purin-9-yl)nonan-2-ol 'C14 H23 N5 O'
MG non-polymer 'MAGNESIUM ION' 'Mg 2'
ZN non-polymer 'ZINC ION' 'Zn 2'
#
# COMPACT_ATOMS: atom_id res chain seq x y z
N GLU A 6 -23.70 39.15 0.64
CA GLU A 6 -22.95 38.69 1.84
C GLU A 6 -22.71 37.18 1.81
N TYR A 7 -23.81 36.42 1.81
CA TYR A 7 -23.74 34.94 1.80
C TYR A 7 -23.67 34.37 0.38
N THR A 8 -24.27 35.06 -0.58
CA THR A 8 -24.18 34.67 -2.00
C THR A 8 -22.75 34.85 -2.51
N LYS A 9 -22.05 35.86 -1.99
CA LYS A 9 -20.64 36.07 -2.27
C LYS A 9 -19.79 34.91 -1.73
N LEU A 10 -20.22 34.36 -0.59
CA LEU A 10 -19.53 33.22 0.03
C LEU A 10 -19.62 31.97 -0.83
N LEU A 11 -20.83 31.63 -1.27
CA LEU A 11 -21.08 30.42 -2.08
C LEU A 11 -21.09 30.68 -3.60
N HIS A 12 -20.49 31.79 -4.03
CA HIS A 12 -20.39 32.13 -5.45
C HIS A 12 -19.21 31.46 -6.16
N ASP A 13 -18.42 30.67 -5.41
CA ASP A 13 -17.28 29.96 -5.99
C ASP A 13 -17.13 28.53 -5.43
N GLY A 14 -18.14 28.03 -4.71
CA GLY A 14 -18.07 26.71 -4.09
C GLY A 14 -17.26 26.68 -2.80
N ILE A 15 -17.19 25.50 -2.18
CA ILE A 15 -16.47 25.31 -0.91
C ILE A 15 -15.00 24.94 -1.15
N GLN A 16 -14.12 25.88 -0.87
CA GLN A 16 -12.68 25.71 -1.06
C GLN A 16 -12.14 24.53 -0.24
N PRO A 17 -11.27 23.70 -0.85
CA PRO A 17 -10.63 22.61 -0.12
C PRO A 17 -9.51 23.12 0.80
N VAL A 18 -9.28 22.38 1.88
CA VAL A 18 -8.43 22.87 2.99
C VAL A 18 -7.00 23.25 2.55
N ALA A 19 -6.43 22.47 1.63
CA ALA A 19 -5.06 22.68 1.18
C ALA A 19 -4.86 24.00 0.41
N ALA A 20 -5.94 24.53 -0.17
CA ALA A 20 -5.92 25.82 -0.88
C ALA A 20 -5.93 27.05 0.03
N ILE A 21 -6.39 26.90 1.27
CA ILE A 21 -6.29 27.97 2.27
C ILE A 21 -4.82 28.07 2.67
N ASP A 22 -4.27 26.95 3.12
CA ASP A 22 -2.85 26.82 3.42
C ASP A 22 -2.47 25.36 3.31
N SER A 23 -1.24 25.08 2.90
CA SER A 23 -0.76 23.70 2.75
C SER A 23 -0.64 23.00 4.11
N ASN A 24 -0.32 23.77 5.14
CA ASN A 24 -0.15 23.21 6.48
C ASN A 24 -1.40 23.41 7.35
N PHE A 25 -2.54 23.70 6.71
CA PHE A 25 -3.79 23.99 7.42
C PHE A 25 -4.26 22.91 8.39
N ALA A 26 -3.96 21.65 8.08
CA ALA A 26 -4.44 20.52 8.87
C ALA A 26 -3.43 20.05 9.93
N SER A 27 -2.39 20.84 10.12
CA SER A 27 -1.33 20.52 11.07
C SER A 27 -1.46 21.32 12.37
N PHE A 28 -0.88 20.79 13.43
CA PHE A 28 -0.87 21.47 14.72
C PHE A 28 -0.03 22.74 14.75
N THR A 29 1.00 22.81 13.90
CA THR A 29 1.88 23.99 13.83
C THR A 29 1.19 25.22 13.22
N TYR A 30 0.14 24.98 12.43
CA TYR A 30 -0.60 26.07 11.80
C TYR A 30 -1.30 26.94 12.83
N THR A 31 -1.06 28.25 12.75
CA THR A 31 -1.71 29.23 13.62
C THR A 31 -2.91 29.86 12.89
N PRO A 32 -4.15 29.42 13.21
CA PRO A 32 -5.34 29.89 12.49
C PRO A 32 -5.53 31.41 12.51
N ARG A 33 -4.92 32.07 13.49
CA ARG A 33 -4.96 33.54 13.57
C ARG A 33 -4.16 34.22 12.46
N SER A 34 -3.35 33.45 11.72
CA SER A 34 -2.66 33.95 10.53
C SER A 34 -3.63 34.18 9.36
N LEU A 35 -4.69 33.39 9.31
CA LEU A 35 -5.70 33.55 8.26
C LEU A 35 -6.47 34.86 8.45
N PRO A 36 -6.57 35.68 7.39
CA PRO A 36 -7.36 36.92 7.49
C PRO A 36 -8.81 36.69 7.92
N GLU A 37 -9.34 37.61 8.72
CA GLU A 37 -10.70 37.50 9.27
C GLU A 37 -11.75 37.37 8.17
N ASP A 38 -11.48 38.00 7.02
CA ASP A 38 -12.38 37.91 5.86
C ASP A 38 -12.49 36.52 5.24
N ASP A 39 -11.48 35.67 5.47
CA ASP A 39 -11.46 34.33 4.90
C ASP A 39 -11.88 33.23 5.90
N THR A 40 -12.36 33.62 7.07
CA THR A 40 -12.62 32.66 8.15
C THR A 40 -13.95 31.92 7.99
N SER A 41 -15.00 32.62 7.59
CA SER A 41 -16.28 31.95 7.31
C SER A 41 -16.12 30.89 6.21
N MET A 42 -15.33 31.22 5.18
CA MET A 42 -14.98 30.24 4.14
C MET A 42 -14.27 29.04 4.77
N ALA A 43 -13.27 29.31 5.60
CA ALA A 43 -12.52 28.25 6.28
C ALA A 43 -13.39 27.32 7.13
N ILE A 44 -14.45 27.84 7.73
CA ILE A 44 -15.41 27.02 8.47
C ILE A 44 -16.13 26.05 7.52
N LEU A 45 -16.62 26.57 6.40
CA LEU A 45 -17.30 25.72 5.40
C LEU A 45 -16.39 24.62 4.88
N SER A 46 -15.11 24.96 4.68
CA SER A 46 -14.11 24.01 4.22
C SER A 46 -13.90 22.87 5.20
N MET A 47 -13.80 23.22 6.47
CA MET A 47 -13.59 22.26 7.54
C MET A 47 -14.82 21.35 7.70
N LEU A 48 -16.01 21.94 7.63
CA LEU A 48 -17.23 21.15 7.73
C LEU A 48 -17.38 20.16 6.57
N GLN A 49 -16.97 20.57 5.38
CA GLN A 49 -17.03 19.69 4.21
C GLN A 49 -15.91 18.67 4.25
N ASP A 50 -14.75 19.04 4.80
CA ASP A 50 -13.61 18.11 4.93
C ASP A 50 -13.90 17.00 5.94
N MET A 51 -14.61 17.35 7.01
CA MET A 51 -15.05 16.37 8.00
C MET A 51 -16.30 15.61 7.51
N ASN A 52 -16.84 16.03 6.36
CA ASN A 52 -18.04 15.43 5.74
C ASN A 52 -19.31 15.62 6.57
N PHE A 53 -19.41 16.72 7.31
CA PHE A 53 -20.61 16.97 8.13
C PHE A 53 -21.77 17.55 7.33
N ILE A 54 -21.49 18.12 6.16
CA ILE A 54 -22.52 18.73 5.36
C ILE A 54 -23.36 17.61 4.74
N ASN A 55 -22.69 16.63 4.13
CA ASN A 55 -23.39 15.47 3.56
C ASN A 55 -24.09 14.66 4.65
N ASN A 56 -23.34 14.27 5.68
CA ASN A 56 -23.85 13.42 6.76
C ASN A 56 -25.18 13.85 7.34
N TYR A 57 -25.34 15.16 7.54
CA TYR A 57 -26.53 15.70 8.15
C TYR A 57 -27.35 16.51 7.14
N LYS A 58 -27.00 16.36 5.86
CA LYS A 58 -27.72 16.99 4.76
C LYS A 58 -28.02 18.44 5.11
N ILE A 59 -26.98 19.18 5.47
CA ILE A 59 -27.11 20.59 5.79
C ILE A 59 -27.22 21.36 4.49
N ASP A 60 -28.32 22.08 4.31
CA ASP A 60 -28.48 22.96 3.17
C ASP A 60 -27.37 24.02 3.19
N CYS A 61 -26.66 24.16 2.07
CA CYS A 61 -25.47 25.01 2.02
C CYS A 61 -25.76 26.51 2.22
N PRO A 62 -26.75 27.07 1.48
CA PRO A 62 -27.16 28.45 1.76
C PRO A 62 -27.48 28.71 3.23
N THR A 63 -28.19 27.78 3.87
CA THR A 63 -28.54 27.90 5.29
C THR A 63 -27.29 27.85 6.18
N LEU A 64 -26.34 26.99 5.81
CA LEU A 64 -25.10 26.86 6.56
C LEU A 64 -24.28 28.16 6.46
N ALA A 65 -24.27 28.75 5.27
CA ALA A 65 -23.55 30.00 5.03
C ALA A 65 -24.08 31.15 5.87
N ARG A 66 -25.41 31.31 5.90
CA ARG A 66 -26.06 32.34 6.72
C ARG A 66 -25.81 32.11 8.21
N PHE A 67 -25.96 30.87 8.66
CA PHE A 67 -25.69 30.50 10.06
C PHE A 67 -24.26 30.91 10.44
N CYS A 68 -23.30 30.53 9.60
CA CYS A 68 -21.90 30.88 9.83
C CYS A 68 -21.67 32.38 9.97
N LEU A 69 -22.18 33.15 9.01
CA LEU A 69 -22.04 34.61 9.05
C LEU A 69 -22.76 35.21 10.28
N MET A 70 -23.86 34.58 10.68
CA MET A 70 -24.59 35.01 11.87
C MET A 70 -23.82 34.75 13.16
N VAL A 71 -23.21 33.57 13.24
CA VAL A 71 -22.38 33.22 14.39
C VAL A 71 -21.23 34.22 14.50
N LYS A 72 -20.64 34.57 13.36
CA LYS A 72 -19.52 35.52 13.28
C LYS A 72 -19.88 36.90 13.85
N LYS A 73 -20.89 37.56 13.29
CA LYS A 73 -21.28 38.90 13.75
C LYS A 73 -21.90 38.89 15.16
N GLY A 74 -22.27 37.71 15.65
CA GLY A 74 -22.76 37.53 17.02
C GLY A 74 -21.68 37.60 18.10
N TYR A 75 -20.43 37.81 17.70
CA TYR A 75 -19.37 38.14 18.64
C TYR A 75 -19.14 39.64 18.66
N ARG A 76 -18.76 40.14 19.83
CA ARG A 76 -18.37 41.53 19.99
C ARG A 76 -16.87 41.62 19.76
N ASP A 77 -16.27 42.76 20.09
CA ASP A 77 -14.85 43.00 19.83
C ASP A 77 -14.04 43.36 21.09
N PRO A 78 -14.14 42.52 22.14
CA PRO A 78 -13.13 42.72 23.17
C PRO A 78 -11.78 42.14 22.69
N PRO A 79 -10.70 42.39 23.43
CA PRO A 79 -9.34 41.94 23.04
C PRO A 79 -9.19 40.45 22.73
N TYR A 80 -9.85 39.59 23.49
CA TYR A 80 -9.65 38.15 23.38
C TYR A 80 -10.93 37.41 22.95
N HIS A 81 -12.04 37.65 23.63
CA HIS A 81 -13.26 36.90 23.34
C HIS A 81 -14.03 37.42 22.12
N ASN A 82 -13.35 37.49 20.98
CA ASN A 82 -13.96 37.95 19.74
C ASN A 82 -14.15 36.76 18.79
N TRP A 83 -14.62 37.02 17.56
CA TRP A 83 -14.83 35.92 16.61
C TRP A 83 -13.56 35.11 16.32
N MET A 84 -12.40 35.78 16.24
CA MET A 84 -11.14 35.10 15.93
C MET A 84 -10.75 34.03 16.96
N HIS A 85 -11.11 34.25 18.23
CA HIS A 85 -10.91 33.22 19.26
C HIS A 85 -11.82 32.01 18.97
N ALA A 86 -13.10 32.28 18.77
CA ALA A 86 -14.05 31.22 18.44
C ALA A 86 -13.59 30.45 17.21
N PHE A 87 -13.15 31.17 16.18
CA PHE A 87 -12.63 30.57 14.96
C PHE A 87 -11.42 29.66 15.23
N SER A 88 -10.47 30.13 16.04
CA SER A 88 -9.26 29.36 16.32
C SER A 88 -9.55 28.12 17.17
N VAL A 89 -10.51 28.23 18.08
CA VAL A 89 -10.99 27.09 18.86
C VAL A 89 -11.65 26.06 17.93
N SER A 90 -12.39 26.55 16.94
CA SER A 90 -13.08 25.68 15.99
C SER A 90 -12.07 24.97 15.08
N HIS A 91 -11.10 25.73 14.58
CA HIS A 91 -10.01 25.15 13.80
C HIS A 91 -9.31 24.04 14.58
N PHE A 92 -9.07 24.27 15.86
CA PHE A 92 -8.38 23.25 16.67
C PHE A 92 -9.21 21.99 16.81
N CYS A 93 -10.53 22.13 16.98
CA CYS A 93 -11.43 20.98 17.00
C CYS A 93 -11.27 20.17 15.72
N TYR A 94 -11.19 20.86 14.59
CA TYR A 94 -10.90 20.22 13.30
C TYR A 94 -9.55 19.50 13.31
N LEU A 95 -8.52 20.12 13.90
CA LEU A 95 -7.22 19.48 14.04
C LEU A 95 -7.29 18.21 14.86
N LEU A 96 -8.16 18.18 15.88
CA LEU A 96 -8.33 16.99 16.70
C LEU A 96 -8.96 15.86 15.86
N TYR A 97 -9.95 16.19 15.05
CA TYR A 97 -10.57 15.24 14.12
C TYR A 97 -9.52 14.62 13.19
N LYS A 98 -8.78 15.49 12.50
CA LYS A 98 -7.82 15.06 11.49
C LYS A 98 -6.62 14.27 12.03
N ASN A 99 -6.09 14.70 13.19
CA ASN A 99 -4.83 14.16 13.71
C ASN A 99 -4.98 13.10 14.80
N LEU A 100 -5.99 13.25 15.65
CA LEU A 100 -6.26 12.29 16.72
C LEU A 100 -7.33 11.29 16.32
N GLU A 101 -7.89 11.46 15.12
CA GLU A 101 -8.92 10.58 14.58
C GLU A 101 -10.02 10.25 15.59
N LEU A 102 -10.85 11.25 15.84
CA LEU A 102 -11.90 11.16 16.85
C LEU A 102 -13.02 10.18 16.44
N THR A 103 -13.10 9.87 15.15
CA THR A 103 -14.10 8.93 14.63
C THR A 103 -14.00 7.53 15.26
N ASN A 104 -12.81 7.17 15.76
CA ASN A 104 -12.62 5.90 16.46
C ASN A 104 -13.07 5.93 17.91
N TYR A 105 -13.37 7.11 18.44
CA TYR A 105 -13.67 7.29 19.86
C TYR A 105 -15.08 7.83 20.11
N LEU A 106 -15.54 8.74 19.25
CA LEU A 106 -16.83 9.39 19.45
C LEU A 106 -17.79 9.13 18.30
N GLU A 107 -19.09 9.22 18.57
CA GLU A 107 -20.09 9.17 17.51
C GLU A 107 -19.90 10.38 16.62
N ASP A 108 -20.36 10.27 15.38
CA ASP A 108 -20.23 11.38 14.43
C ASP A 108 -21.02 12.61 14.92
N ILE A 109 -22.24 12.37 15.39
CA ILE A 109 -23.10 13.46 15.86
C ILE A 109 -22.48 14.22 17.04
N GLU A 110 -21.67 13.53 17.84
CA GLU A 110 -20.98 14.15 18.98
C GLU A 110 -19.83 15.07 18.53
N ILE A 111 -19.07 14.63 17.54
CA ILE A 111 -17.97 15.43 16.99
C ILE A 111 -18.54 16.63 16.26
N PHE A 112 -19.67 16.43 15.61
CA PHE A 112 -20.38 17.53 14.96
C PHE A 112 -20.83 18.57 15.98
N ALA A 113 -21.45 18.13 17.06
CA ALA A 113 -21.88 19.02 18.13
C ALA A 113 -20.70 19.83 18.69
N LEU A 114 -19.60 19.13 18.98
CA LEU A 114 -18.38 19.78 19.47
C LEU A 114 -17.93 20.93 18.57
N PHE A 115 -17.88 20.70 17.27
CA PHE A 115 -17.44 21.72 16.33
C PHE A 115 -18.39 22.91 16.31
N ILE A 116 -19.69 22.63 16.26
CA ILE A 116 -20.70 23.69 16.28
C ILE A 116 -20.61 24.45 17.60
N SER A 117 -20.48 23.72 18.71
CA SER A 117 -20.31 24.33 20.01
C SER A 117 -19.12 25.28 20.02
N CYS A 118 -17.96 24.81 19.55
CA CYS A 118 -16.77 25.65 19.44
C CYS A 118 -17.07 27.00 18.76
N MET A 119 -17.76 26.96 17.63
CA MET A 119 -18.12 28.20 16.93
C MET A 119 -18.94 29.14 17.81
N CYS A 120 -19.85 28.56 18.59
CA CYS A 120 -20.82 29.32 19.40
C CYS A 120 -20.40 29.51 20.85
N HIS A 121 -19.33 28.86 21.28
CA HIS A 121 -19.06 28.64 22.71
C HIS A 121 -18.87 29.91 23.55
N ASP A 122 -18.58 31.04 22.91
CA ASP A 122 -18.44 32.35 23.59
C ASP A 122 -19.32 33.45 23.00
N LEU A 123 -20.36 33.09 22.26
CA LEU A 123 -21.24 34.07 21.59
C LEU A 123 -21.64 35.24 22.49
N ASP A 124 -21.42 36.46 21.99
CA ASP A 124 -21.79 37.71 22.66
C ASP A 124 -21.04 37.99 23.97
N HIS A 125 -19.79 37.53 24.07
CA HIS A 125 -18.91 37.80 25.23
C HIS A 125 -18.66 39.31 25.37
N ARG A 126 -18.64 39.84 26.59
CA ARG A 126 -18.45 41.30 26.80
C ARG A 126 -17.08 41.65 27.42
N GLY A 127 -16.14 40.73 27.32
CA GLY A 127 -14.82 40.89 27.92
C GLY A 127 -14.77 40.84 29.44
N THR A 128 -15.82 40.31 30.06
CA THR A 128 -15.87 40.12 31.51
C THR A 128 -16.32 38.70 31.85
N ASN A 129 -16.00 38.26 33.05
CA ASN A 129 -16.24 36.88 33.46
C ASN A 129 -17.50 36.74 34.31
N ASN A 130 -17.81 35.52 34.74
CA ASN A 130 -19.01 35.23 35.52
C ASN A 130 -19.11 35.99 36.84
N SER A 131 -17.99 36.16 37.54
CA SER A 131 -17.99 36.90 38.80
C SER A 131 -18.41 38.35 38.61
N PHE A 132 -17.96 38.98 37.54
CA PHE A 132 -18.32 40.36 37.25
C PHE A 132 -19.81 40.53 37.01
N GLN A 133 -20.42 39.57 36.31
CA GLN A 133 -21.87 39.61 36.02
C GLN A 133 -22.67 39.60 37.32
N VAL A 134 -22.38 38.64 38.19
CA VAL A 134 -22.96 38.57 39.52
C VAL A 134 -22.74 39.89 40.26
N ALA A 135 -21.50 40.36 40.24
CA ALA A 135 -21.09 41.55 41.00
C ALA A 135 -21.71 42.86 40.51
N SER A 136 -21.92 42.98 39.19
CA SER A 136 -22.52 44.21 38.62
C SER A 136 -24.05 44.12 38.44
N LYS A 137 -24.66 43.07 38.97
CA LYS A 137 -26.13 42.84 38.86
C LYS A 137 -26.63 43.01 37.42
N SER A 138 -25.97 42.31 36.49
CA SER A 138 -26.38 42.35 35.08
C SER A 138 -27.58 41.45 34.90
N VAL A 139 -28.34 41.68 33.83
CA VAL A 139 -29.50 40.85 33.53
C VAL A 139 -29.10 39.38 33.35
N LEU A 140 -27.91 39.14 32.81
CA LEU A 140 -27.40 37.79 32.64
C LEU A 140 -27.27 37.09 33.99
N ALA A 141 -26.73 37.80 34.97
CA ALA A 141 -26.67 37.29 36.33
C ALA A 141 -28.06 37.01 36.90
N ALA A 142 -29.02 37.91 36.63
CA ALA A 142 -30.40 37.71 37.07
C ALA A 142 -31.02 36.45 36.44
N LEU A 143 -30.76 36.22 35.16
CA LEU A 143 -31.29 35.04 34.47
C LEU A 143 -30.65 33.72 34.89
N TYR A 144 -29.34 33.73 35.14
CA TYR A 144 -28.59 32.47 35.27
C TYR A 144 -27.78 32.26 36.55
N SER A 145 -27.57 33.30 37.37
CA SER A 145 -26.60 33.23 38.47
C SER A 145 -26.81 32.06 39.44
N SER A 146 -28.05 31.71 39.71
CA SER A 146 -28.37 30.68 40.72
C SER A 146 -28.05 29.26 40.25
N GLU A 147 -28.08 29.03 38.95
CA GLU A 147 -27.72 27.71 38.40
C GLU A 147 -26.21 27.59 38.16
N GLY A 148 -25.53 28.72 38.04
CA GLY A 148 -24.08 28.77 37.79
C GLY A 148 -23.74 28.94 36.33
N SER A 149 -22.48 29.29 36.06
CA SER A 149 -21.94 29.41 34.70
C SER A 149 -22.75 30.40 33.88
N VAL A 150 -22.74 31.66 34.33
CA VAL A 150 -23.65 32.67 33.80
C VAL A 150 -23.43 32.90 32.32
N MET A 151 -22.19 33.22 31.95
CA MET A 151 -21.90 33.54 30.56
C MET A 151 -22.10 32.34 29.66
N GLU A 152 -21.82 31.15 30.18
CA GLU A 152 -21.94 29.94 29.39
C GLU A 152 -23.38 29.67 28.97
N ARG A 153 -24.33 29.85 29.89
CA ARG A 153 -25.75 29.68 29.54
C ARG A 153 -26.21 30.76 28.57
N HIS A 154 -25.67 31.96 28.70
CA HIS A 154 -25.97 33.03 27.76
C HIS A 154 -25.44 32.69 26.37
N HIS A 155 -24.24 32.11 26.30
CA HIS A 155 -23.67 31.73 25.01
C HIS A 155 -24.57 30.71 24.30
N PHE A 156 -24.94 29.67 25.03
CA PHE A 156 -25.85 28.63 24.50
C PHE A 156 -27.16 29.26 24.04
N ALA A 157 -27.71 30.12 24.90
CA ALA A 157 -28.94 30.83 24.57
C ALA A 157 -28.79 31.63 23.28
N GLN A 158 -27.66 32.31 23.12
CA GLN A 158 -27.42 33.06 21.89
C GLN A 158 -27.32 32.13 20.68
N ALA A 159 -26.72 30.95 20.88
CA ALA A 159 -26.65 29.94 19.83
C ALA A 159 -28.06 29.58 19.38
N ILE A 160 -28.93 29.30 20.34
CA ILE A 160 -30.32 28.94 20.07
C ILE A 160 -31.04 30.04 19.29
N ALA A 161 -30.90 31.29 19.75
CA ALA A 161 -31.51 32.44 19.07
C ALA A 161 -31.01 32.59 17.63
N ILE A 162 -29.77 32.17 17.38
CA ILE A 162 -29.24 32.16 16.01
C ILE A 162 -29.83 30.99 15.23
N LEU A 163 -29.88 29.81 15.84
CA LEU A 163 -30.46 28.62 15.18
C LEU A 163 -31.94 28.76 14.84
N ASN A 164 -32.66 29.59 15.60
CA ASN A 164 -34.08 29.85 15.31
C ASN A 164 -34.34 31.17 14.59
N THR A 165 -33.28 31.81 14.09
CA THR A 165 -33.43 32.93 13.18
C THR A 165 -33.80 32.36 11.81
N HIS A 166 -34.71 33.03 11.11
CA HIS A 166 -35.17 32.55 9.82
C HIS A 166 -34.02 32.44 8.82
N GLY A 167 -33.85 31.24 8.26
CA GLY A 167 -32.80 30.98 7.27
C GLY A 167 -31.44 30.64 7.86
N CYS A 168 -31.40 30.30 9.15
CA CYS A 168 -30.16 29.88 9.83
C CYS A 168 -30.26 28.50 10.49
N ASN A 169 -31.40 27.85 10.37
CA ASN A 169 -31.64 26.60 11.11
C ASN A 169 -31.03 25.38 10.42
N ILE A 170 -29.75 25.17 10.68
CA ILE A 170 -29.02 24.03 10.12
C ILE A 170 -29.49 22.67 10.64
N PHE A 171 -30.38 22.66 11.64
CA PHE A 171 -30.94 21.43 12.18
C PHE A 171 -32.41 21.24 11.83
N ASP A 172 -32.98 22.14 11.03
CA ASP A 172 -34.42 22.19 10.80
C ASP A 172 -35.03 20.87 10.30
N HIS A 173 -34.23 20.14 9.52
CA HIS A 173 -34.70 18.94 8.84
C HIS A 173 -34.35 17.66 9.58
N PHE A 174 -33.54 17.80 10.65
CA PHE A 174 -33.09 16.64 11.44
C PHE A 174 -34.26 15.80 11.93
N SER A 175 -34.00 14.51 12.13
CA SER A 175 -34.96 13.67 12.82
C SER A 175 -35.15 14.23 14.22
N ARG A 176 -36.25 13.87 14.87
CA ARG A 176 -36.51 14.32 16.22
C ARG A 176 -35.40 13.88 17.19
N LYS A 177 -34.97 12.63 17.09
CA LYS A 177 -33.96 12.08 18.02
C LYS A 177 -32.61 12.79 17.93
N ASP A 178 -32.22 13.20 16.73
CA ASP A 178 -30.92 13.86 16.53
C ASP A 178 -30.96 15.33 16.91
N TYR A 179 -32.00 16.04 16.47
CA TYR A 179 -32.24 17.43 16.85
C TYR A 179 -32.12 17.62 18.37
N GLN A 180 -32.69 16.68 19.11
CA GLN A 180 -32.64 16.72 20.57
C GLN A 180 -31.23 16.48 21.12
N ARG A 181 -30.58 15.43 20.64
CA ARG A 181 -29.21 15.13 21.07
C ARG A 181 -28.27 16.30 20.73
N MET A 182 -28.50 16.93 19.58
CA MET A 182 -27.75 18.11 19.18
C MET A 182 -27.90 19.22 20.23
N LEU A 183 -29.12 19.43 20.71
CA LEU A 183 -29.39 20.45 21.73
C LEU A 183 -28.74 20.14 23.07
N ASP A 184 -28.85 18.90 23.51
CA ASP A 184 -28.26 18.47 24.78
C ASP A 184 -26.73 18.59 24.76
N LEU A 185 -26.12 18.12 23.68
CA LEU A 185 -24.67 18.15 23.56
C LEU A 185 -24.14 19.58 23.47
N MET A 186 -24.82 20.43 22.71
CA MET A 186 -24.40 21.82 22.58
C MET A 186 -24.41 22.55 23.91
N ARG A 187 -25.40 22.26 24.76
CA ARG A 187 -25.49 22.87 26.07
C ARG A 187 -24.41 22.31 27.00
N ASP A 188 -24.26 20.99 27.02
CA ASP A 188 -23.29 20.35 27.90
C ASP A 188 -21.86 20.72 27.54
N ILE A 189 -21.58 20.80 26.23
CA ILE A 189 -20.24 21.12 25.76
C ILE A 189 -19.91 22.58 26.07
N ILE A 190 -20.87 23.48 25.86
CA ILE A 190 -20.66 24.90 26.15
C ILE A 190 -20.51 25.16 27.66
N LEU A 191 -21.35 24.52 28.47
CA LEU A 191 -21.21 24.59 29.93
C LEU A 191 -19.85 24.06 30.39
N ALA A 192 -19.31 23.07 29.69
CA ALA A 192 -18.02 22.47 30.07
C ALA A 192 -16.85 23.44 30.00
N THR A 193 -17.02 24.52 29.23
CA THR A 193 -15.97 25.53 29.04
C THR A 193 -15.66 26.32 30.32
N ASP A 194 -16.56 26.26 31.30
CA ASP A 194 -16.37 26.95 32.57
C ASP A 194 -15.32 26.24 33.42
N LEU A 195 -14.38 27.01 33.96
CA LEU A 195 -13.35 26.46 34.85
C LEU A 195 -13.98 25.65 35.98
N ALA A 196 -15.02 26.20 36.60
CA ALA A 196 -15.72 25.54 37.72
C ALA A 196 -16.21 24.14 37.36
N HIS A 197 -16.78 23.99 36.17
CA HIS A 197 -17.22 22.69 35.66
C HIS A 197 -16.02 21.75 35.54
N HIS A 198 -15.00 22.19 34.82
CA HIS A 198 -13.77 21.42 34.67
C HIS A 198 -13.21 20.97 36.01
N LEU A 199 -13.26 21.85 37.01
CA LEU A 199 -12.78 21.52 38.35
C LEU A 199 -13.59 20.40 39.00
N ARG A 200 -14.86 20.26 38.62
CA ARG A 200 -15.71 19.17 39.14
C ARG A 200 -15.34 17.82 38.54
N ILE A 201 -15.41 17.72 37.22
CA ILE A 201 -15.21 16.46 36.52
C ILE A 201 -13.74 15.99 36.48
N PHE A 202 -12.83 16.78 37.04
CA PHE A 202 -11.39 16.48 36.96
C PHE A 202 -11.05 15.12 37.55
N LYS A 203 -11.62 14.82 38.72
CA LYS A 203 -11.45 13.52 39.35
C LYS A 203 -11.89 12.40 38.41
N ASP A 204 -13.05 12.57 37.77
CA ASP A 204 -13.59 11.59 36.84
C ASP A 204 -12.81 11.50 35.52
N LEU A 205 -12.17 12.60 35.12
CA LEU A 205 -11.29 12.59 33.95
C LEU A 205 -10.06 11.71 34.22
N GLN A 206 -9.42 11.94 35.36
CA GLN A 206 -8.26 11.14 35.77
C GLN A 206 -8.58 9.65 35.83
N LYS A 207 -9.73 9.30 36.43
CA LYS A 207 -10.15 7.89 36.47
C LYS A 207 -10.39 7.31 35.07
N MET A 208 -10.95 8.10 34.16
CA MET A 208 -11.10 7.67 32.76
C MET A 208 -9.73 7.40 32.14
N ALA A 209 -8.78 8.31 32.36
CA ALA A 209 -7.42 8.15 31.85
C ALA A 209 -6.68 7.00 32.54
N GLU A 210 -7.05 6.71 33.79
CA GLU A 210 -6.47 5.58 34.54
C GLU A 210 -6.88 4.24 33.93
N VAL A 211 -8.19 3.99 33.89
CA VAL A 211 -8.71 2.68 33.48
C VAL A 211 -8.61 2.40 31.97
N GLY A 212 -8.54 3.47 31.16
CA GLY A 212 -8.57 3.38 29.71
C GLY A 212 -9.92 3.83 29.16
N TYR A 213 -9.92 4.42 27.97
CA TYR A 213 -11.15 4.89 27.33
C TYR A 213 -11.99 3.70 26.81
N ASP A 214 -13.31 3.83 26.92
CA ASP A 214 -14.23 2.74 26.57
C ASP A 214 -15.39 3.27 25.71
N ARG A 215 -15.37 2.96 24.42
CA ARG A 215 -16.40 3.41 23.48
C ARG A 215 -17.83 3.04 23.88
N ASN A 216 -17.98 2.00 24.70
CA ASN A 216 -19.31 1.56 25.13
C ASN A 216 -19.82 2.31 26.35
N ASN A 217 -18.89 2.89 27.11
CA ASN A 217 -19.22 3.69 28.29
C ASN A 217 -19.64 5.09 27.85
N LYS A 218 -20.93 5.39 27.97
CA LYS A 218 -21.49 6.67 27.49
C LYS A 218 -21.09 7.84 28.40
N GLN A 219 -20.66 7.55 29.62
CA GLN A 219 -20.14 8.59 30.53
C GLN A 219 -18.75 9.04 30.09
N HIS A 220 -17.98 8.12 29.51
CA HIS A 220 -16.67 8.44 28.96
C HIS A 220 -16.79 9.37 27.75
N HIS A 221 -17.88 9.21 26.98
CA HIS A 221 -18.16 10.12 25.86
C HIS A 221 -18.39 11.53 26.39
N ARG A 222 -19.36 11.65 27.30
CA ARG A 222 -19.58 12.89 28.05
C ARG A 222 -18.27 13.54 28.45
N LEU A 223 -17.48 12.83 29.24
CA LEU A 223 -16.27 13.38 29.85
C LEU A 223 -15.19 13.70 28.83
N LEU A 224 -15.08 12.87 27.80
CA LEU A 224 -14.15 13.10 26.71
C LEU A 224 -14.51 14.39 25.95
N LEU A 225 -15.80 14.60 25.69
CA LEU A 225 -16.26 15.82 25.04
C LEU A 225 -15.90 17.06 25.85
N CYS A 226 -16.09 16.98 27.16
CA CYS A 226 -15.73 18.08 28.06
C CYS A 226 -14.22 18.37 28.00
N LEU A 227 -13.41 17.32 27.96
CA LEU A 227 -11.96 17.49 27.91
C LEU A 227 -11.55 18.09 26.57
N LEU A 228 -12.11 17.56 25.48
CA LEU A 228 -11.83 18.07 24.14
C LEU A 228 -12.18 19.55 24.00
N MET A 229 -13.36 19.92 24.48
CA MET A 229 -13.81 21.31 24.42
C MET A 229 -12.84 22.24 25.14
N THR A 230 -12.47 21.84 26.35
CA THR A 230 -11.59 22.62 27.22
C THR A 230 -10.21 22.79 26.56
N SER A 231 -9.77 21.75 25.85
CA SER A 231 -8.48 21.77 25.17
C SER A 231 -8.50 22.56 23.86
N CYS A 232 -9.67 22.70 23.24
CA CYS A 232 -9.83 23.60 22.09
C CYS A 232 -9.84 25.04 22.56
N ASP A 233 -10.59 25.29 23.63
CA ASP A 233 -10.69 26.62 24.24
C ASP A 233 -9.32 27.15 24.65
N LEU A 234 -8.43 26.28 25.13
CA LEU A 234 -7.09 26.70 25.58
C LEU A 234 -5.96 26.50 24.55
N SER A 235 -6.33 26.19 23.30
CA SER A 235 -5.34 25.80 22.28
C SER A 235 -4.30 26.87 21.92
N ASP A 236 -4.56 28.12 22.26
CA ASP A 236 -3.55 29.18 22.10
C ASP A 236 -2.26 28.84 22.85
N GLN A 237 -2.36 28.02 23.90
CA GLN A 237 -1.18 27.58 24.66
C GLN A 237 -0.37 26.46 23.97
N THR A 238 -0.85 25.94 22.85
CA THR A 238 -0.20 24.81 22.17
C THR A 238 0.63 25.22 20.94
N LYS A 239 0.61 26.50 20.60
CA LYS A 239 1.34 26.99 19.43
C LYS A 239 2.77 27.35 19.85
N GLY A 240 3.48 28.06 18.98
CA GLY A 240 4.82 28.57 19.30
C GLY A 240 4.76 29.78 20.22
N TRP A 241 5.92 30.16 20.75
CA TRP A 241 6.05 31.27 21.69
C TRP A 241 5.50 32.60 21.15
N LYS A 242 5.65 32.85 19.85
CA LYS A 242 5.12 34.07 19.24
C LYS A 242 3.61 34.19 19.40
N THR A 243 2.89 33.10 19.10
CA THR A 243 1.43 33.06 19.27
C THR A 243 1.05 33.20 20.74
N THR A 244 1.65 32.36 21.59
CA THR A 244 1.29 32.28 23.00
C THR A 244 1.59 33.57 23.78
N ARG A 245 2.76 34.14 23.51
CA ARG A 245 3.17 35.41 24.10
C ARG A 245 2.28 36.57 23.62
N LYS A 246 1.90 36.55 22.35
CA LYS A 246 0.99 37.55 21.79
C LYS A 246 -0.40 37.48 22.42
N ILE A 247 -0.95 36.27 22.50
CA ILE A 247 -2.29 36.06 23.06
C ILE A 247 -2.41 36.46 24.54
N ALA A 248 -1.31 36.33 25.29
CA ALA A 248 -1.30 36.74 26.70
C ALA A 248 -1.59 38.23 26.82
N GLU A 249 -1.07 39.01 25.88
CA GLU A 249 -1.29 40.46 25.83
C GLU A 249 -2.76 40.80 25.63
N LEU A 250 -3.47 40.02 24.81
CA LEU A 250 -4.90 40.22 24.57
C LEU A 250 -5.72 39.85 25.80
N ILE A 251 -5.37 38.71 26.40
CA ILE A 251 -6.05 38.23 27.60
C ILE A 251 -6.00 39.22 28.76
N TYR A 252 -4.81 39.75 29.04
CA TYR A 252 -4.65 40.69 30.14
C TYR A 252 -5.22 42.07 29.80
N LYS A 253 -5.19 42.42 28.51
CA LYS A 253 -5.85 43.64 28.01
C LYS A 253 -7.32 43.64 28.40
N GLU A 254 -7.94 42.46 28.28
CA GLU A 254 -9.34 42.27 28.62
C GLU A 254 -9.49 42.26 30.14
N PHE A 255 -8.77 41.37 30.80
CA PHE A 255 -8.72 41.28 32.27
C PHE A 255 -8.51 42.63 32.95
N PHE A 256 -7.63 43.47 32.41
CA PHE A 256 -7.34 44.76 33.01
C PHE A 256 -8.50 45.75 32.87
N SER A 257 -9.29 45.61 31.78
CA SER A 257 -10.50 46.44 31.61
C SER A 257 -11.53 46.12 32.67
N GLN A 258 -11.73 44.84 32.94
CA GLN A 258 -12.70 44.44 33.96
C GLN A 258 -12.23 44.93 35.32
N GLY A 259 -10.94 44.79 35.59
CA GLY A 259 -10.35 45.23 36.85
C GLY A 259 -10.64 46.69 37.14
N ASP A 260 -10.53 47.51 36.11
CA ASP A 260 -10.86 48.93 36.20
C ASP A 260 -12.33 49.16 36.52
N LEU A 261 -13.20 48.38 35.88
CA LEU A 261 -14.65 48.51 36.08
C LEU A 261 -15.06 48.01 37.47
N GLU A 262 -14.35 47.02 38.00
CA GLU A 262 -14.59 46.55 39.36
C GLU A 262 -14.20 47.61 40.39
N LYS A 263 -13.14 48.37 40.11
CA LYS A 263 -12.70 49.45 40.99
C LYS A 263 -13.69 50.62 40.99
N ALA A 264 -14.23 50.94 39.82
CA ALA A 264 -15.20 52.03 39.69
C ALA A 264 -16.51 51.76 40.43
N MET A 265 -16.82 50.49 40.70
CA MET A 265 -17.95 50.15 41.55
C MET A 265 -17.51 49.67 42.94
N GLY A 266 -16.29 50.02 43.34
CA GLY A 266 -15.79 49.74 44.69
C GLY A 266 -15.57 48.28 45.04
N ASN A 267 -15.26 47.45 44.04
CA ASN A 267 -14.86 46.06 44.28
C ASN A 267 -13.36 45.90 44.14
N ARG A 268 -12.80 44.97 44.92
CA ARG A 268 -11.37 44.71 44.94
C ARG A 268 -11.10 43.59 43.92
N PRO A 269 -10.50 43.94 42.76
CA PRO A 269 -10.29 42.93 41.70
C PRO A 269 -9.27 41.84 42.08
N MET A 270 -9.36 40.69 41.40
CA MET A 270 -8.35 39.64 41.57
C MET A 270 -7.01 40.17 41.09
N GLU A 271 -5.93 39.59 41.60
CA GLU A 271 -4.57 39.99 41.22
C GLU A 271 -4.35 39.99 39.71
N MET A 272 -4.83 38.95 39.03
CA MET A 272 -4.66 38.82 37.58
C MET A 272 -5.45 39.84 36.76
N MET A 273 -6.44 40.49 37.39
CA MET A 273 -7.26 41.50 36.75
C MET A 273 -6.75 42.91 37.06
N ASP A 274 -5.82 43.02 38.01
CA ASP A 274 -5.32 44.30 38.48
C ASP A 274 -3.92 44.57 37.93
N ARG A 275 -3.81 45.50 37.00
CA ARG A 275 -2.51 45.77 36.37
C ARG A 275 -1.50 46.39 37.33
N GLU A 276 -1.98 47.00 38.42
CA GLU A 276 -1.09 47.49 39.48
C GLU A 276 -0.48 46.37 40.30
N LYS A 277 -1.14 45.20 40.35
CA LYS A 277 -0.61 44.03 41.06
C LYS A 277 0.01 42.96 40.15
N ALA A 278 -0.39 42.92 38.88
CA ALA A 278 -0.16 41.74 38.03
C ALA A 278 1.25 41.63 37.45
N TYR A 279 1.94 40.55 37.82
CA TYR A 279 3.20 40.15 37.20
C TYR A 279 2.90 38.94 36.29
N ILE A 280 2.78 39.21 34.99
CA ILE A 280 2.25 38.26 34.02
C ILE A 280 2.97 36.91 34.01
N PRO A 281 4.31 36.91 34.01
CA PRO A 281 5.03 35.64 33.99
C PRO A 281 4.58 34.64 35.04
N GLU A 282 4.55 35.06 36.31
CA GLU A 282 4.18 34.13 37.38
C GLU A 282 2.71 33.75 37.26
N LEU A 283 1.89 34.67 36.76
CA LEU A 283 0.47 34.38 36.56
C LEU A 283 0.29 33.29 35.50
N GLN A 284 0.98 33.42 34.38
CA GLN A 284 0.87 32.42 33.32
C GLN A 284 1.49 31.10 33.74
N ILE A 285 2.66 31.16 34.36
CA ILE A 285 3.25 29.97 34.99
C ILE A 285 2.22 29.28 35.90
N SER A 286 1.54 30.05 36.73
CA SER A 286 0.53 29.47 37.61
C SER A 286 -0.63 28.87 36.80
N PHE A 287 -1.11 29.61 35.80
CA PHE A 287 -2.13 29.10 34.88
C PHE A 287 -1.67 27.81 34.16
N MET A 288 -0.41 27.79 33.73
CA MET A 288 0.13 26.67 32.95
C MET A 288 0.15 25.39 33.75
N GLU A 289 0.58 25.47 35.00
CA GLU A 289 0.78 24.29 35.82
C GLU A 289 -0.49 23.80 36.52
N HIS A 290 -1.34 24.73 36.96
CA HIS A 290 -2.55 24.36 37.70
C HIS A 290 -3.70 23.94 36.78
N ILE A 291 -3.79 24.55 35.61
CA ILE A 291 -4.94 24.37 34.72
C ILE A 291 -4.54 23.75 33.38
N ALA A 292 -3.68 24.44 32.63
CA ALA A 292 -3.42 24.08 31.22
C ALA A 292 -2.67 22.76 31.04
N MET A 293 -1.57 22.57 31.75
CA MET A 293 -0.74 21.40 31.54
C MET A 293 -1.42 20.08 31.96
N PRO A 294 -2.17 20.07 33.07
CA PRO A 294 -2.98 18.90 33.39
C PRO A 294 -3.97 18.53 32.27
N ILE A 295 -4.61 19.53 31.69
CA ILE A 295 -5.58 19.31 30.62
C ILE A 295 -4.94 18.62 29.41
N TYR A 296 -3.74 19.05 29.03
CA TYR A 296 -3.07 18.47 27.88
C TYR A 296 -2.35 17.17 28.25
N LYS A 297 -2.02 16.98 29.53
CA LYS A 297 -1.48 15.71 30.02
C LYS A 297 -2.57 14.63 30.09
N LEU A 298 -3.80 15.02 30.35
CA LEU A 298 -4.95 14.12 30.23
C LEU A 298 -5.24 13.78 28.77
N LEU A 299 -5.00 14.75 27.88
CA LEU A 299 -5.22 14.54 26.44
C LEU A 299 -4.18 13.61 25.86
N GLN A 300 -2.95 13.73 26.34
CA GLN A 300 -1.86 12.83 25.92
C GLN A 300 -2.13 11.40 26.37
N ASP A 301 -2.55 11.24 27.63
CA ASP A 301 -2.84 9.92 28.19
C ASP A 301 -3.92 9.15 27.43
N LEU A 302 -4.86 9.89 26.84
CA LEU A 302 -5.93 9.29 26.02
C LEU A 302 -5.51 9.15 24.55
N PHE A 303 -4.78 10.13 24.02
CA PHE A 303 -4.25 10.08 22.65
C PHE A 303 -2.74 10.27 22.66
N PRO A 304 -1.96 9.19 22.47
CA PRO A 304 -0.50 9.33 22.43
C PRO A 304 -0.03 10.33 21.37
N LYS A 305 -0.80 10.47 20.30
CA LYS A 305 -0.49 11.43 19.23
C LYS A 305 -0.59 12.89 19.66
N ALA A 306 -1.32 13.16 20.75
CA ALA A 306 -1.37 14.50 21.34
C ALA A 306 -0.19 14.78 22.27
N ALA A 307 0.92 14.07 22.07
CA ALA A 307 2.12 14.30 22.87
C ALA A 307 2.80 15.61 22.52
N GLU A 308 2.84 15.94 21.22
CA GLU A 308 3.48 17.17 20.74
C GLU A 308 2.77 18.45 21.23
N LEU A 309 1.49 18.34 21.60
CA LEU A 309 0.74 19.46 22.16
C LEU A 309 1.12 19.74 23.62
N TYR A 310 1.23 18.68 24.43
CA TYR A 310 1.63 18.84 25.82
C TYR A 310 3.04 19.43 25.92
N GLU A 311 3.95 18.95 25.08
CA GLU A 311 5.32 19.46 25.10
C GLU A 311 5.37 20.94 24.77
N ARG A 312 4.65 21.37 23.74
CA ARG A 312 4.62 22.80 23.37
C ARG A 312 3.99 23.67 24.45
N VAL A 313 3.07 23.13 25.24
CA VAL A 313 2.53 23.87 26.38
C VAL A 313 3.57 23.92 27.50
N ALA A 314 4.24 22.80 27.75
CA ALA A 314 5.31 22.76 28.75
C ALA A 314 6.47 23.66 28.35
N SER A 315 6.81 23.64 27.06
CA SER A 315 7.84 24.52 26.51
C SER A 315 7.48 25.99 26.78
N ASN A 316 6.25 26.37 26.46
CA ASN A 316 5.79 27.75 26.64
C ASN A 316 5.82 28.19 28.10
N ARG A 317 5.64 27.23 29.00
CA ARG A 317 5.78 27.49 30.43
C ARG A 317 7.26 27.66 30.79
N GLU A 318 8.15 26.97 30.08
CA GLU A 318 9.60 27.21 30.25
C GLU A 318 9.96 28.60 29.77
N HIS A 319 9.33 29.04 28.68
CA HIS A 319 9.59 30.37 28.12
C HIS A 319 9.20 31.51 29.06
N TRP A 320 8.22 31.28 29.94
CA TRP A 320 7.81 32.30 30.91
C TRP A 320 8.83 32.45 32.02
N THR A 321 9.37 31.34 32.50
CA THR A 321 10.45 31.34 33.48
C THR A 321 11.68 32.03 32.90
N LYS A 322 11.99 31.68 31.66
CA LYS A 322 13.16 32.21 30.96
C LYS A 322 13.11 33.74 30.90
N VAL A 323 12.03 34.25 30.30
CA VAL A 323 11.89 35.67 30.03
C VAL A 323 11.56 36.44 31.31
N SER A 324 11.28 35.73 32.39
CA SER A 324 11.03 36.36 33.69
C SER A 324 12.25 37.13 34.21
N HIS A 325 13.45 36.66 33.85
CA HIS A 325 14.71 37.26 34.30
C HIS A 325 14.65 38.79 34.47
N LYS A 326 14.05 39.48 33.51
CA LYS A 326 13.88 40.93 33.59
C LYS A 326 12.60 41.40 32.89
N PHE A 327 11.54 40.61 33.00
CA PHE A 327 10.26 40.93 32.36
C PHE A 327 9.61 42.14 33.03
N THR A 328 8.84 42.90 32.25
CA THR A 328 8.09 44.05 32.76
C THR A 328 7.47 43.72 34.13
N ILE A 329 7.85 44.47 35.14
CA ILE A 329 7.46 44.17 36.51
C ILE A 329 5.93 44.28 36.75
N ARG A 330 5.26 45.14 35.99
CA ARG A 330 3.80 45.29 36.05
C ARG A 330 3.19 45.43 34.65
N ASP B 5 -3.48 21.37 -16.61
CA ASP B 5 -4.58 22.38 -16.48
C ASP B 5 -5.83 21.77 -15.86
N GLU B 6 -6.23 20.60 -16.36
CA GLU B 6 -7.35 19.85 -15.78
C GLU B 6 -7.00 19.32 -14.40
N TYR B 7 -5.72 19.06 -14.16
CA TYR B 7 -5.24 18.65 -12.84
C TYR B 7 -5.30 19.79 -11.83
N THR B 8 -4.78 20.95 -12.22
CA THR B 8 -4.73 22.12 -11.34
C THR B 8 -6.12 22.71 -11.08
N LYS B 9 -7.02 22.60 -12.04
CA LYS B 9 -8.39 23.09 -11.87
C LYS B 9 -9.25 22.09 -11.10
N LEU B 10 -9.02 20.80 -11.31
CA LEU B 10 -9.69 19.78 -10.49
C LEU B 10 -9.27 19.91 -9.02
N LEU B 11 -7.96 20.04 -8.80
CA LEU B 11 -7.41 20.20 -7.44
C LEU B 11 -7.91 21.47 -6.76
N HIS B 12 -8.03 22.54 -7.55
CA HIS B 12 -8.39 23.87 -7.04
C HIS B 12 -9.60 23.88 -6.12
N ASP B 13 -10.76 23.49 -6.65
CA ASP B 13 -12.00 23.54 -5.88
C ASP B 13 -12.42 22.17 -5.35
N GLY B 14 -11.78 21.12 -5.87
CA GLY B 14 -11.89 19.78 -5.32
C GLY B 14 -13.27 19.31 -4.90
N ILE B 15 -13.41 18.97 -3.62
CA ILE B 15 -14.53 18.16 -3.17
C ILE B 15 -15.73 19.00 -2.72
N GLN B 16 -16.83 18.87 -3.45
CA GLN B 16 -18.05 19.59 -3.16
C GLN B 16 -19.08 18.68 -2.49
N PRO B 17 -19.93 19.25 -1.62
CA PRO B 17 -21.03 18.47 -1.05
C PRO B 17 -21.97 18.03 -2.15
N VAL B 18 -22.49 16.80 -2.07
CA VAL B 18 -23.22 16.20 -3.18
C VAL B 18 -24.49 16.94 -3.59
N ALA B 19 -25.16 17.56 -2.63
CA ALA B 19 -26.42 18.26 -2.90
C ALA B 19 -26.23 19.54 -3.73
N ALA B 20 -25.04 20.13 -3.63
CA ALA B 20 -24.69 21.31 -4.44
C ALA B 20 -24.37 20.93 -5.89
N ILE B 21 -23.94 19.69 -6.14
CA ILE B 21 -23.75 19.23 -7.51
C ILE B 21 -25.11 19.22 -8.20
N ASP B 22 -26.07 18.58 -7.52
CA ASP B 22 -27.47 18.56 -7.94
C ASP B 22 -28.28 18.05 -6.75
N SER B 23 -29.44 18.66 -6.53
CA SER B 23 -30.30 18.35 -5.39
C SER B 23 -30.60 16.85 -5.22
N ASN B 24 -30.67 16.13 -6.34
CA ASN B 24 -31.14 14.75 -6.36
C ASN B 24 -30.01 13.72 -6.51
N PHE B 25 -28.76 14.20 -6.45
CA PHE B 25 -27.58 13.41 -6.82
C PHE B 25 -27.46 12.04 -6.17
N ALA B 26 -28.03 11.88 -4.97
CA ALA B 26 -27.95 10.62 -4.23
C ALA B 26 -29.23 9.77 -4.32
N SER B 27 -30.13 10.13 -5.23
CA SER B 27 -31.37 9.35 -5.42
C SER B 27 -31.25 8.41 -6.63
N PHE B 28 -32.08 7.37 -6.62
CA PHE B 28 -32.17 6.44 -7.76
C PHE B 28 -32.71 7.10 -9.04
N THR B 29 -33.35 8.26 -8.88
CA THR B 29 -33.93 8.99 -10.01
C THR B 29 -32.91 9.77 -10.82
N TYR B 30 -31.75 10.04 -10.23
CA TYR B 30 -30.72 10.83 -10.92
C TYR B 30 -30.11 10.05 -12.08
N THR B 31 -29.84 10.76 -13.17
CA THR B 31 -29.22 10.21 -14.36
C THR B 31 -27.83 10.83 -14.52
N PRO B 32 -26.77 10.06 -14.17
CA PRO B 32 -25.39 10.55 -14.24
C PRO B 32 -25.02 11.26 -15.55
N ARG B 33 -25.60 10.82 -16.66
CA ARG B 33 -25.30 11.39 -17.97
C ARG B 33 -25.81 12.81 -18.16
N SER B 34 -26.74 13.24 -17.31
CA SER B 34 -27.17 14.64 -17.28
C SER B 34 -26.03 15.58 -16.92
N LEU B 35 -25.19 15.18 -15.98
CA LEU B 35 -24.07 16.01 -15.54
C LEU B 35 -23.07 16.24 -16.66
N PRO B 36 -22.58 17.48 -16.82
CA PRO B 36 -21.58 17.75 -17.85
C PRO B 36 -20.32 16.92 -17.66
N GLU B 37 -19.68 16.56 -18.76
CA GLU B 37 -18.49 15.71 -18.72
C GLU B 37 -17.32 16.41 -18.01
N ASP B 38 -17.28 17.75 -18.08
CA ASP B 38 -16.29 18.57 -17.38
C ASP B 38 -16.34 18.39 -15.85
N ASP B 39 -17.53 18.13 -15.31
CA ASP B 39 -17.73 18.08 -13.86
C ASP B 39 -17.56 16.69 -13.22
N THR B 40 -17.51 15.64 -14.04
CA THR B 40 -17.54 14.27 -13.51
C THR B 40 -16.36 13.97 -12.56
N SER B 41 -15.17 14.45 -12.89
CA SER B 41 -13.98 14.21 -12.08
C SER B 41 -14.16 14.67 -10.64
N MET B 42 -14.74 15.85 -10.45
CA MET B 42 -14.96 16.37 -9.09
C MET B 42 -16.15 15.66 -8.42
N ALA B 43 -17.09 15.15 -9.21
CA ALA B 43 -18.17 14.31 -8.68
C ALA B 43 -17.59 13.01 -8.12
N ILE B 44 -16.59 12.46 -8.79
CA ILE B 44 -15.87 11.29 -8.27
C ILE B 44 -15.30 11.62 -6.89
N LEU B 45 -14.63 12.76 -6.78
CA LEU B 45 -14.05 13.21 -5.51
C LEU B 45 -15.16 13.40 -4.47
N SER B 46 -16.16 14.19 -4.84
CA SER B 46 -17.32 14.41 -3.98
C SER B 46 -17.91 13.11 -3.43
N MET B 47 -18.07 12.10 -4.29
CA MET B 47 -18.65 10.81 -3.89
C MET B 47 -17.75 10.00 -2.96
N LEU B 48 -16.47 9.94 -3.28
CA LEU B 48 -15.47 9.25 -2.44
C LEU B 48 -15.37 9.92 -1.07
N GLN B 49 -15.49 11.24 -1.03
CA GLN B 49 -15.54 11.96 0.22
C GLN B 49 -16.82 11.68 1.00
N ASP B 50 -17.96 11.61 0.32
CA ASP B 50 -19.23 11.34 1.02
C ASP B 50 -19.18 9.99 1.73
N MET B 51 -18.55 9.01 1.07
CA MET B 51 -18.33 7.67 1.64
C MET B 51 -17.15 7.67 2.64
N ASN B 52 -16.49 8.81 2.77
CA ASN B 52 -15.41 9.05 3.75
C ASN B 52 -14.20 8.14 3.60
N PHE B 53 -13.94 7.69 2.37
CA PHE B 53 -12.76 6.89 2.08
C PHE B 53 -11.50 7.75 2.09
N ILE B 54 -11.65 9.02 1.71
CA ILE B 54 -10.53 9.94 1.72
C ILE B 54 -9.97 10.10 3.14
N ASN B 55 -10.84 10.45 4.09
CA ASN B 55 -10.43 10.55 5.48
C ASN B 55 -9.97 9.22 6.08
N ASN B 56 -10.78 8.18 5.95
CA ASN B 56 -10.54 6.92 6.68
C ASN B 56 -9.33 6.13 6.18
N TYR B 57 -9.00 6.28 4.91
CA TYR B 57 -7.79 5.65 4.34
C TYR B 57 -6.69 6.67 4.05
N LYS B 58 -6.84 7.88 4.59
CA LYS B 58 -5.81 8.91 4.51
C LYS B 58 -5.27 9.03 3.09
N ILE B 59 -6.18 9.28 2.15
CA ILE B 59 -5.85 9.36 0.73
C ILE B 59 -5.31 10.75 0.41
N ASP B 60 -4.16 10.81 -0.28
CA ASP B 60 -3.53 12.06 -0.67
C ASP B 60 -4.29 12.73 -1.83
N CYS B 61 -4.70 13.98 -1.65
CA CYS B 61 -5.58 14.65 -2.62
C CYS B 61 -4.95 14.86 -4.00
N PRO B 62 -3.72 15.43 -4.06
CA PRO B 62 -3.01 15.51 -5.34
C PRO B 62 -2.95 14.16 -6.08
N THR B 63 -2.63 13.09 -5.35
CA THR B 63 -2.56 11.76 -5.92
C THR B 63 -3.92 11.27 -6.41
N LEU B 64 -4.94 11.43 -5.57
CA LEU B 64 -6.31 11.06 -5.94
C LEU B 64 -6.76 11.81 -7.19
N ALA B 65 -6.38 13.08 -7.30
CA ALA B 65 -6.80 13.90 -8.41
C ALA B 65 -6.09 13.50 -9.71
N ARG B 66 -4.80 13.20 -9.63
CA ARG B 66 -4.07 12.68 -10.79
C ARG B 66 -4.67 11.34 -11.23
N PHE B 67 -4.93 10.47 -10.25
CA PHE B 67 -5.56 9.16 -10.50
C PHE B 67 -6.90 9.28 -11.23
N CYS B 68 -7.80 10.11 -10.72
CA CYS B 68 -9.13 10.27 -11.33
C CYS B 68 -9.01 10.67 -12.80
N LEU B 69 -8.09 11.59 -13.10
CA LEU B 69 -7.85 12.04 -14.47
C LEU B 69 -7.26 10.97 -15.35
N MET B 70 -6.35 10.17 -14.79
CA MET B 70 -5.74 9.07 -15.53
C MET B 70 -6.76 8.00 -15.91
N VAL B 71 -7.68 7.70 -14.98
CA VAL B 71 -8.71 6.72 -15.25
C VAL B 71 -9.57 7.20 -16.42
N LYS B 72 -10.10 8.41 -16.30
CA LYS B 72 -10.98 9.02 -17.31
C LYS B 72 -10.35 9.09 -18.70
N LYS B 73 -9.06 9.45 -18.73
CA LYS B 73 -8.28 9.48 -19.96
C LYS B 73 -8.05 8.06 -20.51
N GLY B 74 -7.95 7.09 -19.61
CA GLY B 74 -7.73 5.69 -19.98
C GLY B 74 -8.86 5.03 -20.76
N TYR B 75 -9.98 5.75 -20.93
CA TYR B 75 -11.09 5.31 -21.79
C TYR B 75 -11.00 5.94 -23.17
N ARG B 76 -11.29 5.12 -24.18
CA ARG B 76 -11.42 5.56 -25.56
C ARG B 76 -12.82 6.16 -25.74
N ASP B 77 -13.21 6.43 -26.99
CA ASP B 77 -14.51 7.04 -27.25
C ASP B 77 -15.42 6.22 -28.20
N PRO B 78 -15.61 4.92 -27.92
CA PRO B 78 -16.70 4.21 -28.61
C PRO B 78 -18.05 4.68 -28.04
N PRO B 79 -19.16 4.29 -28.69
CA PRO B 79 -20.46 4.86 -28.32
C PRO B 79 -20.94 4.52 -26.91
N TYR B 80 -20.71 3.29 -26.47
CA TYR B 80 -21.17 2.88 -25.14
C TYR B 80 -20.05 2.76 -24.11
N HIS B 81 -18.95 2.09 -24.47
CA HIS B 81 -17.90 1.82 -23.48
C HIS B 81 -16.89 2.98 -23.42
N ASN B 82 -17.38 4.13 -22.99
CA ASN B 82 -16.58 5.35 -22.81
C ASN B 82 -16.54 5.73 -21.33
N TRP B 83 -15.93 6.87 -21.02
CA TRP B 83 -15.78 7.30 -19.65
C TRP B 83 -17.14 7.43 -18.96
N MET B 84 -18.12 7.98 -19.67
CA MET B 84 -19.42 8.27 -19.09
C MET B 84 -20.15 7.01 -18.64
N HIS B 85 -19.89 5.88 -19.30
CA HIS B 85 -20.36 4.58 -18.81
C HIS B 85 -19.69 4.32 -17.46
N ALA B 86 -18.37 4.46 -17.43
CA ALA B 86 -17.60 4.27 -16.20
C ALA B 86 -18.04 5.22 -15.08
N PHE B 87 -18.31 6.47 -15.45
CA PHE B 87 -18.86 7.43 -14.52
C PHE B 87 -20.20 6.96 -13.99
N SER B 88 -21.12 6.67 -14.91
CA SER B 88 -22.51 6.32 -14.54
C SER B 88 -22.58 5.02 -13.72
N VAL B 89 -21.69 4.08 -14.00
CA VAL B 89 -21.57 2.85 -13.21
C VAL B 89 -21.06 3.14 -11.80
N SER B 90 -20.08 4.04 -11.71
CA SER B 90 -19.48 4.40 -10.41
C SER B 90 -20.49 5.18 -9.55
N HIS B 91 -21.26 6.05 -10.20
CA HIS B 91 -22.34 6.77 -9.51
C HIS B 91 -23.41 5.82 -8.99
N PHE B 92 -23.66 4.71 -9.69
CA PHE B 92 -24.62 3.72 -9.22
C PHE B 92 -24.07 2.92 -8.05
N CYS B 93 -22.76 2.73 -8.01
CA CYS B 93 -22.14 2.12 -6.84
C CYS B 93 -22.38 3.01 -5.62
N TYR B 94 -22.17 4.31 -5.80
CA TYR B 94 -22.42 5.30 -4.75
C TYR B 94 -23.88 5.27 -4.29
N LEU B 95 -24.81 5.19 -5.23
CA LEU B 95 -26.24 5.13 -4.90
C LEU B 95 -26.57 3.94 -4.01
N LEU B 96 -26.05 2.77 -4.37
CA LEU B 96 -26.27 1.55 -3.59
C LEU B 96 -25.74 1.69 -2.15
N TYR B 97 -24.59 2.35 -2.02
CA TYR B 97 -24.06 2.68 -0.69
C TYR B 97 -25.05 3.58 0.07
N LYS B 98 -25.54 4.62 -0.60
CA LYS B 98 -26.40 5.61 0.05
C LYS B 98 -27.79 5.11 0.37
N ASN B 99 -28.41 4.36 -0.55
CA ASN B 99 -29.80 3.92 -0.39
C ASN B 99 -29.97 2.53 0.24
N LEU B 100 -28.95 1.67 0.13
CA LEU B 100 -29.03 0.31 0.67
C LEU B 100 -28.18 0.09 1.93
N GLU B 101 -27.39 1.09 2.31
CA GLU B 101 -26.53 1.02 3.49
C GLU B 101 -25.65 -0.22 3.50
N LEU B 102 -24.68 -0.25 2.59
CA LEU B 102 -23.79 -1.41 2.44
C LEU B 102 -22.82 -1.61 3.60
N THR B 103 -22.53 -0.55 4.34
CA THR B 103 -21.61 -0.64 5.48
C THR B 103 -22.05 -1.69 6.51
N ASN B 104 -23.35 -1.99 6.55
CA ASN B 104 -23.88 -3.05 7.40
C ASN B 104 -23.77 -4.45 6.78
N TYR B 105 -23.31 -4.52 5.52
CA TYR B 105 -23.25 -5.78 4.78
C TYR B 105 -21.82 -6.15 4.36
N LEU B 106 -21.08 -5.17 3.86
CA LEU B 106 -19.70 -5.36 3.41
C LEU B 106 -18.72 -4.55 4.25
N GLU B 107 -17.48 -5.05 4.33
CA GLU B 107 -16.40 -4.32 4.98
C GLU B 107 -16.18 -3.01 4.24
N ASP B 108 -15.59 -2.04 4.91
CA ASP B 108 -15.41 -0.71 4.33
C ASP B 108 -14.42 -0.74 3.17
N ILE B 109 -13.38 -1.56 3.30
CA ILE B 109 -12.36 -1.71 2.26
C ILE B 109 -12.94 -2.38 1.03
N GLU B 110 -13.94 -3.23 1.22
CA GLU B 110 -14.64 -3.88 0.10
C GLU B 110 -15.48 -2.88 -0.71
N ILE B 111 -16.07 -1.91 -0.02
CA ILE B 111 -16.91 -0.89 -0.67
C ILE B 111 -16.03 0.09 -1.45
N PHE B 112 -14.90 0.43 -0.85
CA PHE B 112 -13.89 1.29 -1.47
C PHE B 112 -13.41 0.63 -2.75
N ALA B 113 -13.00 -0.63 -2.65
CA ALA B 113 -12.60 -1.45 -3.80
C ALA B 113 -13.66 -1.51 -4.90
N LEU B 114 -14.92 -1.68 -4.51
CA LEU B 114 -16.03 -1.80 -5.47
C LEU B 114 -16.19 -0.52 -6.28
N PHE B 115 -16.27 0.62 -5.60
CA PHE B 115 -16.36 1.91 -6.27
C PHE B 115 -15.16 2.11 -7.20
N ILE B 116 -13.96 1.98 -6.66
CA ILE B 116 -12.75 2.18 -7.44
C ILE B 116 -12.75 1.22 -8.64
N SER B 117 -13.17 -0.02 -8.40
CA SER B 117 -13.33 -1.01 -9.47
C SER B 117 -14.30 -0.54 -10.56
N CYS B 118 -15.42 0.09 -10.17
CA CYS B 118 -16.40 0.60 -11.14
C CYS B 118 -15.76 1.62 -12.08
N MET B 119 -14.97 2.53 -11.51
CA MET B 119 -14.28 3.53 -12.31
C MET B 119 -13.37 2.91 -13.38
N CYS B 120 -12.71 1.81 -13.03
CA CYS B 120 -11.66 1.22 -13.87
C CYS B 120 -12.10 0.01 -14.69
N HIS B 121 -13.37 -0.38 -14.59
CA HIS B 121 -13.77 -1.74 -14.96
C HIS B 121 -13.82 -1.99 -16.48
N ASP B 122 -13.74 -0.94 -17.29
CA ASP B 122 -13.77 -1.07 -18.74
C ASP B 122 -12.65 -0.25 -19.38
N LEU B 123 -11.52 -0.11 -18.68
CA LEU B 123 -10.41 0.72 -19.16
C LEU B 123 -9.95 0.27 -20.55
N ASP B 124 -9.84 1.23 -21.48
CA ASP B 124 -9.31 0.99 -22.81
C ASP B 124 -10.13 -0.03 -23.61
N HIS B 125 -11.44 0.00 -23.43
CA HIS B 125 -12.38 -0.83 -24.20
C HIS B 125 -12.42 -0.26 -25.62
N ARG B 126 -12.36 -1.14 -26.62
CA ARG B 126 -12.25 -0.73 -28.03
C ARG B 126 -13.59 -0.75 -28.76
N GLY B 127 -14.66 -1.04 -28.03
CA GLY B 127 -15.99 -1.21 -28.61
C GLY B 127 -16.27 -2.62 -29.12
N THR B 128 -15.54 -3.60 -28.61
CA THR B 128 -15.67 -5.00 -29.02
C THR B 128 -15.58 -5.94 -27.81
N ASN B 129 -16.26 -7.08 -27.89
CA ASN B 129 -16.35 -8.01 -26.75
C ASN B 129 -15.26 -9.08 -26.78
N ASN B 130 -15.34 -10.04 -25.87
CA ASN B 130 -14.34 -11.10 -25.78
C ASN B 130 -14.31 -11.98 -27.05
N SER B 131 -15.48 -12.33 -27.58
CA SER B 131 -15.53 -13.17 -28.78
C SER B 131 -14.78 -12.59 -29.98
N PHE B 132 -14.84 -11.27 -30.13
CA PHE B 132 -14.16 -10.61 -31.24
C PHE B 132 -12.65 -10.77 -31.11
N GLN B 133 -12.14 -10.58 -29.89
CA GLN B 133 -10.70 -10.70 -29.64
C GLN B 133 -10.23 -12.11 -30.01
N VAL B 134 -11.01 -13.11 -29.63
CA VAL B 134 -10.69 -14.51 -29.90
C VAL B 134 -10.92 -14.90 -31.36
N ALA B 135 -11.94 -14.33 -31.99
CA ALA B 135 -12.27 -14.64 -33.39
C ALA B 135 -11.28 -13.94 -34.33
N SER B 136 -10.91 -12.72 -33.97
CA SER B 136 -9.91 -11.95 -34.71
C SER B 136 -8.48 -12.32 -34.31
N LYS B 137 -8.34 -13.14 -33.26
CA LYS B 137 -7.03 -13.55 -32.75
C LYS B 137 -6.14 -12.31 -32.49
N SER B 138 -6.69 -11.38 -31.71
CA SER B 138 -5.98 -10.17 -31.33
C SER B 138 -4.80 -10.49 -30.41
N VAL B 139 -3.89 -9.53 -30.30
CA VAL B 139 -2.77 -9.66 -29.39
C VAL B 139 -3.26 -9.82 -27.93
N LEU B 140 -4.38 -9.18 -27.60
CA LEU B 140 -4.99 -9.31 -26.28
C LEU B 140 -5.52 -10.71 -26.01
N ALA B 141 -5.98 -11.38 -27.06
CA ALA B 141 -6.45 -12.75 -26.97
C ALA B 141 -5.28 -13.72 -26.78
N ALA B 142 -4.15 -13.41 -27.40
CA ALA B 142 -2.92 -14.18 -27.17
C ALA B 142 -2.45 -14.05 -25.72
N LEU B 143 -2.55 -12.86 -25.15
CA LEU B 143 -2.14 -12.62 -23.77
C LEU B 143 -3.05 -13.30 -22.74
N TYR B 144 -4.37 -13.33 -22.98
CA TYR B 144 -5.35 -13.70 -21.96
C TYR B 144 -6.31 -14.86 -22.26
N SER B 145 -6.55 -15.18 -23.53
CA SER B 145 -7.64 -16.10 -23.88
C SER B 145 -7.61 -17.45 -23.13
N SER B 146 -6.42 -17.97 -22.88
CA SER B 146 -6.28 -19.24 -22.17
C SER B 146 -6.80 -19.19 -20.74
N GLU B 147 -6.90 -17.97 -20.20
CA GLU B 147 -7.38 -17.76 -18.84
C GLU B 147 -8.84 -17.33 -18.81
N GLY B 148 -9.34 -16.80 -19.93
CA GLY B 148 -10.71 -16.28 -20.02
C GLY B 148 -10.80 -14.80 -19.70
N SER B 149 -11.92 -14.19 -20.06
CA SER B 149 -12.23 -12.81 -19.73
C SER B 149 -11.21 -11.84 -20.35
N VAL B 150 -10.98 -11.98 -21.64
CA VAL B 150 -9.89 -11.28 -22.31
C VAL B 150 -9.93 -9.80 -21.97
N MET B 151 -11.05 -9.16 -22.23
CA MET B 151 -11.17 -7.72 -22.03
C MET B 151 -11.10 -7.31 -20.56
N GLU B 152 -11.66 -8.13 -19.68
CA GLU B 152 -11.74 -7.82 -18.25
C GLU B 152 -10.36 -7.86 -17.58
N ARG B 153 -9.52 -8.78 -18.02
CA ARG B 153 -8.15 -8.86 -17.53
C ARG B 153 -7.33 -7.69 -18.06
N HIS B 154 -7.62 -7.25 -19.27
CA HIS B 154 -6.96 -6.10 -19.84
C HIS B 154 -7.35 -4.84 -19.09
N HIS B 155 -8.63 -4.78 -18.67
CA HIS B 155 -9.09 -3.66 -17.86
C HIS B 155 -8.34 -3.64 -16.53
N PHE B 156 -8.31 -4.78 -15.85
CA PHE B 156 -7.60 -4.86 -14.58
C PHE B 156 -6.14 -4.44 -14.77
N ALA B 157 -5.48 -5.06 -15.76
CA ALA B 157 -4.09 -4.74 -16.08
C ALA B 157 -3.88 -3.25 -16.29
N GLN B 158 -4.83 -2.59 -16.95
CA GLN B 158 -4.74 -1.15 -17.24
C GLN B 158 -4.89 -0.28 -15.99
N ALA B 159 -5.65 -0.74 -15.01
CA ALA B 159 -5.78 -0.05 -13.72
C ALA B 159 -4.51 -0.19 -12.87
N ILE B 160 -3.84 -1.34 -12.97
CA ILE B 160 -2.58 -1.55 -12.26
C ILE B 160 -1.48 -0.67 -12.87
N ALA B 161 -1.51 -0.52 -14.19
CA ALA B 161 -0.57 0.34 -14.92
C ALA B 161 -0.76 1.81 -14.55
N ILE B 162 -2.01 2.20 -14.30
CA ILE B 162 -2.32 3.55 -13.82
C ILE B 162 -1.86 3.72 -12.38
N LEU B 163 -2.11 2.72 -11.54
CA LEU B 163 -1.65 2.75 -10.15
C LEU B 163 -0.13 2.75 -10.05
N ASN B 164 0.55 2.21 -11.07
CA ASN B 164 2.02 2.23 -11.12
C ASN B 164 2.61 3.44 -11.83
N THR B 165 1.74 4.26 -12.45
CA THR B 165 2.17 5.48 -13.08
C THR B 165 2.64 6.47 -12.01
N HIS B 166 3.70 7.20 -12.31
CA HIS B 166 4.26 8.20 -11.42
C HIS B 166 3.15 9.07 -10.78
N GLY B 167 3.09 9.08 -9.46
CA GLY B 167 2.19 9.98 -8.73
C GLY B 167 0.69 9.67 -8.75
N CYS B 168 0.31 8.49 -9.22
CA CYS B 168 -1.11 8.15 -9.36
C CYS B 168 -1.58 7.03 -8.44
N ASN B 169 -0.69 6.54 -7.57
CA ASN B 169 -1.03 5.41 -6.69
C ASN B 169 -1.70 5.87 -5.39
N ILE B 170 -3.03 5.77 -5.34
CA ILE B 170 -3.82 6.22 -4.20
C ILE B 170 -3.73 5.32 -2.98
N PHE B 171 -3.12 4.14 -3.14
CA PHE B 171 -2.94 3.19 -2.05
C PHE B 171 -1.47 3.07 -1.62
N ASP B 172 -0.63 3.95 -2.18
CA ASP B 172 0.80 4.10 -1.84
C ASP B 172 1.27 3.78 -0.44
N HIS B 173 0.49 4.21 0.54
CA HIS B 173 0.91 4.30 1.93
C HIS B 173 0.29 3.21 2.79
N PHE B 174 -0.48 2.32 2.16
CA PHE B 174 -1.09 1.20 2.86
C PHE B 174 -0.01 0.26 3.36
N SER B 175 -0.32 -0.51 4.39
CA SER B 175 0.50 -1.64 4.77
C SER B 175 0.51 -2.62 3.60
N ARG B 176 1.43 -3.58 3.60
CA ARG B 176 1.48 -4.57 2.53
C ARG B 176 0.19 -5.40 2.49
N LYS B 177 -0.41 -5.62 3.66
CA LYS B 177 -1.62 -6.46 3.77
C LYS B 177 -2.84 -5.77 3.15
N ASP B 178 -3.01 -4.48 3.43
CA ASP B 178 -4.18 -3.74 2.96
C ASP B 178 -4.06 -3.42 1.47
N TYR B 179 -2.83 -3.25 1.01
CA TYR B 179 -2.54 -2.98 -0.40
C TYR B 179 -2.90 -4.18 -1.27
N GLN B 180 -2.37 -5.33 -0.88
CA GLN B 180 -2.63 -6.60 -1.57
C GLN B 180 -4.13 -6.95 -1.55
N ARG B 181 -4.78 -6.70 -0.42
CA ARG B 181 -6.23 -6.93 -0.28
C ARG B 181 -7.01 -6.13 -1.33
N MET B 182 -6.72 -4.83 -1.41
CA MET B 182 -7.36 -3.93 -2.35
C MET B 182 -7.17 -4.40 -3.80
N LEU B 183 -5.95 -4.79 -4.14
CA LEU B 183 -5.65 -5.23 -5.52
C LEU B 183 -6.31 -6.55 -5.85
N ASP B 184 -6.38 -7.46 -4.88
CA ASP B 184 -7.09 -8.72 -5.07
C ASP B 184 -8.58 -8.48 -5.27
N LEU B 185 -9.12 -7.52 -4.52
CA LEU B 185 -10.53 -7.17 -4.66
C LEU B 185 -10.79 -6.58 -6.05
N MET B 186 -9.93 -5.65 -6.46
CA MET B 186 -10.09 -5.01 -7.76
C MET B 186 -10.09 -6.04 -8.89
N ARG B 187 -9.24 -7.05 -8.75
CA ARG B 187 -9.18 -8.14 -9.72
C ARG B 187 -10.48 -8.93 -9.76
N ASP B 188 -10.89 -9.47 -8.60
CA ASP B 188 -12.10 -10.29 -8.48
C ASP B 188 -13.35 -9.55 -8.95
N ILE B 189 -13.42 -8.27 -8.60
CA ILE B 189 -14.61 -7.46 -8.91
C ILE B 189 -14.66 -7.10 -10.39
N ILE B 190 -13.52 -6.73 -10.99
CA ILE B 190 -13.49 -6.39 -12.41
C ILE B 190 -13.69 -7.68 -13.25
N LEU B 191 -13.01 -8.75 -12.86
CA LEU B 191 -13.26 -10.06 -13.49
C LEU B 191 -14.75 -10.43 -13.44
N ALA B 192 -15.46 -9.96 -12.41
CA ALA B 192 -16.88 -10.29 -12.23
C ALA B 192 -17.81 -9.62 -13.24
N THR B 193 -17.35 -8.59 -13.95
CA THR B 193 -18.17 -7.94 -14.98
C THR B 193 -18.40 -8.82 -16.22
N ASP B 194 -17.71 -9.96 -16.30
CA ASP B 194 -17.87 -10.87 -17.42
C ASP B 194 -19.15 -11.68 -17.29
N LEU B 195 -19.96 -11.69 -18.35
CA LEU B 195 -21.18 -12.49 -18.39
C LEU B 195 -20.88 -13.96 -18.06
N ALA B 196 -19.75 -14.44 -18.56
CA ALA B 196 -19.31 -15.81 -18.27
C ALA B 196 -19.13 -15.99 -16.77
N HIS B 197 -18.57 -14.99 -16.10
CA HIS B 197 -18.42 -15.05 -14.64
C HIS B 197 -19.78 -15.01 -13.96
N HIS B 198 -20.64 -14.09 -14.37
CA HIS B 198 -21.98 -14.00 -13.81
C HIS B 198 -22.69 -15.34 -13.91
N LEU B 199 -22.72 -15.91 -15.12
CA LEU B 199 -23.37 -17.21 -15.35
C LEU B 199 -22.71 -18.38 -14.59
N ARG B 200 -21.41 -18.27 -14.34
CA ARG B 200 -20.71 -19.24 -13.48
C ARG B 200 -21.25 -19.25 -12.04
N ILE B 201 -21.26 -18.09 -11.40
CA ILE B 201 -21.68 -17.95 -9.99
C ILE B 201 -23.19 -17.87 -9.74
N PHE B 202 -23.99 -17.89 -10.81
CA PHE B 202 -25.43 -17.62 -10.73
C PHE B 202 -26.21 -18.51 -9.75
N LYS B 203 -25.91 -19.81 -9.74
CA LYS B 203 -26.56 -20.76 -8.82
C LYS B 203 -26.25 -20.42 -7.36
N ASP B 204 -25.01 -20.00 -7.10
CA ASP B 204 -24.60 -19.58 -5.75
C ASP B 204 -25.27 -18.27 -5.31
N LEU B 205 -25.50 -17.37 -6.27
CA LEU B 205 -26.21 -16.13 -5.97
C LEU B 205 -27.65 -16.46 -5.55
N GLN B 206 -28.31 -17.33 -6.30
CA GLN B 206 -29.64 -17.84 -5.95
C GLN B 206 -29.63 -18.45 -4.55
N LYS B 207 -28.66 -19.33 -4.31
CA LYS B 207 -28.53 -20.03 -3.03
C LYS B 207 -28.26 -19.06 -1.88
N MET B 208 -27.46 -18.02 -2.12
CA MET B 208 -27.26 -16.97 -1.13
C MET B 208 -28.58 -16.26 -0.83
N ALA B 209 -29.29 -15.87 -1.88
CA ALA B 209 -30.55 -15.12 -1.75
C ALA B 209 -31.70 -15.96 -1.20
N GLU B 210 -31.56 -17.28 -1.16
CA GLU B 210 -32.57 -18.16 -0.57
C GLU B 210 -32.33 -18.32 0.93
N VAL B 211 -31.09 -18.67 1.32
CA VAL B 211 -30.75 -18.84 2.74
C VAL B 211 -30.46 -17.50 3.44
N GLY B 212 -30.45 -16.40 2.68
CA GLY B 212 -30.24 -15.06 3.25
C GLY B 212 -28.77 -14.72 3.37
N TYR B 213 -28.46 -13.44 3.22
CA TYR B 213 -27.09 -12.96 3.32
C TYR B 213 -26.58 -13.10 4.76
N ASP B 214 -25.31 -13.46 4.90
CA ASP B 214 -24.68 -13.69 6.20
C ASP B 214 -23.37 -12.89 6.26
N ARG B 215 -23.39 -11.82 7.06
CA ARG B 215 -22.24 -10.92 7.22
C ARG B 215 -20.93 -11.63 7.57
N ASN B 216 -21.02 -12.73 8.33
CA ASN B 216 -19.84 -13.47 8.79
C ASN B 216 -19.35 -14.53 7.79
N ASN B 217 -20.15 -14.82 6.77
CA ASN B 217 -19.79 -15.78 5.72
C ASN B 217 -18.96 -15.08 4.64
N LYS B 218 -17.64 -15.33 4.64
CA LYS B 218 -16.72 -14.66 3.71
C LYS B 218 -17.07 -14.93 2.24
N GLN B 219 -17.58 -16.12 1.95
CA GLN B 219 -17.96 -16.47 0.58
C GLN B 219 -19.14 -15.63 0.09
N HIS B 220 -20.05 -15.28 1.00
CA HIS B 220 -21.18 -14.43 0.67
C HIS B 220 -20.73 -13.00 0.37
N HIS B 221 -19.71 -12.53 1.08
CA HIS B 221 -19.05 -11.24 0.77
C HIS B 221 -18.61 -11.19 -0.68
N ARG B 222 -17.90 -12.24 -1.11
CA ARG B 222 -17.38 -12.32 -2.49
C ARG B 222 -18.51 -12.26 -3.51
N LEU B 223 -19.55 -13.04 -3.25
CA LEU B 223 -20.68 -13.15 -4.17
C LEU B 223 -21.50 -11.87 -4.24
N LEU B 224 -21.63 -11.18 -3.12
CA LEU B 224 -22.39 -9.93 -3.05
C LEU B 224 -21.70 -8.85 -3.87
N LEU B 225 -20.38 -8.77 -3.74
CA LEU B 225 -19.59 -7.82 -4.51
C LEU B 225 -19.81 -8.02 -6.00
N CYS B 226 -19.79 -9.27 -6.45
CA CYS B 226 -20.05 -9.59 -7.86
C CYS B 226 -21.42 -9.11 -8.31
N LEU B 227 -22.46 -9.51 -7.58
CA LEU B 227 -23.83 -9.09 -7.87
C LEU B 227 -23.93 -7.58 -7.91
N LEU B 228 -23.38 -6.94 -6.90
CA LEU B 228 -23.32 -5.48 -6.84
C LEU B 228 -22.63 -4.89 -8.05
N MET B 229 -21.46 -5.42 -8.39
CA MET B 229 -20.70 -4.92 -9.53
C MET B 229 -21.50 -5.08 -10.82
N THR B 230 -22.12 -6.24 -10.99
CA THR B 230 -22.97 -6.52 -12.14
C THR B 230 -24.17 -5.57 -12.18
N SER B 231 -24.76 -5.31 -11.00
CA SER B 231 -25.88 -4.37 -10.90
C SER B 231 -25.49 -2.95 -11.33
N CYS B 232 -24.28 -2.53 -10.98
CA CYS B 232 -23.79 -1.23 -11.39
C CYS B 232 -23.52 -1.17 -12.89
N ASP B 233 -22.90 -2.22 -13.42
CA ASP B 233 -22.59 -2.32 -14.85
C ASP B 233 -23.88 -2.25 -15.69
N LEU B 234 -24.97 -2.86 -15.22
CA LEU B 234 -26.25 -2.79 -15.93
C LEU B 234 -27.20 -1.71 -15.39
N SER B 235 -26.64 -0.62 -14.85
CA SER B 235 -27.46 0.39 -14.16
C SER B 235 -28.29 1.27 -15.09
N ASP B 236 -27.84 1.46 -16.33
CA ASP B 236 -28.58 2.27 -17.30
C ASP B 236 -30.01 1.76 -17.52
N GLN B 237 -30.24 0.49 -17.20
CA GLN B 237 -31.53 -0.17 -17.38
C GLN B 237 -32.53 0.24 -16.30
N THR B 238 -32.02 0.68 -15.15
CA THR B 238 -32.83 1.02 -13.99
C THR B 238 -33.39 2.45 -14.03
N LYS B 239 -32.99 3.25 -15.01
CA LYS B 239 -33.45 4.64 -15.12
C LYS B 239 -34.80 4.74 -15.85
N GLY B 240 -35.19 5.95 -16.25
CA GLY B 240 -36.41 6.17 -16.99
C GLY B 240 -36.29 5.81 -18.46
N TRP B 241 -37.38 5.31 -19.04
CA TRP B 241 -37.46 4.92 -20.45
C TRP B 241 -36.62 5.76 -21.42
N LYS B 242 -36.63 7.08 -21.24
CA LYS B 242 -35.85 7.96 -22.11
C LYS B 242 -34.37 7.58 -22.07
N THR B 243 -33.84 7.39 -20.87
CA THR B 243 -32.45 6.98 -20.67
C THR B 243 -32.21 5.57 -21.25
N THR B 244 -33.14 4.65 -20.99
CA THR B 244 -33.03 3.27 -21.46
C THR B 244 -32.94 3.17 -22.99
N ARG B 245 -33.85 3.82 -23.70
CA ARG B 245 -33.88 3.78 -25.17
C ARG B 245 -32.67 4.51 -25.78
N LYS B 246 -32.22 5.58 -25.13
CA LYS B 246 -31.02 6.30 -25.55
C LYS B 246 -29.76 5.44 -25.43
N ILE B 247 -29.66 4.68 -24.33
CA ILE B 247 -28.50 3.83 -24.11
C ILE B 247 -28.53 2.60 -25.02
N ALA B 248 -29.72 2.05 -25.25
CA ALA B 248 -29.89 0.93 -26.19
C ALA B 248 -29.31 1.29 -27.57
N GLU B 249 -29.63 2.48 -28.06
CA GLU B 249 -29.09 2.94 -29.33
C GLU B 249 -27.56 2.91 -29.34
N LEU B 250 -26.96 3.42 -28.27
CA LEU B 250 -25.50 3.44 -28.14
C LEU B 250 -24.88 2.05 -28.12
N ILE B 251 -25.57 1.09 -27.51
CA ILE B 251 -25.09 -0.29 -27.48
C ILE B 251 -25.10 -0.91 -28.89
N TYR B 252 -26.25 -0.89 -29.56
CA TYR B 252 -26.35 -1.48 -30.90
C TYR B 252 -25.49 -0.76 -31.96
N LYS B 253 -25.26 0.53 -31.77
CA LYS B 253 -24.30 1.26 -32.60
C LYS B 253 -22.92 0.61 -32.43
N GLU B 254 -22.58 0.26 -31.21
CA GLU B 254 -21.33 -0.42 -30.90
C GLU B 254 -21.36 -1.85 -31.45
N PHE B 255 -22.44 -2.59 -31.14
CA PHE B 255 -22.62 -3.96 -31.62
C PHE B 255 -22.58 -4.07 -33.16
N PHE B 256 -23.23 -3.15 -33.85
CA PHE B 256 -23.24 -3.16 -35.33
C PHE B 256 -21.85 -2.86 -35.89
N SER B 257 -21.15 -1.91 -35.26
CA SER B 257 -19.76 -1.59 -35.61
C SER B 257 -18.85 -2.82 -35.49
N GLN B 258 -19.06 -3.66 -34.49
CA GLN B 258 -18.36 -4.96 -34.40
C GLN B 258 -18.86 -5.93 -35.46
N GLY B 259 -20.16 -5.90 -35.73
CA GLY B 259 -20.76 -6.72 -36.78
C GLY B 259 -20.10 -6.53 -38.14
N ASP B 260 -19.76 -5.30 -38.48
CA ASP B 260 -19.13 -4.97 -39.76
C ASP B 260 -17.73 -5.55 -39.86
N LEU B 261 -16.97 -5.44 -38.77
CA LEU B 261 -15.63 -6.03 -38.72
C LEU B 261 -15.67 -7.54 -38.89
N GLU B 262 -16.69 -8.18 -38.33
CA GLU B 262 -16.86 -9.63 -38.47
C GLU B 262 -17.22 -10.04 -39.90
N LYS B 263 -18.08 -9.24 -40.55
CA LYS B 263 -18.41 -9.44 -41.97
C LYS B 263 -17.18 -9.23 -42.86
N ALA B 264 -16.44 -8.16 -42.62
CA ALA B 264 -15.22 -7.83 -43.39
C ALA B 264 -14.14 -8.91 -43.29
N MET B 265 -14.10 -9.66 -42.19
CA MET B 265 -13.20 -10.80 -42.07
C MET B 265 -13.91 -12.12 -42.43
N GLY B 266 -15.10 -12.02 -43.02
CA GLY B 266 -15.77 -13.16 -43.63
C GLY B 266 -16.40 -14.16 -42.68
N ASN B 267 -16.85 -13.68 -41.52
CA ASN B 267 -17.60 -14.53 -40.59
C ASN B 267 -19.04 -14.05 -40.44
N ARG B 268 -19.90 -14.95 -39.97
CA ARG B 268 -21.31 -14.63 -39.74
C ARG B 268 -21.49 -14.02 -38.35
N PRO B 269 -21.94 -12.75 -38.28
CA PRO B 269 -22.17 -12.16 -36.97
C PRO B 269 -23.52 -12.61 -36.39
N MET B 270 -23.72 -12.37 -35.11
CA MET B 270 -24.99 -12.65 -34.47
C MET B 270 -26.06 -11.72 -35.01
N GLU B 271 -27.32 -12.05 -34.75
CA GLU B 271 -28.44 -11.18 -35.12
C GLU B 271 -28.30 -9.82 -34.45
N MET B 272 -27.99 -9.82 -33.15
CA MET B 272 -27.88 -8.57 -32.38
C MET B 272 -26.72 -7.70 -32.84
N MET B 273 -25.70 -8.33 -33.44
CA MET B 273 -24.55 -7.62 -33.99
C MET B 273 -24.72 -7.25 -35.46
N ASP B 274 -25.79 -7.73 -36.11
CA ASP B 274 -26.03 -7.49 -37.55
C ASP B 274 -27.06 -6.39 -37.80
N ARG B 275 -26.61 -5.24 -38.31
CA ARG B 275 -27.49 -4.09 -38.54
C ARG B 275 -28.69 -4.31 -39.49
N GLU B 276 -28.72 -5.44 -40.20
CA GLU B 276 -29.78 -5.75 -41.16
C GLU B 276 -30.79 -6.79 -40.68
N LYS B 277 -30.37 -7.69 -39.81
CA LYS B 277 -31.24 -8.75 -39.29
C LYS B 277 -31.73 -8.46 -37.87
N ALA B 278 -31.15 -7.45 -37.22
CA ALA B 278 -31.45 -7.16 -35.82
C ALA B 278 -32.77 -6.42 -35.68
N TYR B 279 -33.56 -6.83 -34.68
CA TYR B 279 -34.74 -6.08 -34.28
C TYR B 279 -34.68 -5.79 -32.77
N ILE B 280 -34.22 -4.58 -32.44
CA ILE B 280 -33.81 -4.19 -31.08
C ILE B 280 -34.88 -4.44 -30.00
N PRO B 281 -36.14 -4.06 -30.28
CA PRO B 281 -37.17 -4.30 -29.26
C PRO B 281 -37.22 -5.73 -28.72
N GLU B 282 -37.25 -6.72 -29.61
CA GLU B 282 -37.35 -8.12 -29.22
C GLU B 282 -36.06 -8.62 -28.56
N LEU B 283 -34.93 -8.06 -28.98
CA LEU B 283 -33.64 -8.40 -28.40
C LEU B 283 -33.53 -7.89 -26.98
N GLN B 284 -34.01 -6.67 -26.74
CA GLN B 284 -34.03 -6.08 -25.40
C GLN B 284 -35.03 -6.75 -24.47
N ILE B 285 -36.20 -7.12 -24.99
CA ILE B 285 -37.17 -7.90 -24.22
C ILE B 285 -36.50 -9.17 -23.69
N SER B 286 -35.77 -9.85 -24.57
CA SER B 286 -35.03 -11.07 -24.21
C SER B 286 -33.92 -10.77 -23.21
N PHE B 287 -33.13 -9.74 -23.49
CA PHE B 287 -32.05 -9.34 -22.59
C PHE B 287 -32.54 -9.08 -21.17
N MET B 288 -33.69 -8.42 -21.04
CA MET B 288 -34.27 -8.10 -19.75
C MET B 288 -34.67 -9.35 -18.99
N GLU B 289 -35.45 -10.19 -19.65
CA GLU B 289 -35.99 -11.41 -19.02
C GLU B 289 -34.92 -12.41 -18.64
N HIS B 290 -33.88 -12.51 -19.47
CA HIS B 290 -32.87 -13.55 -19.29
C HIS B 290 -31.69 -13.11 -18.43
N ILE B 291 -31.27 -11.85 -18.54
CA ILE B 291 -30.07 -11.38 -17.87
C ILE B 291 -30.37 -10.30 -16.82
N ALA B 292 -30.86 -9.15 -17.26
CA ALA B 292 -31.04 -8.00 -16.38
C ALA B 292 -32.01 -8.26 -15.22
N MET B 293 -33.27 -8.51 -15.52
CA MET B 293 -34.30 -8.68 -14.48
C MET B 293 -33.91 -9.70 -13.40
N PRO B 294 -33.39 -10.88 -13.79
CA PRO B 294 -32.92 -11.82 -12.77
C PRO B 294 -31.82 -11.28 -11.82
N ILE B 295 -30.97 -10.38 -12.33
CA ILE B 295 -29.90 -9.79 -11.52
C ILE B 295 -30.50 -8.94 -10.40
N TYR B 296 -31.35 -7.99 -10.79
CA TYR B 296 -32.00 -7.08 -9.86
C TYR B 296 -33.04 -7.77 -8.99
N LYS B 297 -33.61 -8.87 -9.48
CA LYS B 297 -34.43 -9.75 -8.66
C LYS B 297 -33.63 -10.33 -7.50
N LEU B 298 -32.42 -10.81 -7.77
CA LEU B 298 -31.53 -11.28 -6.72
C LEU B 298 -31.20 -10.14 -5.76
N LEU B 299 -30.92 -8.95 -6.31
CA LEU B 299 -30.66 -7.77 -5.50
C LEU B 299 -31.86 -7.47 -4.61
N GLN B 300 -33.04 -7.42 -5.22
CA GLN B 300 -34.30 -7.26 -4.48
C GLN B 300 -34.46 -8.32 -3.40
N ASP B 301 -34.24 -9.58 -3.76
CA ASP B 301 -34.31 -10.71 -2.82
C ASP B 301 -33.38 -10.54 -1.62
N LEU B 302 -32.26 -9.85 -1.81
CA LEU B 302 -31.29 -9.62 -0.74
C LEU B 302 -31.52 -8.31 0.01
N PHE B 303 -31.90 -7.27 -0.71
CA PHE B 303 -32.16 -5.95 -0.13
C PHE B 303 -33.58 -5.50 -0.44
N PRO B 304 -34.50 -5.63 0.54
CA PRO B 304 -35.86 -5.12 0.37
C PRO B 304 -35.93 -3.73 -0.30
N LYS B 305 -35.02 -2.83 0.07
CA LYS B 305 -35.03 -1.47 -0.44
C LYS B 305 -34.57 -1.32 -1.90
N ALA B 306 -34.09 -2.41 -2.51
CA ALA B 306 -33.68 -2.40 -3.92
C ALA B 306 -34.84 -2.69 -4.88
N ALA B 307 -35.98 -3.12 -4.34
CA ALA B 307 -37.13 -3.53 -5.17
C ALA B 307 -37.56 -2.48 -6.21
N GLU B 308 -37.34 -1.20 -5.92
CA GLU B 308 -37.69 -0.14 -6.87
C GLU B 308 -36.78 -0.12 -8.11
N LEU B 309 -35.64 -0.80 -8.04
CA LEU B 309 -34.77 -0.96 -9.20
C LEU B 309 -35.36 -2.03 -10.13
N TYR B 310 -35.63 -3.21 -9.58
CA TYR B 310 -36.26 -4.30 -10.32
C TYR B 310 -37.52 -3.83 -11.04
N GLU B 311 -38.45 -3.24 -10.30
CA GLU B 311 -39.71 -2.77 -10.88
C GLU B 311 -39.45 -1.76 -11.98
N ARG B 312 -38.45 -0.90 -11.78
CA ARG B 312 -38.02 0.04 -12.80
C ARG B 312 -37.53 -0.67 -14.07
N VAL B 313 -36.77 -1.76 -13.89
CA VAL B 313 -36.26 -2.53 -15.02
C VAL B 313 -37.41 -3.29 -15.69
N ALA B 314 -38.31 -3.85 -14.88
CA ALA B 314 -39.54 -4.46 -15.38
C ALA B 314 -40.39 -3.45 -16.15
N SER B 315 -40.42 -2.22 -15.64
CA SER B 315 -41.15 -1.13 -16.28
C SER B 315 -40.56 -0.78 -17.64
N ASN B 316 -39.24 -0.78 -17.73
CA ASN B 316 -38.55 -0.57 -19.01
C ASN B 316 -38.79 -1.71 -20.00
N ARG B 317 -39.00 -2.92 -19.48
CA ARG B 317 -39.32 -4.07 -20.32
C ARG B 317 -40.73 -3.93 -20.89
N GLU B 318 -41.65 -3.48 -20.06
CA GLU B 318 -43.02 -3.20 -20.51
C GLU B 318 -42.97 -2.29 -21.73
N HIS B 319 -42.21 -1.19 -21.63
CA HIS B 319 -42.07 -0.23 -22.72
C HIS B 319 -41.63 -0.85 -24.04
N TRP B 320 -40.61 -1.70 -23.99
CA TRP B 320 -40.12 -2.35 -25.21
C TRP B 320 -41.26 -3.15 -25.88
N THR B 321 -42.07 -3.82 -25.06
CA THR B 321 -43.23 -4.55 -25.57
C THR B 321 -44.23 -3.64 -26.29
N LYS B 322 -44.42 -2.44 -25.77
CA LYS B 322 -45.35 -1.47 -26.37
C LYS B 322 -44.78 -0.80 -27.63
N VAL B 323 -43.48 -0.96 -27.88
CA VAL B 323 -42.89 -0.60 -29.17
C VAL B 323 -42.94 -1.81 -30.12
N SER B 324 -42.78 -3.01 -29.56
CA SER B 324 -42.80 -4.26 -30.34
C SER B 324 -44.21 -4.61 -30.80
N GLU C 6 27.93 37.79 -14.33
CA GLU C 6 28.11 36.37 -13.88
C GLU C 6 28.25 36.28 -12.35
N TYR C 7 29.42 36.64 -11.83
CA TYR C 7 29.68 36.61 -10.38
C TYR C 7 29.49 38.00 -9.75
N THR C 8 29.32 39.02 -10.59
CA THR C 8 29.14 40.40 -10.13
C THR C 8 27.79 40.55 -9.43
N LYS C 9 26.73 40.08 -10.08
CA LYS C 9 25.39 40.13 -9.50
C LYS C 9 25.27 39.23 -8.28
N LEU C 10 26.07 38.16 -8.24
CA LEU C 10 26.03 37.21 -7.12
C LEU C 10 26.44 37.88 -5.81
N LEU C 11 27.59 38.54 -5.81
CA LEU C 11 28.08 39.22 -4.60
C LEU C 11 27.47 40.63 -4.41
N HIS C 12 26.72 41.10 -5.39
CA HIS C 12 25.90 42.30 -5.21
C HIS C 12 24.74 42.02 -4.25
N ASP C 13 24.06 40.89 -4.46
CA ASP C 13 22.96 40.47 -3.62
C ASP C 13 23.47 40.19 -2.21
N GLY C 14 24.71 39.70 -2.12
CA GLY C 14 25.33 39.36 -0.86
C GLY C 14 24.95 37.95 -0.45
N ILE C 15 25.73 37.37 0.45
CA ILE C 15 25.38 36.09 1.05
C ILE C 15 24.27 36.33 2.07
N GLN C 16 23.22 35.54 1.99
CA GLN C 16 22.03 35.73 2.81
C GLN C 16 21.97 34.69 3.93
N PRO C 17 21.35 35.03 5.08
CA PRO C 17 21.20 34.03 6.13
C PRO C 17 20.50 32.77 5.62
N VAL C 18 20.79 31.62 6.22
CA VAL C 18 20.26 30.35 5.70
C VAL C 18 18.75 30.19 5.87
N ALA C 19 18.21 30.69 6.98
CA ALA C 19 16.77 30.70 7.20
C ALA C 19 16.04 31.56 6.16
N ALA C 20 16.73 32.55 5.58
CA ALA C 20 16.15 33.40 4.54
C ALA C 20 16.11 32.76 3.14
N ILE C 21 16.72 31.59 2.97
CA ILE C 21 16.63 30.84 1.72
C ILE C 21 15.32 30.06 1.70
N ASP C 22 15.05 29.36 2.81
CA ASP C 22 13.79 28.68 3.03
C ASP C 22 13.74 28.35 4.51
N SER C 23 12.57 28.48 5.15
CA SER C 23 12.46 28.23 6.59
C SER C 23 12.77 26.77 6.94
N ASN C 24 12.63 25.88 5.95
CA ASN C 24 12.90 24.46 6.15
C ASN C 24 14.22 24.00 5.51
N PHE C 25 15.11 24.93 5.21
CA PHE C 25 16.35 24.62 4.51
C PHE C 25 17.20 23.58 5.23
N ALA C 26 17.26 23.67 6.56
CA ALA C 26 18.13 22.79 7.35
C ALA C 26 17.44 21.50 7.78
N SER C 27 16.31 21.17 7.16
CA SER C 27 15.52 19.99 7.51
C SER C 27 15.78 18.84 6.52
N PHE C 28 15.74 17.61 7.03
CA PHE C 28 15.84 16.41 6.18
C PHE C 28 14.68 16.27 5.19
N THR C 29 13.55 16.91 5.48
CA THR C 29 12.39 16.87 4.59
C THR C 29 12.59 17.78 3.36
N TYR C 30 13.58 18.66 3.43
CA TYR C 30 13.83 19.63 2.35
C TYR C 30 14.46 18.94 1.13
N THR C 31 13.96 19.29 -0.06
CA THR C 31 14.43 18.73 -1.31
C THR C 31 15.22 19.77 -2.11
N PRO C 32 16.56 19.63 -2.17
CA PRO C 32 17.46 20.58 -2.83
C PRO C 32 16.99 21.09 -4.21
N ARG C 33 16.42 20.21 -5.02
CA ARG C 33 15.98 20.56 -6.38
C ARG C 33 14.78 21.51 -6.39
N SER C 34 14.11 21.67 -5.24
CA SER C 34 13.05 22.67 -5.10
C SER C 34 13.60 24.08 -5.32
N LEU C 35 14.86 24.30 -4.94
CA LEU C 35 15.51 25.58 -5.13
C LEU C 35 15.83 25.73 -6.62
N PRO C 36 15.52 26.91 -7.21
CA PRO C 36 15.86 27.12 -8.61
C PRO C 36 17.36 27.08 -8.83
N GLU C 37 17.78 26.52 -9.96
CA GLU C 37 19.20 26.36 -10.28
C GLU C 37 19.98 27.68 -10.26
N ASP C 38 19.29 28.78 -10.50
CA ASP C 38 19.91 30.11 -10.51
C ASP C 38 20.30 30.60 -9.12
N ASP C 39 19.69 30.03 -8.08
CA ASP C 39 19.95 30.43 -6.68
C ASP C 39 20.92 29.49 -5.94
N THR C 40 21.43 28.47 -6.63
CA THR C 40 22.22 27.43 -5.99
C THR C 40 23.60 27.93 -5.53
N SER C 41 24.22 28.78 -6.34
CA SER C 41 25.53 29.35 -6.00
C SER C 41 25.43 30.17 -4.72
N MET C 42 24.44 31.05 -4.66
CA MET C 42 24.19 31.85 -3.46
C MET C 42 23.95 30.95 -2.25
N ALA C 43 23.26 29.83 -2.46
CA ALA C 43 23.01 28.85 -1.38
C ALA C 43 24.25 28.13 -0.88
N ILE C 44 25.15 27.77 -1.79
CA ILE C 44 26.43 27.16 -1.40
C ILE C 44 27.17 28.11 -0.46
N LEU C 45 27.27 29.38 -0.86
CA LEU C 45 27.95 30.38 -0.03
C LEU C 45 27.25 30.50 1.31
N SER C 46 25.92 30.59 1.27
CA SER C 46 25.12 30.69 2.49
C SER C 46 25.32 29.49 3.42
N MET C 47 25.47 28.30 2.85
CA MET C 47 25.78 27.12 3.64
C MET C 47 27.19 27.21 4.24
N LEU C 48 28.16 27.70 3.46
CA LEU C 48 29.52 27.87 3.96
C LEU C 48 29.63 28.94 5.05
N GLN C 49 28.87 30.02 4.89
CA GLN C 49 28.77 31.06 5.92
C GLN C 49 28.24 30.47 7.24
N ASP C 50 27.16 29.71 7.15
CA ASP C 50 26.50 29.13 8.33
C ASP C 50 27.42 28.18 9.11
N MET C 51 28.23 27.43 8.37
CA MET C 51 29.19 26.50 8.95
C MET C 51 30.48 27.20 9.43
N ASN C 52 30.55 28.52 9.25
CA ASN C 52 31.65 29.36 9.74
C ASN C 52 32.99 29.07 9.08
N PHE C 53 32.97 28.44 7.90
CA PHE C 53 34.22 28.12 7.22
C PHE C 53 34.79 29.36 6.54
N ILE C 54 33.92 30.28 6.15
CA ILE C 54 34.36 31.54 5.55
C ILE C 54 35.18 32.36 6.55
N ASN C 55 34.68 32.50 7.77
CA ASN C 55 35.38 33.27 8.79
C ASN C 55 36.56 32.52 9.41
N ASN C 56 36.34 31.27 9.80
CA ASN C 56 37.38 30.46 10.46
C ASN C 56 38.64 30.30 9.61
N TYR C 57 38.48 30.24 8.30
CA TYR C 57 39.59 30.02 7.39
C TYR C 57 39.95 31.26 6.56
N LYS C 58 39.31 32.40 6.86
CA LYS C 58 39.61 33.67 6.20
C LYS C 58 39.60 33.54 4.68
N ILE C 59 38.54 32.95 4.15
CA ILE C 59 38.40 32.71 2.71
C ILE C 59 37.97 34.00 2.03
N ASP C 60 38.69 34.39 0.98
CA ASP C 60 38.34 35.56 0.20
C ASP C 60 36.97 35.33 -0.47
N CYS C 61 36.03 36.24 -0.26
CA CYS C 61 34.64 36.08 -0.76
C CYS C 61 34.51 36.16 -2.29
N PRO C 62 35.22 37.11 -2.93
CA PRO C 62 35.29 37.10 -4.39
C PRO C 62 35.87 35.80 -4.96
N THR C 63 36.92 35.29 -4.32
CA THR C 63 37.57 34.05 -4.72
C THR C 63 36.64 32.85 -4.58
N LEU C 64 35.97 32.75 -3.43
CA LEU C 64 35.05 31.65 -3.18
C LEU C 64 33.91 31.66 -4.19
N ALA C 65 33.38 32.85 -4.45
CA ALA C 65 32.33 33.05 -5.44
C ALA C 65 32.72 32.52 -6.81
N ARG C 66 33.89 32.95 -7.29
CA ARG C 66 34.39 32.54 -8.61
C ARG C 66 34.58 31.04 -8.68
N PHE C 67 35.18 30.48 -7.63
CA PHE C 67 35.37 29.03 -7.47
C PHE C 67 34.03 28.28 -7.53
N CYS C 68 33.03 28.81 -6.81
CA CYS C 68 31.71 28.18 -6.77
C CYS C 68 31.06 28.14 -8.16
N LEU C 69 31.26 29.21 -8.92
CA LEU C 69 30.76 29.28 -10.30
C LEU C 69 31.55 28.41 -11.28
N MET C 70 32.84 28.22 -11.04
CA MET C 70 33.66 27.35 -11.88
C MET C 70 33.27 25.89 -11.71
N VAL C 71 33.02 25.49 -10.47
CA VAL C 71 32.55 24.13 -10.19
C VAL C 71 31.23 23.91 -10.90
N LYS C 72 30.31 24.85 -10.73
CA LYS C 72 29.00 24.80 -11.36
C LYS C 72 29.11 24.57 -12.86
N LYS C 73 29.94 25.38 -13.51
CA LYS C 73 30.20 25.27 -14.94
C LYS C 73 31.06 24.04 -15.29
N GLY C 74 31.72 23.47 -14.28
CA GLY C 74 32.53 22.26 -14.47
C GLY C 74 31.71 20.99 -14.68
N TYR C 75 30.42 21.06 -14.39
CA TYR C 75 29.51 19.94 -14.66
C TYR C 75 28.90 20.06 -16.04
N ARG C 76 28.59 18.91 -16.64
CA ARG C 76 27.87 18.85 -17.90
C ARG C 76 26.38 18.64 -17.60
N ASP C 77 25.58 18.44 -18.65
CA ASP C 77 24.14 18.25 -18.48
C ASP C 77 23.63 16.89 -18.98
N PRO C 78 24.14 15.79 -18.41
CA PRO C 78 23.46 14.53 -18.61
C PRO C 78 22.23 14.48 -17.68
N PRO C 79 21.41 13.43 -17.79
CA PRO C 79 20.20 13.32 -16.95
C PRO C 79 20.44 13.38 -15.43
N TYR C 80 21.32 12.55 -14.90
CA TYR C 80 21.56 12.53 -13.45
C TYR C 80 22.80 13.32 -13.00
N HIS C 81 23.98 12.90 -13.44
CA HIS C 81 25.22 13.48 -12.96
C HIS C 81 25.47 14.91 -13.50
N ASN C 82 24.72 15.86 -12.95
CA ASN C 82 24.84 17.27 -13.35
C ASN C 82 25.12 18.13 -12.12
N TRP C 83 25.09 19.45 -12.29
CA TRP C 83 25.34 20.35 -11.17
C TRP C 83 24.36 20.12 -10.02
N MET C 84 23.08 19.96 -10.37
CA MET C 84 22.03 19.75 -9.37
C MET C 84 22.20 18.49 -8.54
N HIS C 85 22.92 17.50 -9.09
CA HIS C 85 23.28 16.33 -8.29
C HIS C 85 24.29 16.72 -7.21
N ALA C 86 25.34 17.43 -7.62
CA ALA C 86 26.41 17.83 -6.72
C ALA C 86 25.92 18.80 -5.64
N PHE C 87 25.04 19.72 -6.04
CA PHE C 87 24.40 20.65 -5.10
C PHE C 87 23.65 19.93 -4.01
N SER C 88 22.82 18.96 -4.39
CA SER C 88 22.00 18.22 -3.45
C SER C 88 22.85 17.35 -2.53
N VAL C 89 23.96 16.83 -3.08
CA VAL C 89 24.93 16.07 -2.29
C VAL C 89 25.63 16.97 -1.29
N SER C 90 25.96 18.19 -1.73
CA SER C 90 26.56 19.18 -0.87
C SER C 90 25.56 19.64 0.17
N HIS C 91 24.32 19.86 -0.27
CA HIS C 91 23.26 20.21 0.65
C HIS C 91 23.04 19.15 1.72
N PHE C 92 23.12 17.87 1.35
CA PHE C 92 22.97 16.81 2.36
C PHE C 92 24.17 16.78 3.33
N CYS C 93 25.35 17.11 2.83
CA CYS C 93 26.52 17.28 3.70
C CYS C 93 26.25 18.36 4.74
N TYR C 94 25.71 19.49 4.28
CA TYR C 94 25.29 20.56 5.18
C TYR C 94 24.27 20.06 6.21
N LEU C 95 23.30 19.27 5.75
CA LEU C 95 22.27 18.76 6.65
C LEU C 95 22.85 17.86 7.73
N LEU C 96 23.81 17.02 7.36
CA LEU C 96 24.45 16.12 8.32
C LEU C 96 25.22 16.95 9.33
N TYR C 97 25.87 18.00 8.87
CA TYR C 97 26.55 18.93 9.78
C TYR C 97 25.55 19.55 10.76
N LYS C 98 24.43 20.04 10.24
CA LYS C 98 23.41 20.69 11.08
C LYS C 98 22.70 19.73 12.02
N ASN C 99 22.26 18.59 11.49
CA ASN C 99 21.37 17.70 12.23
C ASN C 99 22.07 16.66 13.08
N LEU C 100 23.31 16.31 12.74
CA LEU C 100 24.08 15.33 13.51
C LEU C 100 25.21 15.96 14.33
N GLU C 101 25.42 17.27 14.19
CA GLU C 101 26.50 17.98 14.89
C GLU C 101 27.87 17.35 14.65
N LEU C 102 28.28 17.35 13.39
CA LEU C 102 29.55 16.73 12.99
C LEU C 102 30.78 17.39 13.63
N THR C 103 30.61 18.59 14.19
CA THR C 103 31.68 19.26 14.93
C THR C 103 32.14 18.49 16.16
N ASN C 104 31.33 17.54 16.62
CA ASN C 104 31.67 16.68 17.77
C ASN C 104 32.42 15.40 17.37
N TYR C 105 32.50 15.11 16.07
CA TYR C 105 33.12 13.87 15.60
C TYR C 105 34.34 14.10 14.69
N LEU C 106 34.34 15.21 13.96
CA LEU C 106 35.39 15.51 12.99
C LEU C 106 36.00 16.88 13.25
N GLU C 107 37.21 17.09 12.75
CA GLU C 107 37.86 18.41 12.82
C GLU C 107 37.21 19.31 11.78
N ASP C 108 37.33 20.62 12.01
CA ASP C 108 36.77 21.61 11.11
C ASP C 108 37.28 21.47 9.67
N ILE C 109 38.56 21.14 9.54
CA ILE C 109 39.19 21.06 8.23
C ILE C 109 38.72 19.80 7.47
N GLU C 110 38.41 18.74 8.22
CA GLU C 110 37.86 17.52 7.62
C GLU C 110 36.46 17.78 7.11
N ILE C 111 35.66 18.47 7.92
CA ILE C 111 34.27 18.78 7.57
C ILE C 111 34.24 19.73 6.37
N PHE C 112 35.10 20.73 6.39
CA PHE C 112 35.22 21.69 5.30
C PHE C 112 35.61 21.00 4.01
N ALA C 113 36.49 20.01 4.12
CA ALA C 113 36.95 19.26 2.95
C ALA C 113 35.86 18.33 2.41
N LEU C 114 35.07 17.75 3.31
CA LEU C 114 33.95 16.89 2.94
C LEU C 114 32.96 17.68 2.10
N PHE C 115 32.63 18.86 2.58
CA PHE C 115 31.70 19.74 1.87
C PHE C 115 32.26 20.15 0.52
N ILE C 116 33.52 20.54 0.47
CA ILE C 116 34.15 20.93 -0.79
C ILE C 116 34.20 19.73 -1.75
N SER C 117 34.49 18.56 -1.20
CA SER C 117 34.52 17.34 -1.98
C SER C 117 33.15 17.01 -2.59
N CYS C 118 32.08 17.21 -1.81
CA CYS C 118 30.73 17.02 -2.32
C CYS C 118 30.46 17.83 -3.57
N MET C 119 30.82 19.11 -3.52
CA MET C 119 30.67 20.00 -4.67
C MET C 119 31.41 19.51 -5.91
N CYS C 120 32.62 18.97 -5.69
CA CYS C 120 33.55 18.66 -6.78
C CYS C 120 33.57 17.19 -7.21
N HIS C 121 32.71 16.35 -6.66
CA HIS C 121 32.94 14.91 -6.67
C HIS C 121 32.59 14.20 -7.99
N ASP C 122 31.78 14.83 -8.85
CA ASP C 122 31.43 14.28 -10.17
C ASP C 122 31.69 15.28 -11.28
N LEU C 123 32.65 16.19 -11.09
CA LEU C 123 33.02 17.16 -12.11
C LEU C 123 33.34 16.47 -13.43
N ASP C 124 32.74 16.97 -14.51
CA ASP C 124 32.98 16.48 -15.87
C ASP C 124 32.54 15.01 -16.06
N HIS C 125 31.51 14.59 -15.33
CA HIS C 125 30.89 13.29 -15.56
C HIS C 125 30.17 13.31 -16.92
N ARG C 126 30.28 12.21 -17.68
CA ARG C 126 29.74 12.15 -19.05
C ARG C 126 28.44 11.34 -19.16
N GLY C 127 27.93 10.89 -18.02
CA GLY C 127 26.74 10.03 -17.97
C GLY C 127 27.08 8.57 -18.21
N THR C 128 28.36 8.23 -18.02
CA THR C 128 28.83 6.85 -18.14
C THR C 128 29.78 6.51 -16.99
N ASN C 129 29.85 5.23 -16.65
CA ASN C 129 30.60 4.78 -15.47
C ASN C 129 32.05 4.33 -15.79
N ASN C 130 32.72 3.71 -14.81
CA ASN C 130 34.13 3.31 -14.97
C ASN C 130 34.34 2.22 -16.02
N SER C 131 33.53 1.16 -15.98
CA SER C 131 33.57 0.10 -16.99
C SER C 131 33.59 0.64 -18.40
N PHE C 132 32.67 1.57 -18.67
CA PHE C 132 32.52 2.10 -20.01
C PHE C 132 33.73 2.89 -20.47
N GLN C 133 34.39 3.56 -19.52
CA GLN C 133 35.62 4.26 -19.85
C GLN C 133 36.62 3.23 -20.40
N VAL C 134 36.81 2.14 -19.66
CA VAL C 134 37.73 1.08 -20.09
C VAL C 134 37.33 0.49 -21.45
N ALA C 135 36.12 -0.06 -21.52
CA ALA C 135 35.58 -0.69 -22.73
C ALA C 135 35.66 0.19 -23.98
N SER C 136 35.41 1.49 -23.82
CA SER C 136 35.46 2.43 -24.95
C SER C 136 36.85 3.04 -25.19
N LYS C 137 37.86 2.56 -24.46
CA LYS C 137 39.23 3.06 -24.61
C LYS C 137 39.34 4.58 -24.45
N SER C 138 38.69 5.13 -23.42
CA SER C 138 38.68 6.58 -23.20
C SER C 138 40.04 7.10 -22.74
N VAL C 139 40.37 8.33 -23.14
CA VAL C 139 41.56 9.02 -22.65
C VAL C 139 41.66 8.91 -21.13
N LEU C 140 40.52 9.00 -20.45
CA LEU C 140 40.46 8.91 -18.99
C LEU C 140 40.87 7.52 -18.50
N ALA C 141 40.40 6.48 -19.19
CA ALA C 141 40.79 5.11 -18.87
C ALA C 141 42.28 4.89 -19.16
N ALA C 142 42.82 5.60 -20.15
CA ALA C 142 44.26 5.54 -20.43
C ALA C 142 45.06 6.12 -19.25
N LEU C 143 44.65 7.30 -18.78
CA LEU C 143 45.33 7.99 -17.68
C LEU C 143 45.23 7.27 -16.33
N TYR C 144 44.08 6.65 -16.05
CA TYR C 144 43.73 6.27 -14.69
C TYR C 144 43.36 4.81 -14.42
N SER C 145 43.01 4.03 -15.44
CA SER C 145 42.34 2.72 -15.20
C SER C 145 43.20 1.68 -14.48
N SER C 146 44.52 1.81 -14.58
CA SER C 146 45.44 0.88 -13.91
C SER C 146 45.41 1.03 -12.40
N GLU C 147 45.25 2.27 -11.94
CA GLU C 147 45.12 2.59 -10.52
C GLU C 147 43.68 2.47 -10.04
N GLY C 148 42.74 2.33 -10.97
CA GLY C 148 41.33 2.10 -10.65
C GLY C 148 40.56 3.37 -10.40
N SER C 149 39.24 3.24 -10.25
CA SER C 149 38.32 4.36 -10.01
C SER C 149 38.53 5.44 -11.06
N VAL C 150 38.28 5.09 -12.31
CA VAL C 150 38.63 5.96 -13.44
C VAL C 150 38.08 7.36 -13.25
N MET C 151 36.76 7.48 -13.25
CA MET C 151 36.10 8.79 -13.19
C MET C 151 36.42 9.56 -11.91
N GLU C 152 36.50 8.86 -10.78
CA GLU C 152 36.79 9.51 -9.51
C GLU C 152 38.12 10.29 -9.57
N ARG C 153 39.15 9.66 -10.11
CA ARG C 153 40.44 10.32 -10.27
C ARG C 153 40.33 11.53 -11.17
N HIS C 154 39.53 11.41 -12.24
CA HIS C 154 39.29 12.51 -13.13
C HIS C 154 38.58 13.66 -12.40
N HIS C 155 37.53 13.32 -11.65
CA HIS C 155 36.77 14.31 -10.88
C HIS C 155 37.71 15.12 -9.96
N PHE C 156 38.61 14.42 -9.28
CA PHE C 156 39.61 15.07 -8.43
C PHE C 156 40.52 15.99 -9.24
N ALA C 157 41.02 15.49 -10.36
CA ALA C 157 41.91 16.26 -11.23
C ALA C 157 41.21 17.50 -11.78
N GLN C 158 39.90 17.39 -12.00
CA GLN C 158 39.11 18.53 -12.48
C GLN C 158 38.97 19.57 -11.37
N ALA C 159 38.86 19.11 -10.13
CA ALA C 159 38.80 20.00 -8.97
C ALA C 159 40.08 20.80 -8.81
N ILE C 160 41.22 20.13 -8.93
CA ILE C 160 42.52 20.79 -8.86
C ILE C 160 42.70 21.82 -9.99
N ALA C 161 42.24 21.48 -11.19
CA ALA C 161 42.31 22.41 -12.33
C ALA C 161 41.54 23.69 -12.03
N ILE C 162 40.33 23.54 -11.50
CA ILE C 162 39.54 24.69 -11.07
C ILE C 162 40.26 25.49 -9.99
N LEU C 163 40.79 24.79 -8.99
CA LEU C 163 41.49 25.45 -7.88
C LEU C 163 42.72 26.23 -8.33
N ASN C 164 43.40 25.74 -9.38
CA ASN C 164 44.58 26.43 -9.90
C ASN C 164 44.29 27.28 -11.12
N THR C 165 43.01 27.56 -11.35
CA THR C 165 42.60 28.59 -12.29
C THR C 165 42.76 29.93 -11.57
N HIS C 166 43.14 30.97 -12.29
CA HIS C 166 43.44 32.27 -11.68
C HIS C 166 42.20 32.86 -10.98
N GLY C 167 42.35 33.15 -9.69
CA GLY C 167 41.29 33.76 -8.88
C GLY C 167 40.29 32.79 -8.25
N CYS C 168 40.57 31.50 -8.36
CA CYS C 168 39.70 30.46 -7.81
C CYS C 168 40.33 29.68 -6.66
N ASN C 169 41.58 30.00 -6.34
CA ASN C 169 42.32 29.25 -5.33
C ASN C 169 41.91 29.71 -3.92
N ILE C 170 41.00 28.94 -3.32
CA ILE C 170 40.46 29.27 -2.00
C ILE C 170 41.31 28.72 -0.86
N PHE C 171 42.37 27.98 -1.17
CA PHE C 171 43.28 27.47 -0.14
C PHE C 171 44.64 28.18 -0.10
N ASP C 172 44.95 29.00 -1.09
CA ASP C 172 46.32 29.52 -1.25
C ASP C 172 46.87 30.24 -0.01
N HIS C 173 45.98 30.89 0.74
CA HIS C 173 46.37 31.60 1.95
C HIS C 173 46.54 30.68 3.17
N PHE C 174 46.32 29.37 3.01
CA PHE C 174 46.48 28.40 4.10
C PHE C 174 47.97 28.13 4.37
N SER C 175 48.25 27.51 5.52
CA SER C 175 49.58 27.00 5.82
C SER C 175 49.84 25.74 5.00
N ARG C 176 51.12 25.40 4.83
CA ARG C 176 51.50 24.24 4.03
C ARG C 176 50.88 22.94 4.54
N LYS C 177 50.87 22.76 5.86
CA LYS C 177 50.30 21.57 6.49
C LYS C 177 48.80 21.42 6.23
N ASP C 178 48.07 22.55 6.36
CA ASP C 178 46.62 22.56 6.11
C ASP C 178 46.31 22.39 4.61
N TYR C 179 47.11 23.07 3.78
CA TYR C 179 46.96 22.98 2.33
C TYR C 179 47.01 21.54 1.84
N GLN C 180 48.06 20.82 2.22
CA GLN C 180 48.26 19.44 1.77
C GLN C 180 47.24 18.50 2.39
N ARG C 181 46.98 18.65 3.68
CA ARG C 181 45.95 17.86 4.35
C ARG C 181 44.61 18.00 3.62
N MET C 182 44.21 19.24 3.35
CA MET C 182 43.02 19.52 2.55
C MET C 182 43.08 18.79 1.20
N LEU C 183 44.20 18.97 0.51
CA LEU C 183 44.42 18.34 -0.79
C LEU C 183 44.28 16.82 -0.72
N ASP C 184 44.84 16.23 0.34
CA ASP C 184 44.79 14.78 0.53
C ASP C 184 43.38 14.31 0.91
N LEU C 185 42.70 15.06 1.78
CA LEU C 185 41.32 14.74 2.17
C LEU C 185 40.40 14.73 0.95
N MET C 186 40.51 15.75 0.10
CA MET C 186 39.71 15.86 -1.13
C MET C 186 39.87 14.64 -2.04
N ARG C 187 41.12 14.23 -2.29
CA ARG C 187 41.37 13.05 -3.10
C ARG C 187 40.69 11.83 -2.49
N ASP C 188 40.99 11.54 -1.22
CA ASP C 188 40.47 10.34 -0.54
C ASP C 188 38.95 10.32 -0.44
N ILE C 189 38.36 11.48 -0.19
CA ILE C 189 36.91 11.59 -0.07
C ILE C 189 36.23 11.43 -1.44
N ILE C 190 36.80 12.05 -2.48
CA ILE C 190 36.27 11.87 -3.82
C ILE C 190 36.40 10.41 -4.25
N LEU C 191 37.59 9.84 -4.08
CA LEU C 191 37.80 8.42 -4.37
C LEU C 191 36.85 7.49 -3.60
N ALA C 192 36.50 7.89 -2.38
CA ALA C 192 35.57 7.13 -1.56
C ALA C 192 34.15 6.97 -2.17
N THR C 193 33.78 7.83 -3.12
CA THR C 193 32.50 7.74 -3.83
C THR C 193 32.35 6.50 -4.71
N ASP C 194 33.46 5.89 -5.10
CA ASP C 194 33.43 4.66 -5.92
C ASP C 194 32.82 3.52 -5.12
N LEU C 195 31.93 2.76 -5.75
CA LEU C 195 31.36 1.57 -5.11
C LEU C 195 32.48 0.59 -4.70
N ALA C 196 33.46 0.42 -5.60
CA ALA C 196 34.59 -0.47 -5.35
C ALA C 196 35.34 -0.13 -4.06
N HIS C 197 35.40 1.15 -3.73
CA HIS C 197 36.03 1.62 -2.48
C HIS C 197 35.16 1.26 -1.28
N HIS C 198 33.85 1.54 -1.39
CA HIS C 198 32.92 1.30 -0.29
C HIS C 198 32.88 -0.17 0.11
N LEU C 199 32.90 -1.05 -0.89
CA LEU C 199 32.86 -2.49 -0.64
C LEU C 199 34.14 -2.97 0.06
N ARG C 200 35.28 -2.37 -0.31
CA ARG C 200 36.57 -2.72 0.30
C ARG C 200 36.61 -2.42 1.79
N ILE C 201 36.07 -1.26 2.16
CA ILE C 201 36.12 -0.78 3.54
C ILE C 201 34.86 -1.09 4.34
N PHE C 202 33.90 -1.79 3.74
CA PHE C 202 32.63 -2.06 4.41
C PHE C 202 32.82 -2.75 5.74
N LYS C 203 33.65 -3.80 5.76
CA LYS C 203 33.92 -4.56 6.98
C LYS C 203 34.40 -3.64 8.12
N ASP C 204 35.38 -2.79 7.83
CA ASP C 204 35.90 -1.84 8.81
C ASP C 204 34.83 -0.88 9.34
N LEU C 205 33.90 -0.48 8.47
CA LEU C 205 32.78 0.38 8.86
C LEU C 205 31.88 -0.29 9.90
N GLN C 206 31.64 -1.58 9.70
CA GLN C 206 30.81 -2.37 10.63
C GLN C 206 31.48 -2.43 12.00
N LYS C 207 32.80 -2.55 11.99
CA LYS C 207 33.59 -2.64 13.22
C LYS C 207 33.50 -1.34 14.01
N MET C 208 33.82 -0.24 13.35
CA MET C 208 33.69 1.09 13.94
C MET C 208 32.30 1.28 14.53
N ALA C 209 31.28 0.85 13.81
CA ALA C 209 29.90 0.93 14.29
C ALA C 209 29.68 0.07 15.55
N GLU C 210 30.17 -1.16 15.54
CA GLU C 210 29.90 -2.09 16.64
C GLU C 210 30.64 -1.72 17.92
N VAL C 211 31.83 -1.16 17.78
CA VAL C 211 32.62 -0.69 18.93
C VAL C 211 32.14 0.69 19.39
N GLY C 212 31.87 1.58 18.43
CA GLY C 212 31.52 2.97 18.71
C GLY C 212 32.57 3.91 18.16
N TYR C 213 32.15 5.09 17.73
CA TYR C 213 33.08 6.07 17.18
C TYR C 213 33.97 6.64 18.29
N ASP C 214 35.17 7.05 17.92
CA ASP C 214 36.16 7.56 18.87
C ASP C 214 36.94 8.71 18.23
N ARG C 215 36.72 9.91 18.74
CA ARG C 215 37.40 11.12 18.28
C ARG C 215 38.92 10.96 18.08
N ASN C 216 39.58 10.25 18.99
CA ASN C 216 41.06 10.16 18.99
C ASN C 216 41.64 9.07 18.08
N ASN C 217 40.77 8.43 17.30
CA ASN C 217 41.16 7.38 16.37
C ASN C 217 41.15 7.92 14.94
N LYS C 218 42.33 8.22 14.42
CA LYS C 218 42.48 8.78 13.07
C LYS C 218 41.91 7.89 11.96
N GLN C 219 41.92 6.58 12.16
CA GLN C 219 41.31 5.64 11.21
C GLN C 219 39.79 5.81 11.15
N HIS C 220 39.17 6.01 12.31
CA HIS C 220 37.72 6.22 12.38
C HIS C 220 37.31 7.51 11.70
N HIS C 221 38.12 8.56 11.85
CA HIS C 221 37.92 9.79 11.10
C HIS C 221 37.87 9.48 9.59
N ARG C 222 38.90 8.80 9.09
CA ARG C 222 38.95 8.38 7.70
C ARG C 222 37.67 7.65 7.27
N LEU C 223 37.32 6.61 8.00
CA LEU C 223 36.20 5.75 7.66
C LEU C 223 34.88 6.51 7.75
N LEU C 224 34.74 7.33 8.78
CA LEU C 224 33.55 8.13 8.96
C LEU C 224 33.36 9.05 7.75
N LEU C 225 34.43 9.73 7.35
CA LEU C 225 34.39 10.63 6.20
C LEU C 225 33.87 9.89 4.96
N CYS C 226 34.45 8.72 4.69
CA CYS C 226 34.02 7.88 3.57
C CYS C 226 32.54 7.50 3.68
N LEU C 227 32.10 7.09 4.87
CA LEU C 227 30.68 6.78 5.10
C LEU C 227 29.82 8.01 4.81
N LEU C 228 30.18 9.14 5.43
CA LEU C 228 29.42 10.38 5.22
C LEU C 228 29.38 10.78 3.75
N MET C 229 30.51 10.65 3.05
CA MET C 229 30.53 10.98 1.62
C MET C 229 29.52 10.13 0.83
N THR C 230 29.50 8.83 1.11
CA THR C 230 28.63 7.91 0.38
C THR C 230 27.14 8.06 0.74
N SER C 231 26.84 8.46 1.98
CA SER C 231 25.45 8.76 2.35
C SER C 231 24.98 10.11 1.77
N CYS C 232 25.92 10.94 1.32
CA CYS C 232 25.60 12.18 0.61
C CYS C 232 25.37 11.89 -0.89
N ASP C 233 26.22 11.05 -1.48
CA ASP C 233 26.10 10.70 -2.90
C ASP C 233 24.76 9.99 -3.16
N LEU C 234 24.30 9.22 -2.16
CA LEU C 234 23.05 8.48 -2.28
C LEU C 234 21.88 9.14 -1.53
N SER C 235 21.98 10.45 -1.29
CA SER C 235 20.99 11.15 -0.45
C SER C 235 19.57 11.18 -1.03
N ASP C 236 19.45 11.13 -2.36
CA ASP C 236 18.13 11.11 -3.01
C ASP C 236 17.23 9.98 -2.49
N GLN C 237 17.85 8.91 -1.99
CA GLN C 237 17.14 7.78 -1.41
C GLN C 237 16.47 8.09 -0.07
N THR C 238 16.86 9.17 0.59
CA THR C 238 16.31 9.52 1.92
C THR C 238 15.17 10.55 1.86
N LYS C 239 14.74 10.90 0.66
CA LYS C 239 13.74 11.95 0.47
C LYS C 239 12.34 11.36 0.28
N GLY C 240 11.37 12.22 -0.01
CA GLY C 240 10.00 11.77 -0.28
C GLY C 240 9.92 10.92 -1.54
N TRP C 241 8.87 10.11 -1.62
CA TRP C 241 8.71 9.13 -2.69
C TRP C 241 8.74 9.77 -4.07
N LYS C 242 8.04 10.90 -4.21
CA LYS C 242 8.02 11.63 -5.49
C LYS C 242 9.43 12.03 -5.96
N THR C 243 10.28 12.49 -5.05
CA THR C 243 11.68 12.81 -5.38
C THR C 243 12.47 11.56 -5.75
N THR C 244 12.50 10.57 -4.86
CA THR C 244 13.29 9.36 -5.08
C THR C 244 12.99 8.69 -6.42
N ARG C 245 11.71 8.49 -6.72
CA ARG C 245 11.29 7.94 -8.01
C ARG C 245 11.71 8.85 -9.17
N LYS C 246 11.49 10.15 -9.01
CA LYS C 246 11.91 11.12 -10.03
C LYS C 246 13.40 10.92 -10.37
N ILE C 247 14.22 10.73 -9.35
CA ILE C 247 15.66 10.52 -9.53
C ILE C 247 16.00 9.14 -10.12
N ALA C 248 15.18 8.13 -9.84
CA ALA C 248 15.36 6.82 -10.49
C ALA C 248 15.28 6.94 -12.02
N GLU C 249 14.28 7.69 -12.49
CA GLU C 249 14.11 7.96 -13.93
C GLU C 249 15.37 8.56 -14.54
N LEU C 250 15.92 9.56 -13.87
CA LEU C 250 17.10 10.26 -14.37
C LEU C 250 18.30 9.31 -14.43
N ILE C 251 18.44 8.46 -13.42
CA ILE C 251 19.54 7.49 -13.36
C ILE C 251 19.43 6.44 -14.47
N TYR C 252 18.23 5.90 -14.70
CA TYR C 252 18.05 4.85 -15.71
C TYR C 252 18.11 5.37 -17.15
N LYS C 253 17.76 6.64 -17.34
CA LYS C 253 18.01 7.28 -18.64
C LYS C 253 19.50 7.32 -18.97
N GLU C 254 20.33 7.61 -17.96
CA GLU C 254 21.78 7.72 -18.11
C GLU C 254 22.37 6.35 -18.44
N PHE C 255 21.95 5.37 -17.68
CA PHE C 255 22.33 3.96 -17.84
C PHE C 255 21.99 3.39 -19.22
N PHE C 256 20.76 3.63 -19.67
CA PHE C 256 20.30 3.05 -20.94
C PHE C 256 21.06 3.62 -22.13
N SER C 257 21.44 4.90 -22.06
CA SER C 257 22.32 5.50 -23.05
C SER C 257 23.67 4.79 -23.08
N GLN C 258 24.22 4.48 -21.91
CA GLN C 258 25.48 3.74 -21.86
C GLN C 258 25.27 2.34 -22.43
N GLY C 259 24.15 1.71 -22.07
CA GLY C 259 23.78 0.41 -22.60
C GLY C 259 23.71 0.39 -24.12
N ASP C 260 23.12 1.42 -24.70
CA ASP C 260 23.02 1.55 -26.15
C ASP C 260 24.40 1.61 -26.82
N LEU C 261 25.32 2.33 -26.19
CA LEU C 261 26.69 2.45 -26.71
C LEU C 261 27.46 1.15 -26.59
N GLU C 262 27.12 0.33 -25.60
CA GLU C 262 27.77 -0.97 -25.39
C GLU C 262 27.33 -2.02 -26.42
N LYS C 263 26.02 -2.09 -26.70
CA LYS C 263 25.49 -3.00 -27.72
C LYS C 263 26.07 -2.64 -29.08
N ALA C 264 26.12 -1.34 -29.36
CA ALA C 264 26.62 -0.83 -30.64
C ALA C 264 28.12 -1.11 -30.88
N MET C 265 28.88 -1.35 -29.81
CA MET C 265 30.26 -1.82 -29.98
C MET C 265 30.39 -3.34 -29.73
N GLY C 266 29.25 -4.02 -29.77
CA GLY C 266 29.21 -5.48 -29.76
C GLY C 266 29.23 -6.15 -28.39
N ASN C 267 28.96 -5.39 -27.33
CA ASN C 267 29.02 -5.93 -25.96
C ASN C 267 27.66 -5.93 -25.27
N ARG C 268 27.36 -7.05 -24.61
CA ARG C 268 26.09 -7.24 -23.93
C ARG C 268 26.09 -6.50 -22.59
N PRO C 269 25.28 -5.43 -22.47
CA PRO C 269 25.34 -4.59 -21.28
C PRO C 269 24.74 -5.25 -20.04
N MET C 270 25.03 -4.67 -18.88
CA MET C 270 24.43 -5.10 -17.63
C MET C 270 22.92 -5.00 -17.74
N GLU C 271 22.23 -5.85 -17.00
CA GLU C 271 20.77 -5.86 -16.99
C GLU C 271 20.23 -4.46 -16.68
N MET C 272 20.81 -3.82 -15.68
CA MET C 272 20.33 -2.51 -15.21
C MET C 272 20.51 -1.40 -16.25
N MET C 273 21.38 -1.61 -17.24
CA MET C 273 21.62 -0.65 -18.30
C MET C 273 20.99 -1.06 -19.63
N ASP C 274 20.21 -2.14 -19.60
CA ASP C 274 19.57 -2.66 -20.80
C ASP C 274 18.11 -2.21 -20.84
N ARG C 275 17.82 -1.19 -21.65
CA ARG C 275 16.45 -0.65 -21.78
C ARG C 275 15.38 -1.69 -22.18
N GLU C 276 15.81 -2.90 -22.52
CA GLU C 276 14.96 -3.95 -23.05
C GLU C 276 14.66 -5.04 -22.02
N LYS C 277 15.57 -5.25 -21.08
CA LYS C 277 15.42 -6.29 -20.06
C LYS C 277 15.28 -5.74 -18.63
N ALA C 278 15.53 -4.45 -18.46
CA ALA C 278 15.58 -3.85 -17.12
C ALA C 278 14.18 -3.67 -16.54
N TYR C 279 13.92 -4.35 -15.42
CA TYR C 279 12.71 -4.08 -14.64
C TYR C 279 13.10 -3.21 -13.44
N ILE C 280 12.84 -1.91 -13.57
CA ILE C 280 13.34 -0.91 -12.62
C ILE C 280 12.99 -1.20 -11.15
N PRO C 281 11.71 -1.48 -10.85
CA PRO C 281 11.34 -1.75 -9.47
C PRO C 281 12.20 -2.80 -8.75
N GLU C 282 12.44 -3.95 -9.37
CA GLU C 282 13.24 -5.03 -8.74
C GLU C 282 14.73 -4.67 -8.60
N LEU C 283 15.26 -3.93 -9.56
CA LEU C 283 16.65 -3.45 -9.51
C LEU C 283 16.85 -2.47 -8.35
N GLN C 284 15.89 -1.56 -8.17
CA GLN C 284 15.95 -0.59 -7.08
C GLN C 284 15.80 -1.26 -5.71
N ILE C 285 14.94 -2.28 -5.63
CA ILE C 285 14.79 -3.09 -4.42
C ILE C 285 16.11 -3.77 -4.10
N SER C 286 16.78 -4.24 -5.14
CA SER C 286 18.08 -4.87 -4.99
C SER C 286 19.11 -3.84 -4.53
N PHE C 287 19.17 -2.70 -5.22
CA PHE C 287 20.14 -1.66 -4.87
C PHE C 287 20.01 -1.21 -3.42
N MET C 288 18.78 -1.05 -2.95
CA MET C 288 18.57 -0.54 -1.60
C MET C 288 18.83 -1.61 -0.54
N GLU C 289 18.47 -2.86 -0.83
CA GLU C 289 18.74 -3.95 0.10
C GLU C 289 20.24 -4.22 0.24
N HIS C 290 20.96 -4.20 -0.88
CA HIS C 290 22.38 -4.54 -0.88
C HIS C 290 23.30 -3.36 -0.58
N ILE C 291 22.96 -2.19 -1.10
CA ILE C 291 23.88 -1.06 -1.04
C ILE C 291 23.40 0.07 -0.14
N ALA C 292 22.18 0.57 -0.37
CA ALA C 292 21.73 1.81 0.25
C ALA C 292 21.34 1.66 1.72
N MET C 293 20.46 0.70 2.03
CA MET C 293 20.00 0.50 3.40
C MET C 293 21.14 0.15 4.37
N PRO C 294 22.06 -0.73 3.94
CA PRO C 294 23.23 -0.98 4.79
C PRO C 294 24.05 0.28 5.12
N ILE C 295 24.16 1.20 4.16
CA ILE C 295 24.90 2.46 4.39
C ILE C 295 24.22 3.31 5.46
N TYR C 296 22.90 3.47 5.33
CA TYR C 296 22.14 4.26 6.28
C TYR C 296 21.87 3.52 7.60
N LYS C 297 21.96 2.20 7.59
CA LYS C 297 21.95 1.45 8.84
C LYS C 297 23.23 1.75 9.64
N LEU C 298 24.37 1.79 8.95
CA LEU C 298 25.65 2.13 9.61
C LEU C 298 25.63 3.55 10.15
N LEU C 299 25.09 4.47 9.35
CA LEU C 299 24.94 5.86 9.80
C LEU C 299 24.04 5.94 11.03
N GLN C 300 22.95 5.18 11.02
CA GLN C 300 22.02 5.13 12.16
C GLN C 300 22.70 4.55 13.41
N ASP C 301 23.48 3.48 13.22
CA ASP C 301 24.20 2.85 14.32
C ASP C 301 25.29 3.75 14.91
N LEU C 302 25.73 4.74 14.15
CA LEU C 302 26.74 5.70 14.61
C LEU C 302 26.11 7.00 15.15
N PHE C 303 24.99 7.41 14.55
CA PHE C 303 24.28 8.61 14.95
C PHE C 303 22.80 8.27 15.17
N PRO C 304 22.39 8.13 16.44
CA PRO C 304 20.97 7.91 16.75
C PRO C 304 20.03 8.89 16.04
N LYS C 305 20.45 10.14 15.91
CA LYS C 305 19.65 11.17 15.23
C LYS C 305 19.46 10.89 13.72
N ALA C 306 20.27 10.00 13.16
CA ALA C 306 20.15 9.61 11.74
C ALA C 306 19.15 8.47 11.50
N ALA C 307 18.36 8.13 12.51
CA ALA C 307 17.42 7.01 12.41
C ALA C 307 16.36 7.23 11.34
N GLU C 308 15.90 8.47 11.20
CA GLU C 308 14.84 8.78 10.23
C GLU C 308 15.34 8.71 8.78
N LEU C 309 16.65 8.83 8.57
CA LEU C 309 17.22 8.64 7.23
C LEU C 309 17.07 7.19 6.81
N TYR C 310 17.51 6.27 7.66
CA TYR C 310 17.34 4.84 7.41
C TYR C 310 15.88 4.46 7.15
N GLU C 311 14.97 4.97 7.97
CA GLU C 311 13.56 4.59 7.82
C GLU C 311 12.95 5.14 6.53
N ARG C 312 13.38 6.33 6.11
CA ARG C 312 12.93 6.91 4.84
C ARG C 312 13.47 6.13 3.64
N VAL C 313 14.62 5.48 3.80
CA VAL C 313 15.17 4.62 2.74
C VAL C 313 14.39 3.30 2.72
N ALA C 314 14.18 2.70 3.89
CA ALA C 314 13.36 1.49 3.99
C ALA C 314 11.94 1.78 3.49
N SER C 315 11.39 2.92 3.90
CA SER C 315 10.08 3.35 3.43
C SER C 315 10.02 3.35 1.90
N ASN C 316 11.05 3.90 1.26
CA ASN C 316 11.14 3.95 -0.20
C ASN C 316 11.31 2.59 -0.86
N ARG C 317 11.87 1.63 -0.14
CA ARG C 317 11.94 0.24 -0.60
C ARG C 317 10.54 -0.39 -0.65
N GLU C 318 9.66 0.00 0.27
CA GLU C 318 8.28 -0.48 0.26
C GLU C 318 7.57 0.02 -1.00
N HIS C 319 7.75 1.30 -1.28
CA HIS C 319 7.13 1.93 -2.45
C HIS C 319 7.46 1.21 -3.75
N TRP C 320 8.70 0.76 -3.90
CA TRP C 320 9.10 -0.02 -5.07
C TRP C 320 8.46 -1.41 -5.07
N THR C 321 8.35 -2.03 -3.91
CA THR C 321 7.69 -3.33 -3.80
C THR C 321 6.25 -3.27 -4.29
N LYS C 322 5.54 -2.22 -3.88
CA LYS C 322 4.17 -2.01 -4.32
C LYS C 322 4.10 -1.92 -5.84
N VAL C 323 5.06 -1.22 -6.44
CA VAL C 323 5.13 -1.03 -7.90
C VAL C 323 5.61 -2.30 -8.65
N SER C 324 6.17 -3.27 -7.93
CA SER C 324 6.57 -4.56 -8.48
C SER C 324 5.73 -5.69 -7.88
N GLU D 6 -18.02 -44.78 -20.96
CA GLU D 6 -16.67 -44.15 -21.10
C GLU D 6 -15.55 -45.19 -21.04
N TYR D 7 -15.51 -45.95 -19.95
CA TYR D 7 -14.46 -46.95 -19.71
C TYR D 7 -14.60 -48.15 -20.66
N THR D 8 -15.83 -48.45 -21.08
CA THR D 8 -16.08 -49.45 -22.12
C THR D 8 -15.60 -48.96 -23.49
N LYS D 9 -15.71 -47.64 -23.70
CA LYS D 9 -15.24 -47.00 -24.92
C LYS D 9 -13.75 -46.62 -24.88
N LEU D 10 -13.16 -46.62 -23.68
CA LEU D 10 -11.74 -46.29 -23.50
C LEU D 10 -10.84 -47.40 -24.03
N LEU D 11 -11.26 -48.65 -23.85
CA LEU D 11 -10.44 -49.82 -24.18
C LEU D 11 -10.81 -50.45 -25.54
N HIS D 12 -11.63 -49.78 -26.33
CA HIS D 12 -12.24 -50.37 -27.53
C HIS D 12 -11.23 -51.00 -28.49
N ASP D 13 -10.02 -50.42 -28.55
CA ASP D 13 -8.95 -50.92 -29.41
C ASP D 13 -7.78 -51.44 -28.56
N GLY D 14 -8.11 -52.12 -27.47
CA GLY D 14 -7.10 -52.71 -26.59
C GLY D 14 -6.24 -51.70 -25.85
N ILE D 15 -5.09 -52.16 -25.38
CA ILE D 15 -4.12 -51.33 -24.69
C ILE D 15 -3.01 -50.94 -25.65
N GLN D 16 -2.73 -49.64 -25.71
CA GLN D 16 -1.67 -49.10 -26.56
C GLN D 16 -0.31 -49.49 -25.97
N PRO D 17 0.64 -49.90 -26.83
CA PRO D 17 1.98 -50.21 -26.33
C PRO D 17 2.73 -48.95 -25.97
N VAL D 18 3.75 -49.07 -25.13
CA VAL D 18 4.51 -47.91 -24.66
C VAL D 18 5.30 -47.19 -25.75
N ALA D 19 5.59 -47.88 -26.85
CA ALA D 19 6.32 -47.28 -27.97
C ALA D 19 5.45 -46.28 -28.74
N ALA D 20 4.16 -46.60 -28.90
CA ALA D 20 3.23 -45.73 -29.64
C ALA D 20 2.86 -44.45 -28.89
N ILE D 21 3.13 -44.43 -27.57
CA ILE D 21 2.97 -43.21 -26.78
C ILE D 21 4.09 -42.25 -27.15
N ASP D 22 5.32 -42.73 -27.07
CA ASP D 22 6.49 -41.99 -27.52
C ASP D 22 7.68 -42.92 -27.65
N SER D 23 8.58 -42.60 -28.57
CA SER D 23 9.82 -43.35 -28.74
C SER D 23 10.72 -43.29 -27.50
N ASN D 24 10.64 -42.18 -26.77
CA ASN D 24 11.48 -41.94 -25.60
C ASN D 24 10.75 -42.15 -24.25
N PHE D 25 9.56 -42.76 -24.29
CA PHE D 25 8.68 -42.85 -23.11
C PHE D 25 9.31 -43.55 -21.91
N ALA D 26 10.08 -44.61 -22.17
CA ALA D 26 10.72 -45.36 -21.09
C ALA D 26 12.14 -44.85 -20.81
N SER D 27 12.35 -43.55 -20.96
CA SER D 27 13.66 -42.92 -20.74
C SER D 27 13.55 -41.83 -19.67
N PHE D 28 14.66 -41.60 -18.98
CA PHE D 28 14.72 -40.61 -17.90
C PHE D 28 14.57 -39.17 -18.43
N THR D 29 14.96 -38.94 -19.67
CA THR D 29 14.84 -37.60 -20.27
C THR D 29 13.40 -37.26 -20.65
N TYR D 30 12.53 -38.27 -20.72
CA TYR D 30 11.12 -38.03 -21.01
C TYR D 30 10.47 -37.30 -19.85
N THR D 31 9.68 -36.29 -20.19
CA THR D 31 8.97 -35.48 -19.22
C THR D 31 7.49 -35.87 -19.27
N PRO D 32 6.99 -36.57 -18.23
CA PRO D 32 5.59 -37.02 -18.18
C PRO D 32 4.55 -35.93 -18.48
N ARG D 33 4.86 -34.69 -18.09
CA ARG D 33 3.91 -33.58 -18.23
C ARG D 33 3.69 -33.13 -19.67
N SER D 34 4.58 -33.57 -20.57
CA SER D 34 4.42 -33.35 -22.01
C SER D 34 3.27 -34.18 -22.59
N LEU D 35 2.87 -35.23 -21.88
CA LEU D 35 1.76 -36.07 -22.31
C LEU D 35 0.44 -35.36 -22.02
N PRO D 36 -0.45 -35.26 -23.03
CA PRO D 36 -1.76 -34.65 -22.77
C PRO D 36 -2.47 -35.36 -21.63
N GLU D 37 -3.28 -34.62 -20.89
CA GLU D 37 -3.87 -35.13 -19.65
C GLU D 37 -4.93 -36.21 -19.87
N ASP D 38 -5.62 -36.16 -21.01
CA ASP D 38 -6.64 -37.17 -21.33
C ASP D 38 -6.05 -38.51 -21.75
N ASP D 39 -4.80 -38.51 -22.24
CA ASP D 39 -4.12 -39.76 -22.62
C ASP D 39 -3.40 -40.45 -21.46
N THR D 40 -3.56 -39.94 -20.24
CA THR D 40 -2.78 -40.42 -19.09
C THR D 40 -3.29 -41.74 -18.52
N SER D 41 -4.61 -41.93 -18.49
CA SER D 41 -5.20 -43.19 -18.02
C SER D 41 -4.79 -44.36 -18.92
N MET D 42 -4.87 -44.16 -20.23
CA MET D 42 -4.40 -45.16 -21.19
C MET D 42 -2.91 -45.46 -20.96
N ALA D 43 -2.13 -44.42 -20.64
CA ALA D 43 -0.70 -44.58 -20.38
C ALA D 43 -0.45 -45.43 -19.15
N ILE D 44 -1.26 -45.22 -18.10
CA ILE D 44 -1.19 -46.04 -16.89
C ILE D 44 -1.39 -47.52 -17.24
N LEU D 45 -2.38 -47.79 -18.08
CA LEU D 45 -2.64 -49.15 -18.55
C LEU D 45 -1.45 -49.70 -19.34
N SER D 46 -0.95 -48.91 -20.29
CA SER D 46 0.20 -49.32 -21.11
C SER D 46 1.40 -49.73 -20.26
N MET D 47 1.66 -48.98 -19.19
CA MET D 47 2.79 -49.24 -18.31
C MET D 47 2.56 -50.53 -17.51
N LEU D 48 1.37 -50.68 -16.95
CA LEU D 48 1.01 -51.89 -16.20
C LEU D 48 1.07 -53.14 -17.08
N GLN D 49 0.63 -52.99 -18.33
CA GLN D 49 0.75 -54.07 -19.32
C GLN D 49 2.20 -54.37 -19.67
N ASP D 50 3.01 -53.34 -19.87
CA ASP D 50 4.43 -53.53 -20.18
C ASP D 50 5.12 -54.30 -19.05
N MET D 51 4.87 -53.87 -17.81
CA MET D 51 5.45 -54.51 -16.63
C MET D 51 4.83 -55.89 -16.36
N ASN D 52 3.75 -56.19 -17.08
CA ASN D 52 3.08 -57.49 -17.05
C ASN D 52 2.27 -57.75 -15.77
N PHE D 53 1.91 -56.68 -15.05
CA PHE D 53 1.14 -56.82 -13.83
C PHE D 53 -0.33 -57.15 -14.10
N ILE D 54 -0.85 -56.76 -15.28
CA ILE D 54 -2.21 -57.14 -15.67
C ILE D 54 -2.33 -58.67 -15.74
N ASN D 55 -1.37 -59.34 -16.37
CA ASN D 55 -1.34 -60.81 -16.46
C ASN D 55 -0.99 -61.47 -15.13
N ASN D 56 0.15 -61.08 -14.56
CA ASN D 56 0.62 -61.65 -13.29
C ASN D 56 -0.48 -61.76 -12.25
N TYR D 57 -1.27 -60.71 -12.11
CA TYR D 57 -2.30 -60.67 -11.06
C TYR D 57 -3.70 -60.78 -11.63
N LYS D 58 -3.81 -61.23 -12.89
CA LYS D 58 -5.09 -61.44 -13.56
C LYS D 58 -6.05 -60.28 -13.28
N ILE D 59 -5.61 -59.07 -13.57
CA ILE D 59 -6.41 -57.88 -13.35
C ILE D 59 -7.45 -57.74 -14.46
N ASP D 60 -8.72 -57.78 -14.09
CA ASP D 60 -9.82 -57.46 -15.01
C ASP D 60 -9.61 -56.05 -15.58
N CYS D 61 -9.45 -55.94 -16.90
CA CYS D 61 -9.18 -54.66 -17.54
C CYS D 61 -10.29 -53.61 -17.36
N PRO D 62 -11.57 -53.99 -17.62
CA PRO D 62 -12.67 -53.06 -17.35
C PRO D 62 -12.61 -52.43 -15.95
N THR D 63 -12.34 -53.23 -14.93
CA THR D 63 -12.21 -52.74 -13.56
C THR D 63 -11.00 -51.81 -13.43
N LEU D 64 -9.89 -52.20 -14.03
CA LEU D 64 -8.66 -51.41 -13.97
C LEU D 64 -8.89 -50.03 -14.55
N ALA D 65 -9.50 -50.01 -15.73
CA ALA D 65 -9.83 -48.75 -16.41
C ALA D 65 -10.67 -47.83 -15.55
N ARG D 66 -11.65 -48.38 -14.84
CA ARG D 66 -12.51 -47.58 -13.96
C ARG D 66 -11.72 -47.09 -12.74
N PHE D 67 -10.99 -48.01 -12.11
CA PHE D 67 -10.08 -47.68 -11.01
C PHE D 67 -9.16 -46.52 -11.37
N CYS D 68 -8.57 -46.57 -12.57
CA CYS D 68 -7.69 -45.51 -13.06
C CYS D 68 -8.43 -44.18 -13.19
N LEU D 69 -9.66 -44.23 -13.69
CA LEU D 69 -10.49 -43.03 -13.82
C LEU D 69 -10.88 -42.41 -12.47
N MET D 70 -11.33 -43.23 -11.52
CA MET D 70 -11.73 -42.71 -10.20
C MET D 70 -10.55 -42.14 -9.39
N VAL D 71 -9.39 -42.79 -9.51
CA VAL D 71 -8.16 -42.29 -8.89
C VAL D 71 -7.83 -40.89 -9.47
N LYS D 72 -7.91 -40.77 -10.79
CA LYS D 72 -7.64 -39.51 -11.48
C LYS D 72 -8.55 -38.36 -11.01
N LYS D 73 -9.84 -38.62 -10.82
CA LYS D 73 -10.76 -37.56 -10.36
C LYS D 73 -10.84 -37.44 -8.82
N GLY D 74 -10.15 -38.31 -8.10
CA GLY D 74 -9.97 -38.16 -6.65
C GLY D 74 -8.99 -37.06 -6.27
N TYR D 75 -8.27 -36.52 -7.25
CA TYR D 75 -7.40 -35.37 -7.04
C TYR D 75 -8.12 -34.07 -7.37
N ARG D 76 -7.87 -33.05 -6.57
CA ARG D 76 -8.35 -31.71 -6.87
C ARG D 76 -7.29 -31.01 -7.71
N ASP D 77 -7.54 -29.75 -8.06
CA ASP D 77 -6.58 -29.00 -8.87
C ASP D 77 -5.98 -27.83 -8.11
N PRO D 78 -5.11 -28.12 -7.13
CA PRO D 78 -4.19 -27.08 -6.68
C PRO D 78 -3.04 -27.03 -7.68
N PRO D 79 -2.19 -25.99 -7.61
CA PRO D 79 -1.11 -25.84 -8.58
C PRO D 79 -0.21 -27.06 -8.76
N TYR D 80 0.19 -27.70 -7.64
CA TYR D 80 1.16 -28.80 -7.68
C TYR D 80 0.55 -30.17 -7.42
N HIS D 81 -0.04 -30.37 -6.25
CA HIS D 81 -0.55 -31.70 -5.85
C HIS D 81 -1.86 -32.04 -6.55
N ASN D 82 -1.79 -32.16 -7.88
CA ASN D 82 -2.93 -32.52 -8.71
C ASN D 82 -2.70 -33.90 -9.36
N TRP D 83 -3.65 -34.35 -10.17
CA TRP D 83 -3.51 -35.63 -10.88
C TRP D 83 -2.18 -35.74 -11.64
N MET D 84 -1.76 -34.65 -12.28
CA MET D 84 -0.55 -34.67 -13.12
C MET D 84 0.75 -34.78 -12.32
N HIS D 85 0.69 -34.54 -11.00
CA HIS D 85 1.82 -34.86 -10.11
C HIS D 85 1.87 -36.37 -9.89
N ALA D 86 0.73 -36.94 -9.52
CA ALA D 86 0.61 -38.38 -9.29
C ALA D 86 0.93 -39.20 -10.53
N PHE D 87 0.50 -38.73 -11.70
CA PHE D 87 0.85 -39.39 -12.96
C PHE D 87 2.35 -39.37 -13.22
N SER D 88 3.01 -38.24 -12.94
CA SER D 88 4.45 -38.12 -13.15
C SER D 88 5.23 -39.02 -12.19
N VAL D 89 4.73 -39.14 -10.97
CA VAL D 89 5.33 -39.97 -9.93
C VAL D 89 5.20 -41.45 -10.30
N SER D 90 4.00 -41.83 -10.76
CA SER D 90 3.76 -43.19 -11.23
C SER D 90 4.63 -43.51 -12.44
N HIS D 91 4.76 -42.55 -13.35
CA HIS D 91 5.64 -42.69 -14.51
C HIS D 91 7.09 -42.96 -14.11
N PHE D 92 7.59 -42.26 -13.08
CA PHE D 92 8.98 -42.46 -12.64
C PHE D 92 9.20 -43.84 -12.02
N CYS D 93 8.16 -44.38 -11.41
CA CYS D 93 8.20 -45.74 -10.89
C CYS D 93 8.35 -46.74 -12.03
N TYR D 94 7.66 -46.46 -13.13
CA TYR D 94 7.79 -47.26 -14.34
C TYR D 94 9.20 -47.14 -14.91
N LEU D 95 9.70 -45.91 -15.01
CA LEU D 95 11.07 -45.68 -15.49
C LEU D 95 12.09 -46.46 -14.66
N LEU D 96 11.96 -46.41 -13.34
CA LEU D 96 12.83 -47.18 -12.45
C LEU D 96 12.75 -48.68 -12.74
N TYR D 97 11.54 -49.19 -12.93
CA TYR D 97 11.33 -50.61 -13.21
C TYR D 97 12.03 -51.01 -14.51
N LYS D 98 11.93 -50.16 -15.52
CA LYS D 98 12.54 -50.43 -16.81
C LYS D 98 14.07 -50.35 -16.75
N ASN D 99 14.58 -49.20 -16.30
CA ASN D 99 16.01 -48.89 -16.41
C ASN D 99 16.89 -49.56 -15.37
N LEU D 100 16.39 -49.65 -14.14
CA LEU D 100 17.16 -50.22 -13.02
C LEU D 100 16.88 -51.70 -12.78
N GLU D 101 15.95 -52.28 -13.54
CA GLU D 101 15.55 -53.68 -13.37
C GLU D 101 15.19 -53.97 -11.91
N LEU D 102 14.03 -53.44 -11.48
CA LEU D 102 13.56 -53.62 -10.11
C LEU D 102 13.21 -55.07 -9.81
N THR D 103 12.88 -55.82 -10.85
CA THR D 103 12.48 -57.22 -10.73
C THR D 103 13.61 -58.12 -10.22
N ASN D 104 14.85 -57.63 -10.27
CA ASN D 104 16.00 -58.31 -9.66
C ASN D 104 16.18 -58.01 -8.17
N TYR D 105 15.37 -57.09 -7.63
CA TYR D 105 15.58 -56.61 -6.26
C TYR D 105 14.37 -56.83 -5.35
N LEU D 106 13.18 -56.56 -5.88
CA LEU D 106 11.95 -56.60 -5.10
C LEU D 106 11.04 -57.72 -5.59
N GLU D 107 10.13 -58.17 -4.71
CA GLU D 107 9.08 -59.10 -5.12
C GLU D 107 8.16 -58.40 -6.13
N ASP D 108 7.67 -59.17 -7.10
CA ASP D 108 6.83 -58.62 -8.17
C ASP D 108 5.61 -57.87 -7.60
N ILE D 109 5.07 -58.37 -6.49
CA ILE D 109 3.91 -57.73 -5.84
C ILE D 109 4.30 -56.42 -5.16
N GLU D 110 5.51 -56.37 -4.61
CA GLU D 110 5.99 -55.15 -3.97
C GLU D 110 6.07 -54.00 -4.96
N ILE D 111 6.47 -54.28 -6.20
CA ILE D 111 6.68 -53.25 -7.21
C ILE D 111 5.34 -52.83 -7.77
N PHE D 112 4.47 -53.81 -7.98
CA PHE D 112 3.10 -53.56 -8.36
C PHE D 112 2.45 -52.63 -7.32
N ALA D 113 2.59 -52.98 -6.05
CA ALA D 113 2.09 -52.15 -4.95
C ALA D 113 2.68 -50.75 -4.96
N LEU D 114 3.94 -50.63 -5.38
CA LEU D 114 4.63 -49.34 -5.46
C LEU D 114 4.02 -48.46 -6.56
N PHE D 115 3.82 -49.03 -7.74
CA PHE D 115 3.20 -48.29 -8.83
C PHE D 115 1.80 -47.80 -8.41
N ILE D 116 0.97 -48.72 -7.93
CA ILE D 116 -0.40 -48.35 -7.52
C ILE D 116 -0.35 -47.27 -6.42
N SER D 117 0.56 -47.44 -5.47
CA SER D 117 0.78 -46.43 -4.43
C SER D 117 1.08 -45.07 -5.06
N CYS D 118 1.97 -45.03 -6.05
CA CYS D 118 2.31 -43.77 -6.71
C CYS D 118 1.06 -43.09 -7.30
N MET D 119 0.14 -43.89 -7.85
CA MET D 119 -1.12 -43.37 -8.37
C MET D 119 -1.96 -42.75 -7.26
N CYS D 120 -1.97 -43.40 -6.10
CA CYS D 120 -2.89 -43.04 -5.02
C CYS D 120 -2.29 -42.12 -3.96
N HIS D 121 -0.99 -41.82 -4.05
CA HIS D 121 -0.25 -41.32 -2.90
C HIS D 121 -0.57 -39.89 -2.43
N ASP D 122 -1.22 -39.08 -3.25
CA ASP D 122 -1.63 -37.72 -2.85
C ASP D 122 -3.14 -37.49 -3.00
N LEU D 123 -3.93 -38.56 -2.94
CA LEU D 123 -5.39 -38.49 -3.21
C LEU D 123 -6.14 -37.50 -2.32
N ASP D 124 -6.83 -36.56 -2.97
CA ASP D 124 -7.64 -35.54 -2.30
C ASP D 124 -6.77 -34.51 -1.57
N HIS D 125 -5.66 -34.11 -2.21
CA HIS D 125 -4.78 -33.08 -1.64
C HIS D 125 -5.43 -31.71 -1.86
N ARG D 126 -5.48 -30.92 -0.80
CA ARG D 126 -6.13 -29.61 -0.84
C ARG D 126 -5.12 -28.49 -1.13
N GLY D 127 -3.85 -28.86 -1.24
CA GLY D 127 -2.77 -27.91 -1.45
C GLY D 127 -2.17 -27.42 -0.14
N THR D 128 -2.38 -28.19 0.94
CA THR D 128 -1.86 -27.88 2.27
C THR D 128 -1.02 -29.03 2.79
N ASN D 129 -0.30 -28.80 3.87
CA ASN D 129 0.56 -29.84 4.46
C ASN D 129 -0.01 -30.35 5.78
N ASN D 130 0.72 -31.25 6.43
CA ASN D 130 0.30 -31.84 7.70
C ASN D 130 0.23 -30.82 8.86
N SER D 131 1.11 -29.82 8.83
CA SER D 131 1.12 -28.78 9.85
C SER D 131 -0.14 -27.92 9.82
N PHE D 132 -0.65 -27.65 8.62
CA PHE D 132 -1.86 -26.84 8.45
C PHE D 132 -3.08 -27.47 9.14
N GLN D 133 -3.18 -28.79 9.05
CA GLN D 133 -4.30 -29.51 9.65
C GLN D 133 -4.21 -29.48 11.16
N VAL D 134 -3.00 -29.70 11.68
CA VAL D 134 -2.73 -29.64 13.11
C VAL D 134 -2.95 -28.23 13.67
N ALA D 135 -2.43 -27.22 12.96
CA ALA D 135 -2.54 -25.82 13.37
C ALA D 135 -3.99 -25.34 13.45
N SER D 136 -4.83 -25.81 12.53
CA SER D 136 -6.26 -25.51 12.56
C SER D 136 -7.04 -26.48 13.46
N LYS D 137 -6.34 -27.44 14.07
CA LYS D 137 -6.95 -28.44 14.97
C LYS D 137 -8.07 -29.19 14.27
N SER D 138 -7.90 -29.44 12.97
CA SER D 138 -8.97 -29.91 12.11
C SER D 138 -9.42 -31.34 12.41
N VAL D 139 -10.57 -31.69 11.85
CA VAL D 139 -11.10 -33.05 11.94
C VAL D 139 -10.12 -34.09 11.35
N LEU D 140 -9.43 -33.74 10.27
CA LEU D 140 -8.37 -34.61 9.75
C LEU D 140 -7.25 -34.78 10.77
N ALA D 141 -6.91 -33.70 11.48
CA ALA D 141 -5.94 -33.77 12.57
C ALA D 141 -6.49 -34.62 13.73
N ALA D 142 -7.77 -34.43 14.05
CA ALA D 142 -8.42 -35.21 15.09
C ALA D 142 -8.42 -36.69 14.72
N LEU D 143 -8.56 -36.95 13.43
CA LEU D 143 -8.62 -38.31 12.90
C LEU D 143 -7.25 -39.00 12.90
N TYR D 144 -6.21 -38.26 12.51
CA TYR D 144 -4.89 -38.86 12.22
C TYR D 144 -3.70 -38.32 13.04
N SER D 145 -3.65 -37.02 13.29
CA SER D 145 -2.48 -36.38 13.93
C SER D 145 -1.86 -37.19 15.08
N SER D 146 -2.70 -37.91 15.83
CA SER D 146 -2.25 -38.79 16.89
C SER D 146 -1.19 -39.79 16.45
N GLU D 147 -1.43 -40.46 15.32
CA GLU D 147 -0.51 -41.47 14.78
C GLU D 147 0.64 -40.84 14.00
N GLY D 148 0.39 -39.66 13.41
CA GLY D 148 1.36 -38.95 12.59
C GLY D 148 0.98 -39.00 11.12
N SER D 149 1.63 -38.17 10.33
CA SER D 149 1.43 -38.15 8.88
C SER D 149 -0.04 -38.01 8.50
N VAL D 150 -0.62 -36.84 8.77
CA VAL D 150 -2.07 -36.65 8.69
C VAL D 150 -2.59 -36.86 7.26
N MET D 151 -2.01 -36.13 6.31
CA MET D 151 -2.50 -36.17 4.93
C MET D 151 -2.21 -37.52 4.27
N GLU D 152 -1.03 -38.08 4.56
CA GLU D 152 -0.63 -39.37 3.99
C GLU D 152 -1.64 -40.46 4.35
N ARG D 153 -2.10 -40.45 5.60
CA ARG D 153 -3.13 -41.38 6.04
C ARG D 153 -4.46 -41.10 5.37
N HIS D 154 -4.77 -39.83 5.13
CA HIS D 154 -5.95 -39.47 4.38
C HIS D 154 -5.88 -39.94 2.92
N HIS D 155 -4.71 -39.83 2.30
CA HIS D 155 -4.55 -40.26 0.92
C HIS D 155 -4.81 -41.74 0.80
N PHE D 156 -4.20 -42.52 1.70
CA PHE D 156 -4.43 -43.96 1.75
C PHE D 156 -5.92 -44.25 1.90
N ALA D 157 -6.55 -43.64 2.91
CA ALA D 157 -7.99 -43.80 3.17
C ALA D 157 -8.82 -43.61 1.90
N GLN D 158 -8.48 -42.59 1.12
CA GLN D 158 -9.17 -42.31 -0.14
C GLN D 158 -8.97 -43.43 -1.16
N ALA D 159 -7.78 -44.00 -1.19
CA ALA D 159 -7.48 -45.15 -2.06
C ALA D 159 -8.35 -46.35 -1.67
N ILE D 160 -8.49 -46.57 -0.36
CA ILE D 160 -9.31 -47.67 0.16
C ILE D 160 -10.81 -47.46 -0.12
N ALA D 161 -11.27 -46.21 -0.09
CA ALA D 161 -12.65 -45.90 -0.47
C ALA D 161 -12.91 -46.18 -1.95
N ILE D 162 -11.92 -45.87 -2.79
CA ILE D 162 -12.01 -46.12 -4.23
C ILE D 162 -12.01 -47.62 -4.53
N LEU D 163 -11.13 -48.37 -3.87
CA LEU D 163 -10.99 -49.81 -4.12
C LEU D 163 -12.26 -50.55 -3.73
N ASN D 164 -12.86 -50.18 -2.61
CA ASN D 164 -14.11 -50.80 -2.20
C ASN D 164 -15.32 -50.28 -2.96
N THR D 165 -15.11 -49.43 -3.96
CA THR D 165 -16.20 -49.02 -4.82
C THR D 165 -16.52 -50.15 -5.81
N HIS D 166 -17.81 -50.42 -5.96
CA HIS D 166 -18.34 -51.37 -6.92
C HIS D 166 -17.71 -51.13 -8.30
N GLY D 167 -17.04 -52.14 -8.83
CA GLY D 167 -16.45 -52.06 -10.18
C GLY D 167 -15.08 -51.40 -10.26
N CYS D 168 -14.50 -51.04 -9.12
CA CYS D 168 -13.18 -50.43 -9.08
C CYS D 168 -12.17 -51.24 -8.25
N ASN D 169 -12.59 -52.35 -7.64
CA ASN D 169 -11.65 -53.18 -6.88
C ASN D 169 -10.86 -54.13 -7.77
N ILE D 170 -9.71 -53.64 -8.21
CA ILE D 170 -8.77 -54.44 -8.97
C ILE D 170 -8.20 -55.63 -8.21
N PHE D 171 -8.31 -55.63 -6.87
CA PHE D 171 -7.72 -56.70 -6.05
C PHE D 171 -8.70 -57.72 -5.46
N ASP D 172 -10.00 -57.58 -5.71
CA ASP D 172 -11.00 -58.45 -5.06
C ASP D 172 -10.86 -59.96 -5.33
N HIS D 173 -10.28 -60.34 -6.46
CA HIS D 173 -10.08 -61.76 -6.80
C HIS D 173 -8.82 -62.36 -6.16
N PHE D 174 -8.03 -61.55 -5.46
CA PHE D 174 -6.81 -62.01 -4.78
C PHE D 174 -7.14 -63.01 -3.70
N SER D 175 -6.15 -63.82 -3.32
CA SER D 175 -6.24 -64.65 -2.14
C SER D 175 -6.14 -63.74 -0.91
N ARG D 176 -6.62 -64.21 0.23
CA ARG D 176 -6.71 -63.38 1.43
C ARG D 176 -5.35 -62.87 1.86
N LYS D 177 -4.32 -63.71 1.73
CA LYS D 177 -2.95 -63.30 2.06
C LYS D 177 -2.44 -62.20 1.11
N ASP D 178 -2.64 -62.40 -0.19
CA ASP D 178 -2.17 -61.45 -1.21
C ASP D 178 -2.92 -60.11 -1.17
N TYR D 179 -4.22 -60.16 -0.85
CA TYR D 179 -5.06 -58.98 -0.70
C TYR D 179 -4.58 -58.13 0.48
N GLN D 180 -4.44 -58.78 1.63
CA GLN D 180 -3.89 -58.11 2.82
C GLN D 180 -2.54 -57.49 2.52
N ARG D 181 -1.66 -58.27 1.90
CA ARG D 181 -0.32 -57.83 1.53
C ARG D 181 -0.33 -56.55 0.68
N MET D 182 -1.19 -56.53 -0.35
CA MET D 182 -1.30 -55.36 -1.22
C MET D 182 -1.74 -54.13 -0.42
N LEU D 183 -2.82 -54.26 0.35
CA LEU D 183 -3.33 -53.15 1.15
C LEU D 183 -2.34 -52.68 2.21
N ASP D 184 -1.63 -53.62 2.82
CA ASP D 184 -0.57 -53.27 3.78
C ASP D 184 0.60 -52.56 3.08
N LEU D 185 1.05 -53.09 1.94
CA LEU D 185 2.10 -52.44 1.14
C LEU D 185 1.70 -51.02 0.71
N MET D 186 0.45 -50.84 0.33
CA MET D 186 -0.06 -49.52 -0.06
C MET D 186 -0.03 -48.55 1.11
N ARG D 187 -0.41 -49.04 2.30
CA ARG D 187 -0.39 -48.22 3.51
C ARG D 187 1.04 -47.76 3.80
N ASP D 188 1.95 -48.71 4.00
CA ASP D 188 3.34 -48.39 4.35
C ASP D 188 4.04 -47.49 3.33
N ILE D 189 3.85 -47.78 2.05
CA ILE D 189 4.53 -47.03 0.99
C ILE D 189 4.05 -45.58 0.95
N ILE D 190 2.74 -45.40 0.99
CA ILE D 190 2.17 -44.06 1.02
C ILE D 190 2.68 -43.30 2.27
N LEU D 191 2.64 -43.96 3.43
CA LEU D 191 3.21 -43.37 4.64
C LEU D 191 4.68 -42.96 4.46
N ALA D 192 5.40 -43.67 3.61
CA ALA D 192 6.82 -43.41 3.38
C ALA D 192 7.08 -42.06 2.73
N THR D 193 6.06 -41.48 2.10
CA THR D 193 6.19 -40.17 1.44
C THR D 193 6.35 -39.00 2.41
N ASP D 194 6.15 -39.25 3.70
CA ASP D 194 6.25 -38.20 4.71
C ASP D 194 7.71 -37.92 5.03
N LEU D 195 8.11 -36.65 4.95
CA LEU D 195 9.47 -36.22 5.30
C LEU D 195 9.89 -36.80 6.65
N ALA D 196 9.01 -36.65 7.63
CA ALA D 196 9.22 -37.22 8.97
C ALA D 196 9.60 -38.68 8.90
N HIS D 197 8.86 -39.47 8.11
CA HIS D 197 9.18 -40.89 7.98
C HIS D 197 10.55 -41.08 7.34
N HIS D 198 10.82 -40.33 6.27
CA HIS D 198 12.10 -40.44 5.55
C HIS D 198 13.30 -40.11 6.44
N LEU D 199 13.22 -39.00 7.15
CA LEU D 199 14.27 -38.58 8.07
C LEU D 199 14.42 -39.55 9.26
N ARG D 200 13.33 -40.23 9.61
CA ARG D 200 13.33 -41.25 10.65
C ARG D 200 14.10 -42.52 10.23
N ILE D 201 14.00 -42.89 8.96
CA ILE D 201 14.64 -44.11 8.44
C ILE D 201 15.95 -43.85 7.67
N PHE D 202 16.56 -42.68 7.86
CA PHE D 202 17.66 -42.20 7.01
C PHE D 202 18.98 -42.91 7.32
N LYS D 203 19.24 -43.14 8.61
CA LYS D 203 20.42 -43.88 9.04
C LYS D 203 20.41 -45.32 8.52
N ASP D 204 19.23 -45.93 8.51
CA ASP D 204 19.09 -47.33 8.11
C ASP D 204 19.14 -47.50 6.59
N LEU D 205 18.77 -46.44 5.87
CA LEU D 205 18.97 -46.41 4.43
C LEU D 205 20.47 -46.34 4.10
N GLN D 206 21.21 -45.56 4.86
CA GLN D 206 22.67 -45.46 4.70
C GLN D 206 23.35 -46.78 5.03
N LYS D 207 22.95 -47.41 6.14
CA LYS D 207 23.48 -48.71 6.53
C LYS D 207 23.24 -49.75 5.44
N MET D 208 22.09 -49.67 4.79
CA MET D 208 21.77 -50.55 3.67
C MET D 208 22.65 -50.26 2.46
N ALA D 209 22.94 -48.98 2.21
CA ALA D 209 23.78 -48.56 1.08
C ALA D 209 25.26 -48.85 1.29
N GLU D 210 25.68 -48.96 2.55
CA GLU D 210 27.06 -49.36 2.85
C GLU D 210 27.21 -50.87 2.69
N VAL D 211 26.42 -51.64 3.44
CA VAL D 211 26.59 -53.09 3.50
C VAL D 211 26.06 -53.87 2.28
N GLY D 212 25.48 -53.15 1.31
CA GLY D 212 25.00 -53.78 0.08
C GLY D 212 23.63 -54.42 0.24
N TYR D 213 22.81 -54.33 -0.81
CA TYR D 213 21.43 -54.79 -0.77
C TYR D 213 21.33 -56.31 -0.78
N ASP D 214 20.58 -56.86 0.19
CA ASP D 214 20.38 -58.30 0.33
C ASP D 214 18.93 -58.65 -0.05
N ARG D 215 18.76 -59.50 -1.05
CA ARG D 215 17.44 -59.96 -1.48
C ARG D 215 16.72 -60.75 -0.39
N ASN D 216 17.47 -61.58 0.34
CA ASN D 216 16.90 -62.42 1.39
C ASN D 216 16.38 -61.62 2.58
N ASN D 217 16.93 -60.42 2.79
CA ASN D 217 16.55 -59.58 3.92
C ASN D 217 15.18 -58.90 3.71
N LYS D 218 14.19 -59.29 4.51
CA LYS D 218 12.84 -58.73 4.43
C LYS D 218 12.81 -57.25 4.80
N GLN D 219 13.71 -56.84 5.70
CA GLN D 219 13.78 -55.45 6.16
C GLN D 219 14.36 -54.49 5.12
N HIS D 220 15.13 -55.02 4.17
CA HIS D 220 15.71 -54.20 3.10
C HIS D 220 14.69 -53.88 2.00
N HIS D 221 13.74 -54.79 1.78
CA HIS D 221 12.64 -54.55 0.84
C HIS D 221 11.85 -53.33 1.31
N ARG D 222 11.44 -53.37 2.58
CA ARG D 222 10.81 -52.23 3.27
C ARG D 222 11.48 -50.91 2.93
N LEU D 223 12.79 -50.85 3.18
CA LEU D 223 13.53 -49.58 3.10
C LEU D 223 13.75 -49.14 1.66
N LEU D 224 14.06 -50.09 0.79
CA LEU D 224 14.18 -49.81 -0.63
C LEU D 224 12.86 -49.27 -1.14
N LEU D 225 11.76 -49.95 -0.79
CA LEU D 225 10.42 -49.51 -1.16
C LEU D 225 10.21 -48.04 -0.78
N CYS D 226 10.59 -47.68 0.44
CA CYS D 226 10.47 -46.30 0.91
C CYS D 226 11.35 -45.34 0.12
N LEU D 227 12.61 -45.73 -0.08
CA LEU D 227 13.56 -44.96 -0.88
C LEU D 227 13.04 -44.74 -2.30
N LEU D 228 12.59 -45.82 -2.94
CA LEU D 228 12.01 -45.73 -4.27
C LEU D 228 10.80 -44.80 -4.33
N MET D 229 9.91 -44.94 -3.34
CA MET D 229 8.71 -44.12 -3.27
C MET D 229 9.10 -42.66 -3.11
N THR D 230 10.06 -42.36 -2.24
CA THR D 230 10.48 -40.98 -2.03
C THR D 230 11.15 -40.41 -3.30
N SER D 231 11.90 -41.25 -4.03
CA SER D 231 12.55 -40.79 -5.26
C SER D 231 11.54 -40.53 -6.40
N CYS D 232 10.46 -41.29 -6.45
CA CYS D 232 9.36 -41.02 -7.38
C CYS D 232 8.67 -39.68 -7.06
N ASP D 233 8.45 -39.40 -5.78
CA ASP D 233 7.75 -38.18 -5.32
C ASP D 233 8.58 -36.92 -5.61
N LEU D 234 9.91 -37.08 -5.69
CA LEU D 234 10.80 -35.97 -5.98
C LEU D 234 11.37 -36.02 -7.42
N SER D 235 10.69 -36.72 -8.32
CA SER D 235 11.22 -36.98 -9.68
C SER D 235 11.32 -35.73 -10.56
N ASP D 236 10.52 -34.70 -10.27
CA ASP D 236 10.56 -33.46 -11.05
C ASP D 236 11.94 -32.80 -11.02
N GLN D 237 12.70 -33.05 -9.95
CA GLN D 237 14.04 -32.48 -9.79
C GLN D 237 15.06 -33.18 -10.68
N THR D 238 14.73 -34.37 -11.18
CA THR D 238 15.64 -35.17 -12.00
C THR D 238 15.51 -34.92 -13.51
N LYS D 239 14.66 -33.97 -13.90
CA LYS D 239 14.50 -33.60 -15.32
C LYS D 239 15.36 -32.38 -15.63
N GLY D 240 15.24 -31.84 -16.84
CA GLY D 240 16.01 -30.67 -17.25
C GLY D 240 15.67 -29.41 -16.46
N TRP D 241 16.42 -28.35 -16.71
CA TRP D 241 16.22 -27.07 -16.00
C TRP D 241 14.83 -26.47 -16.25
N LYS D 242 14.30 -26.66 -17.46
CA LYS D 242 12.98 -26.13 -17.81
C LYS D 242 11.89 -26.66 -16.90
N THR D 243 11.96 -27.95 -16.60
CA THR D 243 10.95 -28.63 -15.79
C THR D 243 11.00 -28.23 -14.32
N THR D 244 12.19 -27.97 -13.79
CA THR D 244 12.34 -27.63 -12.37
C THR D 244 11.81 -26.23 -12.05
N ARG D 245 12.16 -25.24 -12.88
CA ARG D 245 11.65 -23.87 -12.74
C ARG D 245 10.12 -23.85 -12.84
N LYS D 246 9.57 -24.65 -13.74
CA LYS D 246 8.12 -24.80 -13.89
C LYS D 246 7.47 -25.36 -12.62
N ILE D 247 8.12 -26.34 -12.01
CA ILE D 247 7.58 -27.04 -10.84
C ILE D 247 7.74 -26.23 -9.56
N ALA D 248 8.89 -25.59 -9.39
CA ALA D 248 9.11 -24.70 -8.24
C ALA D 248 8.05 -23.61 -8.17
N GLU D 249 7.78 -22.97 -9.32
CA GLU D 249 6.73 -21.95 -9.42
C GLU D 249 5.39 -22.47 -8.95
N LEU D 250 5.07 -23.71 -9.32
CA LEU D 250 3.82 -24.35 -8.90
C LEU D 250 3.85 -24.75 -7.43
N ILE D 251 5.01 -25.18 -6.94
CA ILE D 251 5.16 -25.55 -5.54
C ILE D 251 4.96 -24.34 -4.61
N TYR D 252 5.68 -23.26 -4.89
CA TYR D 252 5.66 -22.07 -4.02
C TYR D 252 4.36 -21.28 -4.12
N LYS D 253 3.70 -21.32 -5.28
CA LYS D 253 2.36 -20.75 -5.41
C LYS D 253 1.40 -21.41 -4.41
N GLU D 254 1.54 -22.73 -4.26
CA GLU D 254 0.75 -23.50 -3.30
C GLU D 254 1.19 -23.22 -1.86
N PHE D 255 2.50 -23.10 -1.64
CA PHE D 255 3.02 -22.76 -0.32
C PHE D 255 2.49 -21.42 0.16
N PHE D 256 2.57 -20.40 -0.69
CA PHE D 256 2.13 -19.05 -0.32
C PHE D 256 0.61 -18.98 -0.18
N SER D 257 -0.11 -19.84 -0.91
CA SER D 257 -1.55 -19.98 -0.71
C SER D 257 -1.86 -20.40 0.72
N GLN D 258 -1.10 -21.36 1.23
CA GLN D 258 -1.28 -21.84 2.61
C GLN D 258 -0.85 -20.79 3.63
N GLY D 259 0.30 -20.16 3.38
CA GLY D 259 0.81 -19.11 4.26
C GLY D 259 -0.17 -17.96 4.43
N ASP D 260 -0.91 -17.62 3.36
CA ASP D 260 -1.96 -16.61 3.43
C ASP D 260 -3.13 -17.07 4.29
N LEU D 261 -3.56 -18.31 4.11
CA LEU D 261 -4.69 -18.86 4.87
C LEU D 261 -4.44 -18.86 6.38
N GLU D 262 -3.20 -19.08 6.79
CA GLU D 262 -2.83 -19.13 8.21
C GLU D 262 -2.65 -17.73 8.81
N LYS D 263 -2.11 -16.80 8.02
CA LYS D 263 -2.09 -15.39 8.38
C LYS D 263 -3.49 -14.94 8.74
N ALA D 264 -4.41 -15.08 7.77
CA ALA D 264 -5.81 -14.67 7.93
C ALA D 264 -6.43 -15.19 9.23
N MET D 265 -6.17 -16.45 9.55
CA MET D 265 -6.74 -17.08 10.76
C MET D 265 -5.88 -16.85 12.01
N GLY D 266 -4.92 -15.92 11.93
CA GLY D 266 -4.19 -15.43 13.12
C GLY D 266 -3.00 -16.25 13.56
N ASN D 267 -2.52 -17.16 12.71
CA ASN D 267 -1.40 -18.02 13.04
C ASN D 267 -0.14 -17.62 12.31
N ARG D 268 1.01 -17.94 12.91
CA ARG D 268 2.31 -17.65 12.32
C ARG D 268 2.73 -18.81 11.42
N PRO D 269 2.79 -18.57 10.09
CA PRO D 269 3.11 -19.65 9.15
C PRO D 269 4.60 -19.99 9.14
N MET D 270 4.94 -21.14 8.55
CA MET D 270 6.34 -21.51 8.31
C MET D 270 6.96 -20.42 7.46
N GLU D 271 8.23 -20.09 7.72
CA GLU D 271 8.90 -19.01 7.02
C GLU D 271 8.77 -19.12 5.49
N MET D 272 8.90 -20.33 4.97
CA MET D 272 8.93 -20.57 3.52
C MET D 272 7.57 -20.38 2.82
N MET D 273 6.48 -20.45 3.59
CA MET D 273 5.14 -20.21 3.06
C MET D 273 4.75 -18.73 3.15
N ASP D 274 5.62 -17.91 3.73
CA ASP D 274 5.39 -16.47 3.83
C ASP D 274 5.79 -15.80 2.51
N ARG D 275 4.80 -15.23 1.82
CA ARG D 275 5.01 -14.66 0.48
C ARG D 275 5.91 -13.44 0.46
N GLU D 276 6.04 -12.76 1.60
CA GLU D 276 6.81 -11.51 1.68
C GLU D 276 8.15 -11.68 2.42
N LYS D 277 8.73 -12.88 2.35
CA LYS D 277 9.98 -13.19 3.06
C LYS D 277 10.87 -14.17 2.31
N ALA D 278 10.32 -15.36 2.03
CA ALA D 278 11.07 -16.46 1.43
C ALA D 278 11.78 -16.06 0.14
N TYR D 279 13.05 -16.41 0.04
CA TYR D 279 13.84 -16.22 -1.17
C TYR D 279 14.03 -17.59 -1.80
N ILE D 280 13.32 -17.83 -2.91
CA ILE D 280 13.13 -19.17 -3.47
C ILE D 280 14.43 -19.88 -3.87
N PRO D 281 15.32 -19.19 -4.61
CA PRO D 281 16.57 -19.84 -5.02
C PRO D 281 17.37 -20.46 -3.86
N GLU D 282 17.52 -19.74 -2.75
CA GLU D 282 18.31 -20.22 -1.62
C GLU D 282 17.61 -21.37 -0.90
N LEU D 283 16.30 -21.24 -0.71
CA LEU D 283 15.51 -22.30 -0.09
C LEU D 283 15.55 -23.58 -0.92
N GLN D 284 15.60 -23.44 -2.25
CA GLN D 284 15.73 -24.59 -3.14
C GLN D 284 17.14 -25.19 -3.07
N ILE D 285 18.17 -24.35 -3.08
CA ILE D 285 19.56 -24.82 -2.97
C ILE D 285 19.73 -25.72 -1.74
N SER D 286 19.14 -25.31 -0.62
CA SER D 286 19.20 -26.08 0.61
C SER D 286 18.39 -27.37 0.50
N PHE D 287 17.19 -27.29 -0.08
CA PHE D 287 16.36 -28.47 -0.32
C PHE D 287 17.12 -29.49 -1.18
N MET D 288 17.85 -29.00 -2.18
CA MET D 288 18.65 -29.84 -3.05
C MET D 288 19.74 -30.56 -2.26
N GLU D 289 20.55 -29.79 -1.55
CA GLU D 289 21.71 -30.34 -0.84
C GLU D 289 21.34 -31.23 0.35
N HIS D 290 20.30 -30.85 1.08
CA HIS D 290 20.00 -31.47 2.37
C HIS D 290 18.95 -32.58 2.32
N ILE D 291 18.09 -32.57 1.32
CA ILE D 291 17.03 -33.57 1.20
C ILE D 291 17.11 -34.34 -0.12
N ALA D 292 17.05 -33.60 -1.23
CA ALA D 292 16.95 -34.22 -2.56
C ALA D 292 18.18 -35.05 -2.94
N MET D 293 19.35 -34.41 -2.98
CA MET D 293 20.56 -35.07 -3.49
C MET D 293 20.99 -36.30 -2.68
N PRO D 294 20.88 -36.27 -1.34
CA PRO D 294 21.18 -37.46 -0.54
C PRO D 294 20.25 -38.65 -0.83
N ILE D 295 18.99 -38.37 -1.16
CA ILE D 295 18.05 -39.41 -1.58
C ILE D 295 18.55 -40.08 -2.86
N TYR D 296 18.78 -39.29 -3.89
CA TYR D 296 19.21 -39.79 -5.18
C TYR D 296 20.66 -40.27 -5.18
N LYS D 297 21.44 -39.81 -4.20
CA LYS D 297 22.77 -40.36 -3.97
C LYS D 297 22.64 -41.78 -3.43
N LEU D 298 21.76 -41.97 -2.46
CA LEU D 298 21.50 -43.31 -1.91
C LEU D 298 21.01 -44.27 -3.01
N LEU D 299 20.15 -43.77 -3.88
CA LEU D 299 19.65 -44.55 -5.01
C LEU D 299 20.80 -44.96 -5.95
N GLN D 300 21.74 -44.03 -6.18
CA GLN D 300 22.92 -44.31 -6.99
C GLN D 300 23.84 -45.37 -6.36
N ASP D 301 23.98 -45.34 -5.04
CA ASP D 301 24.77 -46.35 -4.31
C ASP D 301 24.26 -47.75 -4.56
N LEU D 302 22.93 -47.90 -4.53
CA LEU D 302 22.28 -49.18 -4.73
C LEU D 302 21.98 -49.47 -6.20
N PHE D 303 21.92 -48.43 -7.05
CA PHE D 303 21.69 -48.58 -8.49
C PHE D 303 22.56 -47.62 -9.30
N PRO D 304 23.77 -48.06 -9.70
CA PRO D 304 24.65 -47.24 -10.53
C PRO D 304 24.01 -46.67 -11.81
N LYS D 305 22.96 -47.32 -12.30
CA LYS D 305 22.24 -46.83 -13.48
C LYS D 305 21.35 -45.62 -13.17
N ALA D 306 21.23 -45.28 -11.89
CA ALA D 306 20.51 -44.08 -11.43
C ALA D 306 21.42 -42.84 -11.31
N ALA D 307 22.72 -43.03 -11.57
CA ALA D 307 23.70 -41.96 -11.49
C ALA D 307 23.28 -40.68 -12.22
N GLU D 308 22.73 -40.83 -13.42
CA GLU D 308 22.33 -39.67 -14.23
C GLU D 308 21.20 -38.86 -13.58
N LEU D 309 20.44 -39.48 -12.69
CA LEU D 309 19.40 -38.78 -11.94
C LEU D 309 20.05 -37.87 -10.90
N TYR D 310 21.02 -38.40 -10.15
CA TYR D 310 21.82 -37.61 -9.21
C TYR D 310 22.50 -36.43 -9.90
N GLU D 311 23.10 -36.71 -11.06
CA GLU D 311 23.76 -35.68 -11.87
C GLU D 311 22.81 -34.51 -12.13
N ARG D 312 21.61 -34.81 -12.61
CA ARG D 312 20.67 -33.77 -13.01
C ARG D 312 20.06 -32.99 -11.84
N VAL D 313 20.05 -33.57 -10.65
CA VAL D 313 19.61 -32.86 -9.45
C VAL D 313 20.71 -31.86 -9.06
N ALA D 314 21.96 -32.34 -9.07
CA ALA D 314 23.13 -31.49 -8.84
C ALA D 314 23.28 -30.41 -9.91
N SER D 315 22.84 -30.72 -11.14
CA SER D 315 22.83 -29.75 -12.24
C SER D 315 21.82 -28.63 -11.98
N ASN D 316 20.61 -29.02 -11.57
CA ASN D 316 19.58 -28.05 -11.19
C ASN D 316 19.98 -27.24 -9.94
N ARG D 317 20.66 -27.89 -9.00
CA ARG D 317 21.24 -27.19 -7.86
C ARG D 317 22.19 -26.09 -8.35
N GLU D 318 23.14 -26.48 -9.19
CA GLU D 318 24.09 -25.54 -9.80
C GLU D 318 23.36 -24.40 -10.51
N HIS D 319 22.25 -24.74 -11.18
CA HIS D 319 21.41 -23.73 -11.85
C HIS D 319 20.76 -22.77 -10.86
N TRP D 320 20.31 -23.28 -9.71
CA TRP D 320 19.71 -22.43 -8.68
C TRP D 320 20.72 -21.42 -8.11
N THR D 321 21.99 -21.83 -8.02
CA THR D 321 23.05 -20.97 -7.51
C THR D 321 23.39 -19.84 -8.48
N LYS D 322 23.30 -20.12 -9.77
CA LYS D 322 23.54 -19.11 -10.80
C LYS D 322 22.54 -17.95 -10.74
N VAL D 323 21.32 -18.24 -10.28
CA VAL D 323 20.26 -17.23 -10.19
C VAL D 323 20.53 -16.21 -9.08
N SER D 324 20.96 -16.70 -7.92
CA SER D 324 21.27 -15.83 -6.78
C SER D 324 22.58 -15.07 -7.00
C1 EH9 E . -4.50 32.12 30.06
C2 EH9 E . -5.82 31.83 29.72
C3 EH9 E . -6.81 32.15 30.63
C5 EH9 E . -5.20 32.97 32.09
C14 EH9 E . -7.73 31.26 28.88
N4 EH9 E . -6.48 32.72 31.80
N6 EH9 E . -4.23 32.68 31.24
N13 EH9 E . -7.96 31.80 30.08
N15 EH9 E . -6.41 31.29 28.66
C20 EH9 E . -9.27 31.98 30.73
C21 EH9 E . -10.12 30.72 30.58
N24 EH9 E . -3.51 31.83 29.22
C26 EH9 E . -9.86 29.73 31.74
C28 EH9 E . -10.78 28.52 31.62
C30 EH9 E . -10.07 27.20 31.83
C31 EH9 E . -11.04 26.04 31.62
C34 EH9 E . -10.43 24.69 31.99
C36 EH9 E . -10.02 33.27 30.27
O38 EH9 E . -11.38 33.02 29.90
C40 EH9 E . -9.28 34.05 29.18
ZN ZN F . -13.43 30.54 24.85
MG MG G . -16.19 31.08 27.75
C1 EH9 H . -28.23 -4.41 -23.05
C2 EH9 H . -26.95 -4.43 -22.49
C3 EH9 H . -26.02 -5.31 -23.01
C5 EH9 H . -27.58 -6.09 -24.53
C14 EH9 H . -25.10 -4.18 -21.38
N4 EH9 H . -26.36 -6.12 -24.01
N6 EH9 H . -28.51 -5.25 -24.07
N13 EH9 H . -24.91 -5.12 -22.31
N15 EH9 H . -26.35 -3.75 -21.50
C20 EH9 H . -23.65 -5.87 -22.52
C21 EH9 H . -23.20 -6.44 -21.18
N24 EH9 H . -29.15 -3.57 -22.60
C26 EH9 H . -24.14 -7.53 -20.67
C28 EH9 H . -23.36 -8.40 -19.68
C30 EH9 H . -24.25 -8.90 -18.55
C31 EH9 H . -23.39 -9.55 -17.48
C34 EH9 H . -24.23 -10.44 -16.56
C36 EH9 H . -22.58 -5.00 -23.21
O38 EH9 H . -21.36 -4.97 -22.46
C40 EH9 H . -23.08 -3.58 -23.46
ZN ZN I . -19.14 -1.98 -18.25
MG MG J . -16.97 -4.77 -19.56
C1 EH9 K . 20.44 4.28 -7.34
C2 EH9 K . 21.70 4.86 -7.50
C3 EH9 K . 22.58 4.25 -8.37
C5 EH9 K . 21.00 2.62 -8.85
C14 EH9 K . 23.52 6.00 -7.51
N4 EH9 K . 22.21 3.14 -9.03
N6 EH9 K . 20.13 3.17 -8.03
N13 EH9 K . 23.68 4.97 -8.35
N15 EH9 K . 22.30 5.93 -6.99
C20 EH9 K . 24.88 4.68 -9.16
C21 EH9 K . 26.16 4.65 -8.32
N24 EH9 K . 19.54 4.82 -6.52
C26 EH9 K . 26.04 3.78 -7.08
C28 EH9 K . 26.99 4.31 -6.01
C30 EH9 K . 27.20 3.31 -4.86
C31 EH9 K . 27.95 3.99 -3.72
C34 EH9 K . 28.51 2.95 -2.76
C36 EH9 K . 24.99 5.66 -10.36
O38 EH9 K . 26.27 6.31 -10.42
C40 EH9 K . 23.86 6.70 -10.39
ZN ZN L . 27.68 11.50 -7.34
MG MG M . 30.61 9.53 -8.97
C1 EH9 N . 10.79 -28.82 -3.65
C2 EH9 N . 9.93 -29.82 -3.27
C3 EH9 N . 9.34 -29.75 -2.01
C5 EH9 N . 10.45 -27.76 -1.60
C14 EH9 N . 8.65 -31.53 -3.03
N4 EH9 N . 9.61 -28.72 -1.20
N6 EH9 N . 11.03 -27.80 -2.79
N13 EH9 N . 8.56 -30.81 -1.92
N15 EH9 N . 9.50 -30.92 -3.86
C20 EH9 N . 7.75 -31.13 -0.73
C21 EH9 N . 7.86 -32.62 -0.37
N24 EH9 N . 11.38 -28.85 -4.84
C26 EH9 N . 8.66 -32.77 0.93
C28 EH9 N . 8.82 -34.24 1.30
C30 EH9 N . 10.17 -34.79 0.85
C31 EH9 N . 10.37 -36.21 1.37
C34 EH9 N . 11.85 -36.53 1.45
C36 EH9 N . 6.27 -30.67 -0.89
O38 EH9 N . 5.38 -31.81 -0.91
C40 EH9 N . 6.07 -29.77 -2.11
ZN ZN O . 3.47 -36.41 -3.87
MG MG P . 2.20 -35.93 -0.30
#